data_3ULU
#
_entry.id   3ULU
#
_cell.length_a   214.900
_cell.length_b   142.080
_cell.length_c   125.040
_cell.angle_alpha   90.00
_cell.angle_beta   103.17
_cell.angle_gamma   90.00
#
_symmetry.space_group_name_H-M   'C 1 2 1'
#
loop_
_entity.id
_entity.type
_entity.pdbx_description
1 polymer 'Toll-like receptor 3'
2 polymer 'Fab15 light chain'
3 polymer 'Fab15 heavy chain'
4 polymer 'Fab12 light chain'
5 polymer 'Fab12 heavy chain'
6 polymer 'Fab1068 light chain'
7 polymer 'Fab1068 heavy chain'
8 branched 2-acetamido-2-deoxy-beta-D-glucopyranose-(1-4)-2-acetamido-2-deoxy-beta-D-glucopyranose
9 branched alpha-D-mannopyranose-(1-6)-beta-D-mannopyranose-(1-4)-2-acetamido-2-deoxy-beta-D-glucopyranose-(1-4)-2-acetamido-2-deoxy-beta-D-glucopyranose
10 branched beta-D-mannopyranose-(1-4)-2-acetamido-2-deoxy-beta-D-glucopyranose-(1-4)-2-acetamido-2-deoxy-beta-D-glucopyranose
11 non-polymer 2-acetamido-2-deoxy-beta-D-glucopyranose
12 non-polymer 'SULFATE ION'
#
loop_
_entity_poly.entity_id
_entity_poly.type
_entity_poly.pdbx_seq_one_letter_code
_entity_poly.pdbx_strand_id
1 'polypeptide(L)'
;ADLGSASSTTKCTVSHEVADCSHLKLTQVPDDLPTNITVLNLTHNQLRRLPAANFTRYSQLTSLDVGFNTISKLEPELCQ
KLPMLKVLNLQHNELSQLSDKTFAFCTNLTELHLMSNSIQKIKNNPFVKQKNLITLDLSHNGLSSTKLGTQVQLENLQEL
LLSNNKIQALKSEELDIFANSSLKKLELSSNQIKEFSPGCFHAIGRLFGLFLNNVQLGPSLTEKLCLELANTSIRNLSLS
NSQLSTTSNTTFLGLKWTNLTMLDLSYNNLNVVGNDSFAWLPQLEYFFLEYNNIQHLFSHSLHGLFNVRYLNLKRSFTKQ
SISLASLPKIDDFSFQWLKCLEHLNMEDNDIPGIKSNMFTGLINLKYLSLSNSFTSLRTLTNETFVSLAHSPLHILNLTK
NKISKIESDAFSWLGHLEVLDLGLNEIGQELTGQEWRGLENIFEIYLSYNKYLQLTRNSFALVPSLQRLMLRRVALKNVD
SSPSPFQPLRNLTILDLSNNNIANINDDMLEGLEKLEILDLQHNNLARLWKHANPGGPIYFLKGLSHLHILNLESNGFDE
IPVEVFKDLFELKIIDLGLNNLNTLPASVFNNQVSLKSLNLQKNLITSVEKKVFGPAFRNLTELDMRFNPFDCTCESIAW
FVNWINETHTNIPELSSHYLCNTPPHYHGFPVRLFDTSSCKDSAPFASHHHHHH
;
A
2 'polypeptide(L)'
;DIQMTQSPSSLSASVGDRVTITCRASQSIGLYLAWYQQKPGKAPKLLIYAASSLQSGVPSRFSGSGSGTDFTLTISSLQP
EDFATYYCQQGNTLSYTFGQGTKVEIKRTVAAPSVFIFPPSDEQLKSGTASVVCLLNNFYPREAKVQWKVDNALQSGNSQ
ESVTEQDSKDSTYSLSSTLTLSKADYEKHKVYACEVTHQGLSSPVTKSFNRGEC
;
L
3 'polypeptide(L)'
;EVQLVQSGAEVKKPGESLKISCKGSGYSFTNYWVGWVRQMPGKGLEWMGFIDPSDSYTNYAPSFQGQVTISADKSISTAY
LQWSSLKASDTAMYYCARELYQGYMDTFDSWGQGTLVTVSSASTKGPSVFPLAPCSRSTSESTAALGCLVKDYFPEPVTV
SWNSGALTSGVHTFPAVLQSSGLYSLSSVVTVPSSSLGTKTYTCNVDHKPSNTKVDKRVHHHHHH
;
H
4 'polypeptide(L)'
;QSVLTQPPSVSVAPGQTARISCSGDNIGSYYVHWYQQKPGQAPVLVIYEDSERPSGIPERFSGSNSGNTATLTISGTQAE
DEADYYCSSYDDPNFQVFGGGTKLTVLGQPKAAPSVTLFPPSSEELQANKATLVCLISDFYPGAVTVAWKADSSPVKAGV
ETTTPSKQSNNKYAASSYLSLTPEQWKSHRSYSCQVTHEGSTVEKTVAPTECS
;
C
5 'polypeptide(L)'
;QVQLQQSGPGLVKPSQTLSLTCAISGDSVSSNSAAWGWIRQSPGRGLEWLGIIQKRSKWYNNYAVSVKSRITINPDTSKN
QFSLQLNSVTPEDTAVYYCARYSYPFYSIDYWGQGTLVTVSSASTKGPSVFPLAPCSRSTSESTAALGCLVKDYFPEPVT
VSWNSGALTSGVHTFPAVLQSSGLYSLSSVVTVPSSSLGTKTYTCNVDHKPSNTKVDKRVHHHHHH
;
D
6 'polypeptide(L)'
;DIQMTQSPASLSASVGETVTITCRASGNIHNYLAWYQQKQGKSPQLLVYNAKTLADGVPSRFSGSESGTQYSLKINSLQP
EDFGSYYCQHFWSTPFTFGSGTKLELKRGTVAAPSVFIFPPSDEQLKSGTASVVCLLNNFYPREAKVQWKVDNALQSGNS
QESVTEQDSKDSTYSLSSTLTLSKADYEKHKVYACEVTHQGLSSPVTKSFNRGEC
;
E
7 'polypeptide(L)'
;QVQLQQPGAELVQPGTSVRLSCKASGYIFTTYWIHWVKQRPGQGLEWIGEINPNNGRINYNEKFKTKATLTVDKSSSTAY
MQLSSLTSEDSAVYYCTRVGVMITTFPYWGQGTLVTVSAASTKGPSVFPLAPCSRSTSESTAALGCLVKDYFPEPVTVSW
NSGALTSGVHTFPAVLQSSGLYSLSSVVTVPSSSLGTKTYTCNVDHKPSNTKVDKRVHHHHHH
;
F
#
# COMPACT_ATOMS: atom_id res chain seq x y z
N THR A 13 -21.18 -24.07 -16.01
CA THR A 13 -22.16 -24.07 -17.08
C THR A 13 -22.15 -22.74 -17.84
N VAL A 14 -21.07 -21.98 -17.68
CA VAL A 14 -20.95 -20.69 -18.35
C VAL A 14 -19.86 -20.75 -19.42
N SER A 15 -19.89 -19.80 -20.34
CA SER A 15 -18.93 -19.79 -21.45
C SER A 15 -18.53 -18.38 -21.88
N HIS A 16 -17.24 -18.09 -21.74
CA HIS A 16 -16.65 -16.84 -22.20
C HIS A 16 -15.59 -17.22 -23.23
N GLU A 17 -15.87 -18.33 -23.93
CA GLU A 17 -14.88 -19.11 -24.69
C GLU A 17 -13.89 -19.80 -23.73
N VAL A 18 -14.06 -19.53 -22.45
CA VAL A 18 -13.35 -20.21 -21.38
C VAL A 18 -14.40 -20.82 -20.45
N ALA A 19 -14.58 -22.13 -20.54
CA ALA A 19 -15.64 -22.82 -19.81
C ALA A 19 -15.32 -22.93 -18.32
N ASP A 20 -16.20 -22.35 -17.49
CA ASP A 20 -16.04 -22.42 -16.05
C ASP A 20 -17.11 -23.30 -15.41
N CYS A 21 -16.77 -24.55 -15.13
CA CYS A 21 -17.68 -25.47 -14.48
C CYS A 21 -17.26 -25.73 -13.04
N SER A 22 -16.88 -24.67 -12.34
CA SER A 22 -16.40 -24.78 -10.97
C SER A 22 -17.56 -24.90 -9.97
N HIS A 23 -17.35 -25.71 -8.94
CA HIS A 23 -18.33 -25.91 -7.88
C HIS A 23 -19.70 -26.34 -8.40
N LEU A 24 -19.73 -27.45 -9.13
CA LEU A 24 -20.97 -27.95 -9.71
C LEU A 24 -21.25 -29.39 -9.31
N LYS A 25 -20.37 -29.96 -8.48
CA LYS A 25 -20.49 -31.34 -8.01
C LYS A 25 -20.65 -32.34 -9.15
N LEU A 26 -19.88 -32.16 -10.22
CA LEU A 26 -19.94 -33.07 -11.36
C LEU A 26 -19.19 -34.36 -11.07
N THR A 27 -19.86 -35.49 -11.27
CA THR A 27 -19.22 -36.79 -11.09
C THR A 27 -18.68 -37.31 -12.42
N GLN A 28 -19.12 -36.68 -13.51
CA GLN A 28 -18.65 -37.05 -14.84
C GLN A 28 -18.51 -35.83 -15.74
N VAL A 29 -17.57 -35.90 -16.69
CA VAL A 29 -17.26 -34.78 -17.57
C VAL A 29 -18.43 -34.47 -18.51
N PRO A 30 -18.83 -33.19 -18.56
CA PRO A 30 -19.89 -32.71 -19.47
C PRO A 30 -19.57 -33.01 -20.93
N ASP A 31 -20.59 -33.41 -21.69
CA ASP A 31 -20.41 -33.76 -23.09
C ASP A 31 -21.16 -32.82 -24.02
N ASP A 32 -21.64 -31.71 -23.47
CA ASP A 32 -22.42 -30.75 -24.26
C ASP A 32 -21.68 -29.44 -24.46
N LEU A 33 -20.43 -29.39 -24.00
CA LEU A 33 -19.62 -28.19 -24.12
C LEU A 33 -19.20 -27.94 -25.58
N PRO A 34 -19.20 -26.67 -26.01
CA PRO A 34 -18.86 -26.27 -27.37
C PRO A 34 -17.44 -26.67 -27.78
N THR A 35 -17.18 -26.69 -29.09
CA THR A 35 -15.86 -27.02 -29.61
C THR A 35 -15.05 -25.75 -29.87
N ASN A 36 -15.50 -24.63 -29.32
CA ASN A 36 -14.80 -23.37 -29.45
C ASN A 36 -13.95 -23.06 -28.21
N ILE A 37 -14.19 -23.80 -27.14
CA ILE A 37 -13.48 -23.58 -25.88
C ILE A 37 -12.00 -23.93 -25.98
N THR A 38 -11.17 -23.13 -25.34
CA THR A 38 -9.73 -23.38 -25.31
C THR A 38 -9.25 -23.61 -23.89
N VAL A 39 -10.05 -23.14 -22.92
CA VAL A 39 -9.74 -23.33 -21.51
C VAL A 39 -10.90 -23.97 -20.77
N LEU A 40 -10.62 -25.05 -20.04
CA LEU A 40 -11.63 -25.74 -19.26
C LEU A 40 -11.29 -25.73 -17.78
N ASN A 41 -12.24 -25.29 -16.96
CA ASN A 41 -12.03 -25.21 -15.52
C ASN A 41 -13.00 -26.11 -14.76
N LEU A 42 -12.46 -27.19 -14.20
CA LEU A 42 -13.27 -28.16 -13.46
C LEU A 42 -12.86 -28.27 -12.00
N THR A 43 -12.60 -27.13 -11.37
CA THR A 43 -12.19 -27.12 -9.97
C THR A 43 -13.36 -27.45 -9.04
N HIS A 44 -13.04 -28.11 -7.93
CA HIS A 44 -14.03 -28.49 -6.91
C HIS A 44 -15.18 -29.34 -7.45
N ASN A 45 -14.85 -30.54 -7.93
CA ASN A 45 -15.85 -31.49 -8.37
C ASN A 45 -15.57 -32.88 -7.80
N GLN A 46 -16.35 -33.87 -8.23
CA GLN A 46 -16.21 -35.22 -7.72
C GLN A 46 -15.75 -36.21 -8.79
N LEU A 47 -14.88 -35.73 -9.68
CA LEU A 47 -14.36 -36.57 -10.76
C LEU A 47 -13.42 -37.64 -10.21
N ARG A 48 -13.76 -38.90 -10.46
CA ARG A 48 -12.93 -40.01 -10.02
C ARG A 48 -11.83 -40.27 -11.05
N ARG A 49 -12.20 -40.21 -12.33
CA ARG A 49 -11.26 -40.46 -13.41
C ARG A 49 -11.34 -39.36 -14.46
N LEU A 50 -10.39 -39.37 -15.39
CA LEU A 50 -10.44 -38.49 -16.55
C LEU A 50 -10.15 -39.26 -17.83
N PRO A 51 -11.12 -40.05 -18.30
CA PRO A 51 -10.94 -40.90 -19.50
C PRO A 51 -10.60 -40.06 -20.73
N ALA A 52 -9.79 -40.64 -21.61
CA ALA A 52 -9.37 -39.94 -22.83
C ALA A 52 -10.54 -39.75 -23.78
N ALA A 53 -11.40 -40.76 -23.86
CA ALA A 53 -12.54 -40.74 -24.76
C ALA A 53 -13.42 -39.52 -24.55
N ASN A 54 -13.73 -39.24 -23.30
CA ASN A 54 -14.58 -38.10 -22.94
C ASN A 54 -13.97 -36.75 -23.35
N PHE A 55 -12.71 -36.77 -23.76
CA PHE A 55 -12.03 -35.55 -24.18
C PHE A 55 -11.69 -35.56 -25.67
N THR A 56 -12.04 -36.65 -26.35
CA THR A 56 -11.80 -36.78 -27.79
C THR A 56 -12.49 -35.65 -28.54
N ARG A 57 -13.65 -35.25 -28.03
CA ARG A 57 -14.44 -34.15 -28.60
C ARG A 57 -13.71 -32.82 -28.48
N TYR A 58 -12.93 -32.67 -27.41
CA TYR A 58 -12.29 -31.39 -27.10
C TYR A 58 -10.82 -31.38 -27.48
N SER A 59 -10.54 -31.53 -28.77
CA SER A 59 -9.16 -31.63 -29.26
C SER A 59 -8.54 -30.26 -29.54
N GLN A 60 -9.21 -29.20 -29.11
CA GLN A 60 -8.72 -27.84 -29.34
C GLN A 60 -8.42 -27.12 -28.04
N LEU A 61 -8.39 -27.85 -26.94
CA LEU A 61 -8.13 -27.26 -25.62
C LEU A 61 -6.65 -26.90 -25.46
N THR A 62 -6.40 -25.84 -24.69
CA THR A 62 -5.04 -25.39 -24.43
C THR A 62 -4.76 -25.31 -22.92
N SER A 63 -5.81 -25.33 -22.12
CA SER A 63 -5.68 -25.24 -20.67
C SER A 63 -6.70 -26.11 -19.96
N LEU A 64 -6.23 -26.94 -19.04
CA LEU A 64 -7.11 -27.82 -18.28
C LEU A 64 -6.87 -27.69 -16.78
N ASP A 65 -7.89 -27.27 -16.05
CA ASP A 65 -7.80 -27.13 -14.60
C ASP A 65 -8.81 -28.05 -13.92
N VAL A 66 -8.32 -29.15 -13.38
CA VAL A 66 -9.19 -30.10 -12.69
C VAL A 66 -8.85 -30.21 -11.20
N GLY A 67 -8.40 -29.10 -10.63
CA GLY A 67 -8.01 -29.06 -9.24
C GLY A 67 -9.14 -29.38 -8.28
N PHE A 68 -8.79 -29.73 -7.05
CA PHE A 68 -9.76 -30.00 -5.98
C PHE A 68 -10.74 -31.11 -6.35
N ASN A 69 -10.22 -32.28 -6.71
CA ASN A 69 -11.05 -33.43 -7.04
C ASN A 69 -10.60 -34.69 -6.32
N THR A 70 -11.10 -35.84 -6.77
CA THR A 70 -10.74 -37.12 -6.18
C THR A 70 -10.14 -38.06 -7.23
N ILE A 71 -9.34 -37.48 -8.12
CA ILE A 71 -8.72 -38.26 -9.20
C ILE A 71 -7.55 -39.07 -8.67
N SER A 72 -7.61 -40.38 -8.84
CA SER A 72 -6.58 -41.28 -8.35
C SER A 72 -5.38 -41.34 -9.29
N LYS A 73 -5.65 -41.60 -10.57
CA LYS A 73 -4.59 -41.68 -11.57
C LYS A 73 -5.00 -41.09 -12.90
N LEU A 74 -4.05 -41.02 -13.83
CA LEU A 74 -4.32 -40.47 -15.15
C LEU A 74 -4.06 -41.50 -16.25
N GLU A 75 -4.82 -41.40 -17.34
CA GLU A 75 -4.58 -42.22 -18.50
C GLU A 75 -3.64 -41.49 -19.44
N PRO A 76 -2.60 -42.18 -19.92
CA PRO A 76 -1.62 -41.59 -20.85
C PRO A 76 -2.29 -41.08 -22.11
N GLU A 77 -3.28 -41.83 -22.59
CA GLU A 77 -3.98 -41.52 -23.83
C GLU A 77 -4.60 -40.12 -23.79
N LEU A 78 -4.99 -39.69 -22.59
CA LEU A 78 -5.56 -38.36 -22.39
C LEU A 78 -4.60 -37.28 -22.88
N CYS A 79 -3.32 -37.46 -22.59
CA CYS A 79 -2.31 -36.49 -23.01
C CYS A 79 -2.24 -36.39 -24.54
N GLN A 80 -2.61 -37.47 -25.22
CA GLN A 80 -2.64 -37.48 -26.67
C GLN A 80 -3.87 -36.74 -27.20
N LYS A 81 -4.94 -36.77 -26.42
CA LYS A 81 -6.20 -36.17 -26.84
C LYS A 81 -6.14 -34.65 -26.80
N LEU A 82 -5.17 -34.11 -26.08
CA LEU A 82 -4.99 -32.67 -25.96
C LEU A 82 -3.60 -32.26 -26.44
N PRO A 83 -3.42 -32.18 -27.76
CA PRO A 83 -2.11 -31.88 -28.36
C PRO A 83 -1.72 -30.40 -28.23
N MET A 84 -2.69 -29.54 -27.96
CA MET A 84 -2.44 -28.11 -27.86
C MET A 84 -2.42 -27.64 -26.41
N LEU A 85 -2.48 -28.60 -25.48
CA LEU A 85 -2.51 -28.29 -24.05
C LEU A 85 -1.21 -27.64 -23.58
N LYS A 86 -1.33 -26.48 -22.94
CA LYS A 86 -0.17 -25.76 -22.42
C LYS A 86 -0.12 -25.84 -20.89
N VAL A 87 -1.28 -25.64 -20.27
CA VAL A 87 -1.37 -25.62 -18.81
C VAL A 87 -2.18 -26.79 -18.27
N LEU A 88 -1.56 -27.57 -17.39
CA LEU A 88 -2.24 -28.69 -16.75
C LEU A 88 -2.23 -28.54 -15.23
N ASN A 89 -3.42 -28.41 -14.66
CA ASN A 89 -3.56 -28.23 -13.22
C ASN A 89 -4.22 -29.44 -12.56
N LEU A 90 -3.44 -30.15 -11.74
CA LEU A 90 -3.92 -31.34 -11.05
C LEU A 90 -3.78 -31.18 -9.55
N GLN A 91 -3.93 -29.95 -9.06
CA GLN A 91 -3.73 -29.66 -7.64
C GLN A 91 -4.82 -30.28 -6.77
N HIS A 92 -4.46 -30.59 -5.53
CA HIS A 92 -5.39 -31.10 -4.53
C HIS A 92 -6.18 -32.32 -5.00
N ASN A 93 -5.50 -33.42 -5.23
CA ASN A 93 -6.15 -34.67 -5.65
C ASN A 93 -5.60 -35.89 -4.90
N GLU A 94 -5.99 -37.07 -5.36
CA GLU A 94 -5.50 -38.31 -4.78
C GLU A 94 -4.41 -38.93 -5.66
N LEU A 95 -3.82 -38.09 -6.50
CA LEU A 95 -2.77 -38.53 -7.43
C LEU A 95 -1.45 -38.76 -6.69
N SER A 96 -1.30 -39.94 -6.08
CA SER A 96 -0.12 -40.24 -5.28
C SER A 96 0.95 -40.98 -6.06
N GLN A 97 0.54 -41.72 -7.09
CA GLN A 97 1.47 -42.49 -7.90
C GLN A 97 1.67 -41.89 -9.29
N LEU A 98 2.91 -41.59 -9.63
CA LEU A 98 3.24 -41.11 -10.97
C LEU A 98 4.06 -42.15 -11.72
N SER A 99 3.90 -42.18 -13.04
CA SER A 99 4.60 -43.14 -13.88
C SER A 99 5.34 -42.44 -15.01
N ASP A 100 5.97 -43.25 -15.87
CA ASP A 100 6.70 -42.72 -17.01
C ASP A 100 5.77 -42.43 -18.18
N LYS A 101 4.55 -42.93 -18.10
CA LYS A 101 3.56 -42.75 -19.16
C LYS A 101 2.60 -41.60 -18.86
N THR A 102 2.43 -41.31 -17.56
CA THR A 102 1.41 -40.37 -17.10
C THR A 102 1.47 -39.01 -17.80
N PHE A 103 2.65 -38.41 -17.86
CA PHE A 103 2.82 -37.11 -18.49
C PHE A 103 3.67 -37.22 -19.74
N ALA A 104 3.79 -38.43 -20.27
CA ALA A 104 4.69 -38.70 -21.39
C ALA A 104 4.28 -37.99 -22.68
N PHE A 105 3.00 -38.06 -23.01
CA PHE A 105 2.52 -37.58 -24.30
C PHE A 105 2.12 -36.10 -24.29
N CYS A 106 2.23 -35.47 -23.12
CA CYS A 106 1.92 -34.05 -22.99
C CYS A 106 3.17 -33.21 -23.18
N THR A 107 3.80 -33.32 -24.35
CA THR A 107 5.06 -32.64 -24.61
C THR A 107 4.88 -31.14 -24.90
N ASN A 108 3.64 -30.71 -25.06
CA ASN A 108 3.38 -29.30 -25.36
C ASN A 108 3.01 -28.48 -24.13
N LEU A 109 3.23 -29.06 -22.95
CA LEU A 109 2.94 -28.37 -21.70
C LEU A 109 3.95 -27.27 -21.38
N THR A 110 3.49 -26.24 -20.68
CA THR A 110 4.36 -25.16 -20.23
C THR A 110 4.21 -24.96 -18.73
N GLU A 111 3.05 -25.33 -18.20
CA GLU A 111 2.78 -25.23 -16.77
C GLU A 111 2.19 -26.52 -16.23
N LEU A 112 2.75 -27.01 -15.12
CA LEU A 112 2.24 -28.22 -14.49
C LEU A 112 2.07 -28.04 -12.99
N HIS A 113 0.83 -28.08 -12.53
CA HIS A 113 0.52 -27.92 -11.11
C HIS A 113 0.16 -29.26 -10.48
N LEU A 114 0.88 -29.63 -9.44
CA LEU A 114 0.69 -30.92 -8.79
C LEU A 114 0.65 -30.80 -7.27
N MET A 115 0.14 -29.68 -6.77
CA MET A 115 0.14 -29.42 -5.33
C MET A 115 -0.91 -30.25 -4.57
N SER A 116 -0.59 -30.57 -3.32
CA SER A 116 -1.50 -31.26 -2.42
C SER A 116 -2.01 -32.59 -2.96
N ASN A 117 -1.09 -33.43 -3.42
CA ASN A 117 -1.46 -34.75 -3.96
C ASN A 117 -0.93 -35.91 -3.13
N SER A 118 -0.37 -35.59 -1.96
CA SER A 118 0.17 -36.59 -1.05
C SER A 118 1.20 -37.50 -1.71
N ILE A 119 1.99 -36.93 -2.62
CA ILE A 119 3.04 -37.67 -3.31
C ILE A 119 4.23 -37.89 -2.38
N GLN A 120 4.48 -39.15 -2.03
CA GLN A 120 5.55 -39.48 -1.10
C GLN A 120 6.92 -39.58 -1.78
N LYS A 121 6.91 -39.96 -3.06
CA LYS A 121 8.15 -40.06 -3.83
C LYS A 121 7.87 -40.11 -5.32
N ILE A 122 8.74 -39.47 -6.10
CA ILE A 122 8.67 -39.54 -7.55
C ILE A 122 9.71 -40.54 -8.05
N LYS A 123 9.23 -41.54 -8.79
CA LYS A 123 10.05 -42.68 -9.17
C LYS A 123 11.15 -42.34 -10.18
N ASN A 124 10.93 -42.70 -11.44
CA ASN A 124 11.95 -42.57 -12.47
C ASN A 124 11.92 -41.22 -13.17
N ASN A 125 11.43 -41.21 -14.40
CA ASN A 125 11.38 -39.99 -15.20
C ASN A 125 9.99 -39.65 -15.70
N PRO A 126 9.08 -39.23 -14.80
CA PRO A 126 7.75 -38.83 -15.25
C PRO A 126 7.76 -37.48 -15.97
N PHE A 127 8.88 -36.77 -15.89
CA PHE A 127 8.98 -35.43 -16.46
C PHE A 127 10.04 -35.35 -17.55
N VAL A 128 10.35 -36.48 -18.17
CA VAL A 128 11.44 -36.54 -19.15
C VAL A 128 11.03 -36.00 -20.53
N LYS A 129 9.73 -36.01 -20.80
CA LYS A 129 9.23 -35.53 -22.08
C LYS A 129 8.60 -34.13 -21.98
N GLN A 130 8.78 -33.49 -20.84
CA GLN A 130 8.27 -32.14 -20.62
C GLN A 130 9.34 -31.09 -20.90
N LYS A 131 9.94 -31.15 -22.07
CA LYS A 131 11.04 -30.25 -22.42
C LYS A 131 10.56 -28.85 -22.79
N ASN A 132 9.25 -28.65 -22.78
CA ASN A 132 8.67 -27.34 -23.00
C ASN A 132 8.06 -26.76 -21.73
N LEU A 133 8.17 -27.50 -20.63
CA LEU A 133 7.61 -27.08 -19.35
C LEU A 133 8.40 -25.91 -18.76
N ILE A 134 7.68 -24.91 -18.26
CA ILE A 134 8.31 -23.72 -17.71
C ILE A 134 8.20 -23.68 -16.19
N THR A 135 7.00 -23.95 -15.68
CA THR A 135 6.75 -23.91 -14.25
C THR A 135 6.24 -25.26 -13.73
N LEU A 136 7.02 -25.89 -12.86
CA LEU A 136 6.64 -27.16 -12.26
C LEU A 136 6.38 -26.97 -10.77
N ASP A 137 5.18 -27.33 -10.32
CA ASP A 137 4.81 -27.12 -8.94
C ASP A 137 4.47 -28.43 -8.24
N LEU A 138 5.17 -28.70 -7.14
CA LEU A 138 4.96 -29.92 -6.36
C LEU A 138 4.78 -29.61 -4.88
N SER A 139 4.15 -28.48 -4.59
CA SER A 139 4.01 -28.01 -3.21
C SER A 139 3.07 -28.90 -2.38
N HIS A 140 3.26 -28.84 -1.06
CA HIS A 140 2.41 -29.55 -0.10
C HIS A 140 2.35 -31.07 -0.34
N ASN A 141 3.51 -31.70 -0.43
CA ASN A 141 3.58 -33.15 -0.58
C ASN A 141 4.59 -33.77 0.40
N GLY A 142 4.75 -35.09 0.32
CA GLY A 142 5.64 -35.79 1.22
C GLY A 142 6.97 -36.17 0.57
N LEU A 143 7.51 -35.25 -0.22
CA LEU A 143 8.78 -35.49 -0.88
C LEU A 143 9.95 -35.30 0.07
N SER A 144 10.77 -36.34 0.21
CA SER A 144 11.93 -36.29 1.10
C SER A 144 13.21 -36.08 0.30
N SER A 145 13.06 -35.76 -0.98
CA SER A 145 14.21 -35.58 -1.86
C SER A 145 13.87 -34.70 -3.05
N THR A 146 14.85 -33.95 -3.53
CA THR A 146 14.64 -33.02 -4.65
C THR A 146 14.91 -33.72 -5.98
N LYS A 147 15.18 -35.01 -5.93
CA LYS A 147 15.44 -35.78 -7.15
C LYS A 147 14.13 -36.10 -7.86
N LEU A 148 14.09 -35.79 -9.16
CA LEU A 148 12.87 -35.97 -9.94
C LEU A 148 13.13 -36.77 -11.21
N GLY A 149 14.38 -37.20 -11.40
CA GLY A 149 14.75 -37.96 -12.58
C GLY A 149 16.11 -38.61 -12.45
N THR A 150 16.41 -39.53 -13.36
CA THR A 150 17.69 -40.23 -13.36
C THR A 150 18.56 -39.77 -14.52
N GLN A 151 18.13 -38.71 -15.19
CA GLN A 151 18.87 -38.14 -16.31
C GLN A 151 18.62 -36.64 -16.38
N VAL A 152 19.25 -35.98 -17.34
CA VAL A 152 19.09 -34.54 -17.48
C VAL A 152 17.92 -34.18 -18.40
N GLN A 153 16.83 -33.68 -17.81
CA GLN A 153 15.69 -33.22 -18.59
C GLN A 153 15.20 -31.88 -18.09
N LEU A 154 14.08 -31.41 -18.62
CA LEU A 154 13.48 -30.13 -18.24
C LEU A 154 14.43 -28.95 -18.46
N GLU A 155 14.97 -28.85 -19.67
CA GLU A 155 15.95 -27.82 -19.99
C GLU A 155 15.35 -26.42 -19.99
N ASN A 156 14.08 -26.32 -20.38
CA ASN A 156 13.41 -25.02 -20.49
C ASN A 156 12.68 -24.62 -19.21
N LEU A 157 12.87 -25.40 -18.15
CA LEU A 157 12.22 -25.12 -16.87
C LEU A 157 12.82 -23.87 -16.23
N GLN A 158 11.97 -23.00 -15.71
CA GLN A 158 12.42 -21.78 -15.07
C GLN A 158 12.06 -21.73 -13.59
N GLU A 159 10.90 -22.28 -13.24
CA GLU A 159 10.41 -22.23 -11.88
C GLU A 159 10.13 -23.63 -11.32
N LEU A 160 10.85 -24.00 -10.29
CA LEU A 160 10.65 -25.29 -9.63
C LEU A 160 10.17 -25.10 -8.20
N LEU A 161 8.97 -25.60 -7.90
CA LEU A 161 8.39 -25.43 -6.57
C LEU A 161 8.29 -26.75 -5.82
N LEU A 162 9.13 -26.92 -4.80
CA LEU A 162 9.09 -28.09 -3.94
C LEU A 162 8.78 -27.67 -2.51
N SER A 163 8.08 -26.56 -2.38
CA SER A 163 7.77 -25.99 -1.07
C SER A 163 6.83 -26.88 -0.26
N ASN A 164 6.82 -26.65 1.06
CA ASN A 164 5.93 -27.37 1.98
C ASN A 164 6.06 -28.90 1.91
N ASN A 165 7.29 -29.38 1.81
CA ASN A 165 7.54 -30.81 1.78
C ASN A 165 8.37 -31.28 2.98
N LYS A 166 8.78 -32.55 2.94
CA LYS A 166 9.55 -33.13 4.03
C LYS A 166 11.04 -33.18 3.68
N ILE A 167 11.43 -32.41 2.67
CA ILE A 167 12.82 -32.36 2.23
C ILE A 167 13.74 -31.91 3.37
N GLN A 168 14.71 -32.74 3.72
CA GLN A 168 15.59 -32.44 4.84
C GLN A 168 17.01 -32.09 4.42
N ALA A 169 17.36 -32.36 3.16
CA ALA A 169 18.70 -32.11 2.68
C ALA A 169 18.78 -31.91 1.16
N LEU A 170 19.69 -31.04 0.73
CA LEU A 170 19.91 -30.79 -0.69
C LEU A 170 21.23 -31.42 -1.12
N LYS A 171 21.14 -32.43 -1.98
CA LYS A 171 22.33 -33.13 -2.44
C LYS A 171 22.65 -32.81 -3.90
N SER A 172 23.90 -33.06 -4.29
CA SER A 172 24.34 -32.78 -5.65
C SER A 172 23.73 -33.74 -6.66
N GLU A 173 23.76 -35.04 -6.33
CA GLU A 173 23.30 -36.07 -7.25
C GLU A 173 21.78 -36.11 -7.38
N GLU A 174 21.09 -35.26 -6.63
CA GLU A 174 19.65 -35.15 -6.70
C GLU A 174 19.22 -33.91 -7.47
N LEU A 175 20.17 -32.99 -7.66
CA LEU A 175 19.87 -31.69 -8.26
C LEU A 175 20.55 -31.46 -9.60
N ASP A 176 21.60 -32.21 -9.88
CA ASP A 176 22.37 -32.00 -11.11
C ASP A 176 21.58 -32.28 -12.40
N ILE A 177 20.39 -32.85 -12.26
CA ILE A 177 19.57 -33.18 -13.43
C ILE A 177 19.12 -31.93 -14.16
N PHE A 178 19.29 -30.78 -13.53
CA PHE A 178 18.95 -29.50 -14.13
C PHE A 178 20.20 -28.76 -14.62
N ALA A 179 21.23 -29.52 -14.97
CA ALA A 179 22.50 -28.95 -15.39
C ALA A 179 22.38 -28.12 -16.66
N ASN A 180 21.47 -28.53 -17.55
CA ASN A 180 21.19 -27.78 -18.77
C ASN A 180 19.96 -26.90 -18.62
N SER A 181 19.53 -26.69 -17.37
CA SER A 181 18.33 -25.91 -17.10
C SER A 181 18.68 -24.54 -16.54
N SER A 182 17.79 -23.58 -16.76
CA SER A 182 17.98 -22.22 -16.27
C SER A 182 16.87 -21.81 -15.32
N LEU A 183 17.10 -22.03 -14.02
CA LEU A 183 16.10 -21.77 -13.01
C LEU A 183 16.12 -20.33 -12.52
N LYS A 184 14.96 -19.67 -12.57
CA LYS A 184 14.83 -18.31 -12.03
C LYS A 184 14.31 -18.36 -10.61
N LYS A 185 13.66 -19.46 -10.24
CA LYS A 185 13.07 -19.60 -8.91
C LYS A 185 13.10 -21.05 -8.42
N LEU A 186 13.80 -21.27 -7.31
CA LEU A 186 13.82 -22.58 -6.67
C LEU A 186 13.12 -22.51 -5.31
N GLU A 187 11.80 -22.70 -5.34
CA GLU A 187 10.98 -22.61 -4.13
C GLU A 187 11.15 -23.83 -3.23
N LEU A 188 11.87 -23.63 -2.13
CA LEU A 188 12.05 -24.70 -1.14
C LEU A 188 11.61 -24.23 0.24
N SER A 189 10.57 -23.39 0.26
CA SER A 189 10.05 -22.86 1.51
C SER A 189 9.31 -23.91 2.30
N SER A 190 9.14 -23.67 3.61
CA SER A 190 8.42 -24.57 4.51
C SER A 190 9.01 -25.98 4.52
N ASN A 191 10.31 -26.07 4.27
CA ASN A 191 11.04 -27.34 4.30
C ASN A 191 12.06 -27.36 5.42
N GLN A 192 12.00 -28.38 6.27
CA GLN A 192 12.96 -28.53 7.35
C GLN A 192 14.28 -29.09 6.82
N ILE A 193 15.06 -28.23 6.16
CA ILE A 193 16.36 -28.64 5.63
C ILE A 193 17.44 -28.45 6.69
N LYS A 194 18.36 -29.40 6.79
CA LYS A 194 19.39 -29.37 7.81
C LYS A 194 20.81 -29.56 7.25
N GLU A 195 20.91 -29.74 5.94
CA GLU A 195 22.23 -29.98 5.34
C GLU A 195 22.28 -29.63 3.85
N PHE A 196 23.30 -28.86 3.48
CA PHE A 196 23.56 -28.54 2.08
C PHE A 196 24.84 -29.24 1.62
N SER A 197 24.69 -30.27 0.79
CA SER A 197 25.83 -31.02 0.28
C SER A 197 26.74 -30.14 -0.55
N PRO A 198 28.06 -30.33 -0.43
CA PRO A 198 29.05 -29.56 -1.19
C PRO A 198 28.84 -29.66 -2.70
N GLY A 199 28.65 -28.51 -3.34
CA GLY A 199 28.49 -28.45 -4.78
C GLY A 199 27.09 -28.78 -5.25
N CYS A 200 26.11 -28.69 -4.35
CA CYS A 200 24.73 -29.02 -4.70
C CYS A 200 24.04 -27.87 -5.44
N PHE A 201 24.54 -26.66 -5.26
CA PHE A 201 23.97 -25.51 -5.94
C PHE A 201 24.68 -25.24 -7.27
N HIS A 202 25.95 -25.62 -7.33
CA HIS A 202 26.72 -25.48 -8.56
C HIS A 202 26.30 -26.53 -9.59
N ALA A 203 25.61 -27.56 -9.12
CA ALA A 203 25.11 -28.62 -10.00
C ALA A 203 24.06 -28.07 -10.94
N ILE A 204 23.36 -27.03 -10.51
CA ILE A 204 22.37 -26.37 -11.34
C ILE A 204 23.07 -25.51 -12.38
N GLY A 205 22.55 -25.51 -13.61
CA GLY A 205 23.13 -24.73 -14.68
C GLY A 205 23.02 -23.24 -14.44
N ARG A 206 21.80 -22.78 -14.17
CA ARG A 206 21.55 -21.37 -13.91
C ARG A 206 20.56 -21.19 -12.76
N LEU A 207 21.03 -20.62 -11.66
CA LEU A 207 20.17 -20.35 -10.51
C LEU A 207 20.12 -18.85 -10.23
N PHE A 208 18.93 -18.27 -10.35
CA PHE A 208 18.78 -16.82 -10.18
C PHE A 208 18.09 -16.45 -8.87
N GLY A 209 17.08 -17.24 -8.48
CA GLY A 209 16.34 -16.95 -7.27
C GLY A 209 16.14 -18.15 -6.37
N LEU A 210 16.56 -18.02 -5.12
CA LEU A 210 16.39 -19.09 -4.13
C LEU A 210 15.43 -18.65 -3.01
N PHE A 211 14.52 -19.54 -2.66
CA PHE A 211 13.52 -19.24 -1.64
C PHE A 211 13.53 -20.25 -0.50
N LEU A 212 14.13 -19.87 0.62
CA LEU A 212 14.17 -20.71 1.81
C LEU A 212 13.36 -20.09 2.95
N ASN A 213 12.15 -19.67 2.63
CA ASN A 213 11.26 -19.07 3.63
C ASN A 213 10.68 -20.13 4.56
N ASN A 214 10.40 -19.73 5.80
CA ASN A 214 9.86 -20.63 6.81
C ASN A 214 10.74 -21.87 7.02
N VAL A 215 12.04 -21.71 6.76
CA VAL A 215 12.98 -22.82 6.89
C VAL A 215 13.90 -22.62 8.07
N GLN A 216 13.74 -23.47 9.09
CA GLN A 216 14.56 -23.40 10.29
C GLN A 216 16.04 -23.62 9.96
N LEU A 217 16.80 -22.53 9.94
CA LEU A 217 18.21 -22.59 9.56
C LEU A 217 19.14 -22.22 10.72
N GLY A 218 19.22 -20.93 11.01
CA GLY A 218 20.15 -20.45 12.02
C GLY A 218 21.36 -19.80 11.37
N PRO A 219 22.11 -19.01 12.14
CA PRO A 219 23.27 -18.24 11.64
C PRO A 219 24.33 -19.13 11.01
N SER A 220 24.67 -20.23 11.66
CA SER A 220 25.71 -21.12 11.19
C SER A 220 25.34 -21.79 9.86
N LEU A 221 24.17 -22.41 9.82
CA LEU A 221 23.69 -23.10 8.62
C LEU A 221 23.46 -22.12 7.49
N THR A 222 23.06 -20.89 7.84
CA THR A 222 22.90 -19.84 6.84
C THR A 222 24.25 -19.49 6.25
N GLU A 223 25.27 -19.44 7.12
CA GLU A 223 26.63 -19.19 6.67
C GLU A 223 27.09 -20.27 5.71
N LYS A 224 26.76 -21.52 6.04
CA LYS A 224 27.09 -22.65 5.18
C LYS A 224 26.39 -22.53 3.82
N LEU A 225 25.13 -22.11 3.85
CA LEU A 225 24.34 -21.91 2.64
C LEU A 225 24.95 -20.85 1.74
N CYS A 226 25.32 -19.72 2.34
CA CYS A 226 25.96 -18.64 1.61
C CYS A 226 27.31 -19.10 1.06
N LEU A 227 27.97 -19.98 1.79
CA LEU A 227 29.22 -20.57 1.32
C LEU A 227 28.98 -21.41 0.07
N GLU A 228 27.90 -22.19 0.08
CA GLU A 228 27.58 -23.03 -1.07
C GLU A 228 26.94 -22.26 -2.22
N LEU A 229 26.60 -21.00 -1.97
CA LEU A 229 26.07 -20.13 -3.02
C LEU A 229 27.18 -19.27 -3.64
N ALA A 230 28.40 -19.45 -3.15
CA ALA A 230 29.54 -18.68 -3.65
C ALA A 230 29.85 -19.02 -5.10
N ASN A 231 30.29 -18.01 -5.85
CA ASN A 231 30.61 -18.17 -7.28
C ASN A 231 29.43 -18.69 -8.10
N THR A 232 28.22 -18.34 -7.70
CA THR A 232 27.02 -18.74 -8.43
C THR A 232 26.36 -17.56 -9.12
N SER A 233 25.29 -17.82 -9.86
CA SER A 233 24.59 -16.79 -10.62
C SER A 233 23.37 -16.26 -9.86
N ILE A 234 23.41 -16.36 -8.54
CA ILE A 234 22.27 -15.98 -7.71
C ILE A 234 21.97 -14.48 -7.76
N ARG A 235 20.68 -14.14 -7.83
CA ARG A 235 20.26 -12.75 -7.91
C ARG A 235 19.26 -12.41 -6.80
N ASN A 236 18.34 -13.33 -6.53
CA ASN A 236 17.35 -13.15 -5.48
C ASN A 236 17.50 -14.19 -4.37
N LEU A 237 17.43 -13.74 -3.12
CA LEU A 237 17.53 -14.66 -1.99
C LEU A 237 16.49 -14.35 -0.92
N SER A 238 15.71 -15.37 -0.57
CA SER A 238 14.65 -15.21 0.44
C SER A 238 14.88 -16.13 1.63
N LEU A 239 15.08 -15.53 2.80
CA LEU A 239 15.27 -16.27 4.04
C LEU A 239 14.28 -15.84 5.09
N SER A 240 13.07 -15.49 4.66
CA SER A 240 12.03 -15.03 5.57
C SER A 240 11.61 -16.10 6.55
N ASN A 241 11.39 -15.71 7.80
CA ASN A 241 10.95 -16.62 8.86
C ASN A 241 11.86 -17.84 9.00
N SER A 242 13.16 -17.63 8.79
CA SER A 242 14.14 -18.70 8.90
C SER A 242 14.74 -18.74 10.30
N GLN A 243 14.13 -18.00 11.23
CA GLN A 243 14.53 -17.96 12.62
C GLN A 243 15.99 -17.52 12.78
N LEU A 244 16.38 -16.51 12.02
CA LEU A 244 17.73 -15.97 12.09
C LEU A 244 17.84 -14.99 13.26
N SER A 245 18.25 -15.51 14.41
CA SER A 245 18.30 -14.71 15.64
C SER A 245 19.29 -13.56 15.54
N THR A 246 20.54 -13.87 15.19
CA THR A 246 21.58 -12.85 15.09
C THR A 246 22.36 -13.00 13.79
N THR A 247 23.07 -11.94 13.41
CA THR A 247 23.93 -11.97 12.24
C THR A 247 25.33 -11.45 12.57
N SER A 248 26.33 -11.96 11.87
CA SER A 248 27.70 -11.49 12.03
C SER A 248 28.32 -11.19 10.68
N ASN A 249 29.57 -10.77 10.68
CA ASN A 249 30.27 -10.46 9.44
C ASN A 249 30.70 -11.72 8.70
N THR A 250 30.49 -12.87 9.33
CA THR A 250 30.85 -14.15 8.75
C THR A 250 29.62 -14.86 8.19
N THR A 251 28.44 -14.43 8.64
CA THR A 251 27.18 -15.06 8.26
C THR A 251 26.95 -15.03 6.75
N PHE A 252 27.04 -13.84 6.16
CA PHE A 252 26.82 -13.69 4.73
C PHE A 252 28.14 -13.57 3.98
N LEU A 253 29.11 -14.38 4.39
CA LEU A 253 30.45 -14.30 3.84
C LEU A 253 30.54 -14.77 2.38
N GLY A 254 30.03 -15.96 2.11
CA GLY A 254 30.07 -16.54 0.78
C GLY A 254 29.47 -15.63 -0.28
N LEU A 255 28.43 -14.90 0.11
CA LEU A 255 27.75 -13.97 -0.79
C LEU A 255 28.69 -12.90 -1.36
N LYS A 256 29.90 -12.83 -0.85
CA LYS A 256 30.92 -11.93 -1.39
C LYS A 256 31.18 -12.26 -2.87
N TRP A 257 31.11 -13.55 -3.21
CA TRP A 257 31.36 -13.96 -4.58
C TRP A 257 30.09 -14.06 -5.41
N THR A 258 29.11 -13.22 -5.10
CA THR A 258 27.83 -13.25 -5.80
C THR A 258 27.41 -11.85 -6.26
N ASN A 259 26.54 -11.81 -7.26
CA ASN A 259 25.96 -10.55 -7.74
C ASN A 259 24.53 -10.41 -7.26
N LEU A 260 24.29 -10.77 -6.00
CA LEU A 260 22.96 -10.74 -5.40
C LEU A 260 22.39 -9.32 -5.38
N THR A 261 21.11 -9.18 -5.72
CA THR A 261 20.48 -7.86 -5.80
C THR A 261 19.31 -7.69 -4.83
N MET A 262 18.66 -8.79 -4.47
CA MET A 262 17.54 -8.74 -3.55
C MET A 262 17.69 -9.73 -2.40
N LEU A 263 17.53 -9.24 -1.17
CA LEU A 263 17.62 -10.09 0.01
C LEU A 263 16.42 -9.88 0.94
N ASP A 264 15.81 -10.98 1.35
CA ASP A 264 14.66 -10.92 2.25
C ASP A 264 14.96 -11.62 3.57
N LEU A 265 15.08 -10.83 4.64
CA LEU A 265 15.36 -11.37 5.96
C LEU A 265 14.25 -11.03 6.95
N SER A 266 13.04 -10.87 6.43
CA SER A 266 11.89 -10.49 7.25
C SER A 266 11.43 -11.62 8.15
N TYR A 267 10.76 -11.27 9.24
CA TYR A 267 10.12 -12.23 10.15
C TYR A 267 11.08 -13.24 10.78
N ASN A 268 12.36 -12.89 10.84
CA ASN A 268 13.37 -13.81 11.37
C ASN A 268 13.58 -13.66 12.88
N ASN A 269 12.81 -12.80 13.51
CA ASN A 269 13.02 -12.42 14.90
C ASN A 269 14.46 -11.97 15.13
N LEU A 270 14.99 -11.25 14.15
CA LEU A 270 16.37 -10.80 14.15
C LEU A 270 16.66 -9.87 15.32
N ASN A 271 17.39 -10.39 16.31
CA ASN A 271 17.66 -9.64 17.53
C ASN A 271 18.81 -8.65 17.39
N VAL A 272 20.00 -9.18 17.10
CA VAL A 272 21.20 -8.35 17.01
C VAL A 272 21.81 -8.41 15.61
N VAL A 273 22.10 -7.24 15.05
CA VAL A 273 22.76 -7.15 13.75
C VAL A 273 24.19 -6.65 13.94
N GLY A 274 25.14 -7.57 13.90
CA GLY A 274 26.54 -7.25 14.14
C GLY A 274 27.14 -6.31 13.11
N ASN A 275 28.27 -5.71 13.44
CA ASN A 275 28.93 -4.78 12.55
C ASN A 275 29.42 -5.46 11.26
N ASP A 276 29.34 -4.73 10.15
CA ASP A 276 29.77 -5.22 8.84
C ASP A 276 29.07 -6.53 8.46
N SER A 277 27.81 -6.65 8.85
CA SER A 277 27.03 -7.85 8.58
C SER A 277 26.84 -8.06 7.09
N PHE A 278 26.65 -6.96 6.37
CA PHE A 278 26.30 -7.04 4.95
C PHE A 278 27.31 -6.31 4.07
N ALA A 279 28.58 -6.32 4.50
CA ALA A 279 29.64 -5.70 3.72
C ALA A 279 29.98 -6.54 2.49
N TRP A 280 29.54 -7.79 2.51
CA TRP A 280 29.81 -8.72 1.42
C TRP A 280 28.73 -8.63 0.35
N LEU A 281 27.89 -7.59 0.43
CA LEU A 281 26.83 -7.38 -0.54
C LEU A 281 26.94 -6.01 -1.20
N PRO A 282 27.97 -5.83 -2.05
CA PRO A 282 28.19 -4.54 -2.70
C PRO A 282 27.29 -4.37 -3.92
N GLN A 283 26.55 -5.42 -4.26
CA GLN A 283 25.67 -5.38 -5.43
C GLN A 283 24.20 -5.34 -5.03
N LEU A 284 23.93 -5.48 -3.73
CA LEU A 284 22.57 -5.54 -3.22
C LEU A 284 21.80 -4.27 -3.53
N GLU A 285 20.58 -4.43 -4.05
CA GLU A 285 19.76 -3.29 -4.46
C GLU A 285 18.46 -3.20 -3.66
N TYR A 286 17.97 -4.33 -3.19
CA TYR A 286 16.70 -4.36 -2.47
C TYR A 286 16.79 -5.16 -1.17
N PHE A 287 16.54 -4.48 -0.06
CA PHE A 287 16.69 -5.09 1.26
C PHE A 287 15.39 -5.09 2.05
N PHE A 288 14.95 -6.29 2.42
CA PHE A 288 13.72 -6.47 3.18
C PHE A 288 14.00 -6.95 4.59
N LEU A 289 13.78 -6.08 5.57
CA LEU A 289 14.05 -6.38 6.96
C LEU A 289 12.84 -6.14 7.86
N GLU A 290 11.65 -6.07 7.25
CA GLU A 290 10.44 -5.75 8.00
C GLU A 290 10.07 -6.85 8.99
N TYR A 291 9.37 -6.46 10.06
CA TYR A 291 8.94 -7.38 11.11
C TYR A 291 10.09 -8.14 11.75
N ASN A 292 10.81 -7.47 12.64
CA ASN A 292 11.91 -8.10 13.37
C ASN A 292 11.99 -7.63 14.81
N ASN A 293 13.08 -8.01 15.49
CA ASN A 293 13.25 -7.69 16.90
C ASN A 293 14.62 -7.08 17.17
N ILE A 294 15.04 -6.16 16.30
CA ILE A 294 16.32 -5.47 16.46
C ILE A 294 16.26 -4.51 17.64
N GLN A 295 17.15 -4.70 18.60
CA GLN A 295 17.19 -3.86 19.79
C GLN A 295 18.14 -2.68 19.64
N HIS A 296 19.27 -2.91 18.98
CA HIS A 296 20.27 -1.85 18.81
C HIS A 296 20.91 -1.89 17.43
N LEU A 297 20.62 -0.88 16.63
CA LEU A 297 21.21 -0.75 15.30
C LEU A 297 22.52 0.00 15.39
N PHE A 298 23.63 -0.72 15.29
CA PHE A 298 24.96 -0.12 15.44
C PHE A 298 25.34 0.68 14.21
N SER A 299 26.51 1.32 14.28
CA SER A 299 27.00 2.16 13.20
C SER A 299 27.28 1.34 11.94
N HIS A 300 28.29 0.47 12.01
CA HIS A 300 28.71 -0.33 10.87
C HIS A 300 27.78 -1.50 10.55
N SER A 301 26.58 -1.48 11.11
CA SER A 301 25.60 -2.53 10.85
C SER A 301 25.26 -2.61 9.37
N LEU A 302 25.12 -1.46 8.74
CA LEU A 302 24.79 -1.40 7.33
C LEU A 302 26.00 -0.92 6.52
N HIS A 303 27.18 -1.41 6.88
CA HIS A 303 28.41 -1.03 6.20
C HIS A 303 28.53 -1.71 4.85
N GLY A 304 28.75 -0.91 3.80
CA GLY A 304 28.99 -1.44 2.47
C GLY A 304 27.74 -1.79 1.68
N LEU A 305 26.63 -1.17 2.03
CA LEU A 305 25.38 -1.36 1.32
C LEU A 305 25.06 -0.14 0.46
N PHE A 306 26.08 0.38 -0.21
CA PHE A 306 25.98 1.64 -0.94
C PHE A 306 25.12 1.54 -2.21
N ASN A 307 24.82 0.33 -2.66
CA ASN A 307 24.04 0.15 -3.86
C ASN A 307 22.57 -0.16 -3.57
N VAL A 308 22.24 -0.28 -2.30
CA VAL A 308 20.87 -0.52 -1.88
C VAL A 308 19.96 0.65 -2.26
N ARG A 309 18.85 0.33 -2.91
CA ARG A 309 17.95 1.37 -3.40
C ARG A 309 16.63 1.38 -2.63
N TYR A 310 16.18 0.21 -2.21
CA TYR A 310 14.95 0.08 -1.42
C TYR A 310 15.25 -0.58 -0.08
N LEU A 311 14.85 0.06 1.00
CA LEU A 311 15.06 -0.50 2.34
C LEU A 311 13.76 -0.54 3.15
N ASN A 312 13.35 -1.74 3.53
CA ASN A 312 12.12 -1.90 4.30
C ASN A 312 12.37 -2.23 5.78
N LEU A 313 12.05 -1.29 6.66
CA LEU A 313 12.28 -1.46 8.09
C LEU A 313 10.99 -1.41 8.92
N LYS A 314 9.88 -1.80 8.29
CA LYS A 314 8.58 -1.79 8.95
C LYS A 314 8.54 -2.79 10.11
N ARG A 315 8.39 -2.25 11.33
CA ARG A 315 8.36 -3.07 12.55
C ARG A 315 9.61 -3.92 12.73
N SER A 316 10.76 -3.39 12.27
CA SER A 316 12.02 -4.11 12.34
C SER A 316 12.67 -4.03 13.71
N PHE A 317 12.26 -3.03 14.49
CA PHE A 317 12.85 -2.79 15.81
C PHE A 317 11.92 -3.26 16.93
N THR A 318 12.53 -3.61 18.07
CA THR A 318 11.79 -4.14 19.21
C THR A 318 10.79 -3.12 19.76
N LYS A 319 9.69 -3.62 20.30
CA LYS A 319 8.67 -2.77 20.90
C LYS A 319 9.10 -2.30 22.28
N GLN A 320 8.41 -1.28 22.80
CA GLN A 320 8.73 -0.74 24.11
C GLN A 320 8.32 -1.73 25.20
N SER A 321 9.24 -2.00 26.12
CA SER A 321 8.99 -2.93 27.21
C SER A 321 8.27 -2.25 28.37
N ILE A 322 8.10 -0.94 28.25
CA ILE A 322 7.41 -0.13 29.26
C ILE A 322 8.07 -0.19 30.64
N SER A 323 8.10 -1.38 31.23
CA SER A 323 8.70 -1.57 32.55
C SER A 323 10.22 -1.57 32.49
N LEU A 324 10.78 -2.38 31.60
CA LEU A 324 12.23 -2.51 31.49
C LEU A 324 12.88 -1.33 30.76
N ALA A 325 12.04 -0.45 30.23
CA ALA A 325 12.51 0.72 29.47
C ALA A 325 13.42 0.33 28.32
N SER A 326 13.06 -0.76 27.64
CA SER A 326 13.86 -1.27 26.53
C SER A 326 13.42 -0.65 25.21
N LEU A 327 13.91 0.55 24.93
CA LEU A 327 13.64 1.22 23.66
C LEU A 327 14.75 0.95 22.66
N PRO A 328 14.37 0.71 21.40
CA PRO A 328 15.34 0.43 20.32
C PRO A 328 16.22 1.64 20.03
N LYS A 329 17.54 1.46 20.16
CA LYS A 329 18.48 2.56 19.94
C LYS A 329 19.07 2.54 18.54
N ILE A 330 19.15 3.71 17.92
CA ILE A 330 19.79 3.85 16.62
C ILE A 330 20.94 4.86 16.72
N ASP A 331 22.15 4.39 16.46
CA ASP A 331 23.34 5.25 16.53
C ASP A 331 23.29 6.31 15.44
N ASP A 332 23.98 7.42 15.69
CA ASP A 332 24.10 8.48 14.70
C ASP A 332 24.85 7.96 13.46
N PHE A 333 24.51 8.52 12.30
CA PHE A 333 25.15 8.15 11.04
C PHE A 333 25.01 6.67 10.73
N SER A 334 23.86 6.08 11.08
CA SER A 334 23.65 4.65 10.84
C SER A 334 23.22 4.38 9.41
N PHE A 335 22.92 5.44 8.67
CA PHE A 335 22.43 5.30 7.29
C PHE A 335 23.39 5.92 6.30
N GLN A 336 24.55 6.40 6.78
CA GLN A 336 25.47 7.16 5.95
C GLN A 336 26.10 6.35 4.82
N TRP A 337 25.92 5.04 4.85
CA TRP A 337 26.51 4.17 3.84
C TRP A 337 25.61 3.95 2.62
N LEU A 338 24.30 4.05 2.82
CA LEU A 338 23.34 3.83 1.75
C LEU A 338 23.24 5.05 0.84
N LYS A 339 24.34 5.34 0.14
CA LYS A 339 24.42 6.52 -0.71
C LYS A 339 23.39 6.52 -1.84
N CYS A 340 23.00 5.33 -2.29
CA CYS A 340 22.03 5.21 -3.38
C CYS A 340 20.64 4.80 -2.89
N LEU A 341 20.38 4.96 -1.60
CA LEU A 341 19.07 4.63 -1.05
C LEU A 341 18.04 5.65 -1.50
N GLU A 342 16.93 5.16 -2.06
CA GLU A 342 15.92 6.03 -2.64
C GLU A 342 14.57 5.93 -1.93
N HIS A 343 14.28 4.75 -1.38
CA HIS A 343 12.99 4.49 -0.74
C HIS A 343 13.18 3.86 0.64
N LEU A 344 12.70 4.57 1.67
CA LEU A 344 12.92 4.15 3.05
C LEU A 344 11.60 3.94 3.80
N ASN A 345 11.34 2.69 4.18
CA ASN A 345 10.10 2.32 4.85
C ASN A 345 10.33 1.93 6.31
N MET A 346 10.33 2.93 7.19
CA MET A 346 10.62 2.69 8.60
C MET A 346 9.37 2.72 9.48
N GLU A 347 8.20 2.56 8.86
CA GLU A 347 6.94 2.75 9.57
C GLU A 347 6.68 1.73 10.69
N ASP A 348 5.83 2.12 11.63
CA ASP A 348 5.41 1.26 12.75
C ASP A 348 6.56 0.79 13.63
N ASN A 349 7.20 1.72 14.32
CA ASN A 349 8.29 1.40 15.25
C ASN A 349 8.19 2.18 16.55
N ASP A 350 9.07 1.85 17.50
CA ASP A 350 9.09 2.53 18.79
C ASP A 350 10.41 3.25 19.03
N ILE A 351 10.87 3.99 18.03
CA ILE A 351 12.09 4.78 18.11
C ILE A 351 11.84 6.02 18.96
N PRO A 352 12.74 6.33 19.90
CA PRO A 352 12.58 7.49 20.79
C PRO A 352 12.37 8.81 20.04
N GLY A 353 13.28 9.13 19.11
CA GLY A 353 13.17 10.35 18.35
C GLY A 353 14.22 10.44 17.26
N ILE A 354 14.10 11.47 16.42
CA ILE A 354 15.05 11.68 15.33
C ILE A 354 16.29 12.43 15.81
N LYS A 355 17.41 11.73 15.86
CA LYS A 355 18.67 12.33 16.29
C LYS A 355 19.15 13.37 15.29
N SER A 356 20.07 14.21 15.73
CA SER A 356 20.60 15.30 14.91
C SER A 356 21.25 14.78 13.61
N ASN A 357 21.87 13.61 13.70
CA ASN A 357 22.52 13.01 12.55
C ASN A 357 22.02 11.61 12.25
N MET A 358 20.70 11.45 12.28
CA MET A 358 20.09 10.14 12.05
C MET A 358 20.16 9.75 10.58
N PHE A 359 19.59 10.59 9.72
CA PHE A 359 19.51 10.29 8.29
C PHE A 359 20.67 10.88 7.51
N THR A 360 21.73 11.29 8.20
CA THR A 360 22.87 11.91 7.55
C THR A 360 23.57 10.95 6.60
N GLY A 361 23.59 11.29 5.31
CA GLY A 361 24.29 10.50 4.33
C GLY A 361 23.44 10.07 3.14
N LEU A 362 22.15 9.90 3.37
CA LEU A 362 21.24 9.46 2.33
C LEU A 362 21.06 10.52 1.25
N ILE A 363 22.05 10.65 0.38
CA ILE A 363 22.08 11.72 -0.61
C ILE A 363 21.18 11.47 -1.84
N ASN A 364 20.47 10.34 -1.82
CA ASN A 364 19.56 10.02 -2.91
C ASN A 364 18.15 9.71 -2.42
N LEU A 365 17.93 9.88 -1.11
CA LEU A 365 16.65 9.59 -0.49
C LEU A 365 15.54 10.45 -1.08
N LYS A 366 14.51 9.81 -1.61
CA LYS A 366 13.39 10.52 -2.22
C LYS A 366 12.08 10.25 -1.50
N TYR A 367 11.98 9.09 -0.86
CA TYR A 367 10.78 8.72 -0.12
C TYR A 367 11.12 8.30 1.31
N LEU A 368 10.51 8.96 2.28
CA LEU A 368 10.70 8.59 3.68
C LEU A 368 9.37 8.39 4.40
N SER A 369 9.11 7.14 4.79
CA SER A 369 7.90 6.83 5.53
C SER A 369 8.20 6.66 7.01
N LEU A 370 7.74 7.60 7.83
CA LEU A 370 7.98 7.55 9.26
C LEU A 370 6.67 7.36 10.04
N SER A 371 5.69 6.78 9.38
CA SER A 371 4.37 6.54 9.98
C SER A 371 4.46 5.65 11.20
N ASN A 372 4.14 6.22 12.36
CA ASN A 372 4.20 5.49 13.64
C ASN A 372 5.57 4.92 13.92
N SER A 373 6.60 5.58 13.41
CA SER A 373 7.97 5.12 13.58
C SER A 373 8.52 5.48 14.96
N PHE A 374 7.82 6.38 15.65
CA PHE A 374 8.32 6.92 16.90
C PHE A 374 7.33 6.78 18.05
N THR A 375 7.86 6.60 19.25
CA THR A 375 7.05 6.49 20.45
C THR A 375 6.25 7.77 20.66
N SER A 376 6.96 8.89 20.67
CA SER A 376 6.33 10.20 20.83
C SER A 376 7.21 11.32 20.28
N LEU A 377 6.93 11.73 19.05
CA LEU A 377 7.62 12.86 18.45
C LEU A 377 6.71 14.08 18.57
N ARG A 378 6.53 14.54 19.81
CA ARG A 378 5.52 15.54 20.13
C ARG A 378 5.81 16.96 19.63
N THR A 379 7.07 17.27 19.41
CA THR A 379 7.44 18.62 18.97
C THR A 379 8.45 18.61 17.83
N LEU A 380 8.10 19.31 16.74
CA LEU A 380 8.97 19.41 15.58
C LEU A 380 9.69 20.75 15.53
N THR A 381 10.95 20.76 15.96
CA THR A 381 11.75 21.97 15.96
C THR A 381 12.49 22.14 14.64
N ASN A 382 13.24 23.23 14.51
CA ASN A 382 14.01 23.48 13.29
C ASN A 382 15.27 22.62 13.23
N GLU A 383 15.53 21.87 14.30
CA GLU A 383 16.71 21.01 14.37
C GLU A 383 16.33 19.53 14.28
N THR A 384 15.04 19.25 14.14
CA THR A 384 14.57 17.88 14.08
C THR A 384 15.00 17.20 12.78
N PHE A 385 14.68 17.83 11.66
CA PHE A 385 15.02 17.25 10.36
C PHE A 385 16.28 17.89 9.77
N VAL A 386 17.24 18.17 10.63
CA VAL A 386 18.51 18.74 10.18
C VAL A 386 19.33 17.66 9.47
N SER A 387 19.06 16.41 9.79
CA SER A 387 19.78 15.29 9.20
C SER A 387 19.29 14.99 7.78
N LEU A 388 18.25 15.69 7.35
CA LEU A 388 17.73 15.56 6.00
C LEU A 388 18.02 16.81 5.20
N ALA A 389 19.06 17.53 5.60
CA ALA A 389 19.42 18.79 4.95
C ALA A 389 19.88 18.57 3.51
N HIS A 390 20.71 17.55 3.29
CA HIS A 390 21.29 17.29 1.98
C HIS A 390 20.61 16.13 1.25
N SER A 391 19.36 15.85 1.62
CA SER A 391 18.61 14.79 0.97
C SER A 391 17.53 15.37 0.05
N PRO A 392 17.41 14.83 -1.17
CA PRO A 392 16.43 15.28 -2.16
C PRO A 392 15.05 14.67 -1.91
N LEU A 393 14.58 14.76 -0.67
CA LEU A 393 13.31 14.15 -0.27
C LEU A 393 12.11 14.77 -1.00
N HIS A 394 11.27 13.93 -1.57
CA HIS A 394 10.08 14.39 -2.28
C HIS A 394 8.80 14.05 -1.52
N ILE A 395 8.79 12.91 -0.86
CA ILE A 395 7.61 12.47 -0.12
C ILE A 395 7.93 12.10 1.33
N LEU A 396 7.30 12.80 2.26
CA LEU A 396 7.52 12.57 3.69
C LEU A 396 6.22 12.19 4.40
N ASN A 397 6.23 11.02 5.03
CA ASN A 397 5.03 10.52 5.71
C ASN A 397 5.19 10.52 7.23
N LEU A 398 4.51 11.44 7.90
CA LEU A 398 4.63 11.60 9.35
C LEU A 398 3.33 11.31 10.09
N THR A 399 2.52 10.40 9.57
CA THR A 399 1.26 10.06 10.20
C THR A 399 1.46 9.20 11.45
N LYS A 400 0.45 9.21 12.33
CA LYS A 400 0.41 8.32 13.47
C LYS A 400 1.63 8.42 14.40
N ASN A 401 2.15 9.63 14.57
CA ASN A 401 3.35 9.83 15.38
C ASN A 401 3.12 10.64 16.65
N LYS A 402 1.86 10.88 16.99
CA LYS A 402 1.49 11.62 18.19
C LYS A 402 2.13 13.01 18.25
N ILE A 403 2.25 13.65 17.09
CA ILE A 403 2.80 15.00 17.02
C ILE A 403 1.76 16.02 17.50
N SER A 404 2.16 16.85 18.46
CA SER A 404 1.23 17.80 19.07
C SER A 404 1.55 19.26 18.74
N LYS A 405 2.77 19.52 18.28
CA LYS A 405 3.20 20.88 18.01
C LYS A 405 4.26 20.96 16.89
N ILE A 406 3.99 21.81 15.91
CA ILE A 406 4.96 22.06 14.84
C ILE A 406 5.52 23.47 14.97
N GLU A 407 6.75 23.57 15.45
CA GLU A 407 7.39 24.86 15.65
C GLU A 407 7.75 25.54 14.33
N SER A 408 8.11 26.81 14.41
CA SER A 408 8.42 27.60 13.23
C SER A 408 9.69 27.11 12.53
N ASP A 409 9.68 27.21 11.19
CA ASP A 409 10.83 26.87 10.37
C ASP A 409 11.29 25.42 10.57
N ALA A 410 10.34 24.52 10.76
CA ALA A 410 10.66 23.12 11.06
C ALA A 410 11.01 22.33 9.81
N PHE A 411 10.40 22.69 8.68
CA PHE A 411 10.64 21.99 7.42
C PHE A 411 11.49 22.82 6.47
N SER A 412 12.48 23.52 7.02
CA SER A 412 13.34 24.39 6.21
C SER A 412 14.35 23.59 5.39
N TRP A 413 14.72 22.41 5.89
CA TRP A 413 15.77 21.61 5.28
C TRP A 413 15.26 20.79 4.10
N LEU A 414 13.94 20.76 3.92
CA LEU A 414 13.33 19.92 2.89
C LEU A 414 12.85 20.74 1.71
N GLY A 415 13.77 21.44 1.06
CA GLY A 415 13.44 22.33 -0.05
C GLY A 415 12.77 21.66 -1.23
N HIS A 416 13.09 20.38 -1.45
CA HIS A 416 12.57 19.66 -2.60
C HIS A 416 11.35 18.82 -2.26
N LEU A 417 10.83 18.97 -1.05
CA LEU A 417 9.68 18.19 -0.61
C LEU A 417 8.44 18.55 -1.42
N GLU A 418 7.71 17.53 -1.86
CA GLU A 418 6.51 17.74 -2.66
C GLU A 418 5.25 17.32 -1.90
N VAL A 419 5.28 16.10 -1.35
CA VAL A 419 4.14 15.56 -0.63
C VAL A 419 4.44 15.44 0.86
N LEU A 420 3.67 16.15 1.68
CA LEU A 420 3.88 16.09 3.12
C LEU A 420 2.61 15.61 3.82
N ASP A 421 2.70 14.45 4.48
CA ASP A 421 1.55 13.92 5.20
C ASP A 421 1.70 14.11 6.70
N LEU A 422 0.94 15.06 7.25
CA LEU A 422 0.97 15.35 8.67
C LEU A 422 -0.33 14.97 9.35
N GLY A 423 -1.13 14.17 8.66
CA GLY A 423 -2.40 13.74 9.21
C GLY A 423 -2.24 12.73 10.33
N LEU A 424 -3.34 12.37 10.97
CA LEU A 424 -3.34 11.36 12.02
C LEU A 424 -2.41 11.69 13.19
N ASN A 425 -2.51 12.92 13.69
CA ASN A 425 -1.70 13.35 14.83
C ASN A 425 -2.49 14.16 15.85
N GLU A 426 -1.81 14.61 16.89
CA GLU A 426 -2.43 15.41 17.94
C GLU A 426 -2.18 16.90 17.69
N ILE A 427 -1.84 17.24 16.46
CA ILE A 427 -1.47 18.61 16.11
C ILE A 427 -2.58 19.61 16.46
N GLY A 428 -2.35 20.39 17.51
CA GLY A 428 -3.27 21.42 17.94
C GLY A 428 -2.57 22.74 18.15
N GLN A 429 -2.66 23.63 17.17
CA GLN A 429 -1.92 24.88 17.23
C GLN A 429 -2.44 25.93 16.26
N GLU A 430 -1.79 27.09 16.26
CA GLU A 430 -2.11 28.17 15.34
C GLU A 430 -1.13 28.16 14.17
N LEU A 431 -1.65 28.14 12.95
CA LEU A 431 -0.80 28.14 11.77
C LEU A 431 -0.24 29.54 11.49
N THR A 432 0.98 29.78 11.96
CA THR A 432 1.62 31.07 11.81
C THR A 432 2.14 31.28 10.40
N GLY A 433 2.31 30.18 9.67
CA GLY A 433 2.84 30.23 8.32
C GLY A 433 4.30 29.86 8.28
N GLN A 434 4.96 29.96 9.44
CA GLN A 434 6.38 29.70 9.54
C GLN A 434 6.69 28.21 9.53
N GLU A 435 5.67 27.39 9.70
CA GLU A 435 5.84 25.95 9.67
C GLU A 435 6.31 25.52 8.29
N TRP A 436 5.75 26.15 7.26
CA TRP A 436 5.97 25.72 5.90
C TRP A 436 7.14 26.41 5.20
N ARG A 437 7.94 27.15 5.97
CA ARG A 437 9.06 27.88 5.39
C ARG A 437 10.09 26.92 4.81
N GLY A 438 10.54 27.20 3.59
CA GLY A 438 11.54 26.37 2.93
C GLY A 438 10.93 25.46 1.88
N LEU A 439 9.62 25.22 1.98
CA LEU A 439 8.92 24.34 1.05
C LEU A 439 8.57 25.08 -0.23
N GLU A 440 9.49 25.07 -1.19
CA GLU A 440 9.30 25.79 -2.44
C GLU A 440 8.87 24.86 -3.57
N ASN A 441 8.87 23.56 -3.29
CA ASN A 441 8.42 22.56 -4.25
C ASN A 441 7.18 21.80 -3.76
N ILE A 442 6.59 22.31 -2.67
CA ILE A 442 5.44 21.65 -2.05
C ILE A 442 4.27 21.50 -3.01
N PHE A 443 3.65 20.32 -3.00
CA PHE A 443 2.51 20.05 -3.88
C PHE A 443 1.25 19.78 -3.07
N GLU A 444 1.34 18.88 -2.09
CA GLU A 444 0.19 18.57 -1.26
C GLU A 444 0.51 18.43 0.22
N ILE A 445 -0.35 19.03 1.05
CA ILE A 445 -0.22 18.96 2.49
C ILE A 445 -1.43 18.29 3.13
N TYR A 446 -1.18 17.17 3.80
CA TYR A 446 -2.22 16.46 4.52
C TYR A 446 -2.18 16.87 5.99
N LEU A 447 -3.33 17.27 6.53
CA LEU A 447 -3.43 17.62 7.93
C LEU A 447 -4.61 16.94 8.60
N SER A 448 -5.33 16.13 7.82
CA SER A 448 -6.57 15.49 8.26
C SER A 448 -6.46 14.74 9.58
N TYR A 449 -7.58 14.69 10.32
CA TYR A 449 -7.65 14.00 11.60
C TYR A 449 -6.63 14.51 12.63
N ASN A 450 -6.94 15.65 13.23
CA ASN A 450 -6.09 16.23 14.27
C ASN A 450 -6.90 16.93 15.36
N LYS A 451 -6.19 17.61 16.26
CA LYS A 451 -6.85 18.33 17.35
C LYS A 451 -7.52 19.60 16.82
N TYR A 452 -6.77 20.69 16.78
CA TYR A 452 -7.31 21.95 16.29
C TYR A 452 -6.30 22.79 15.51
N LEU A 453 -6.80 23.53 14.53
CA LEU A 453 -5.98 24.44 13.73
C LEU A 453 -6.57 25.84 13.76
N GLN A 454 -5.88 26.77 14.44
CA GLN A 454 -6.29 28.16 14.45
C GLN A 454 -5.67 28.90 13.28
N LEU A 455 -6.46 29.18 12.26
CA LEU A 455 -5.98 29.81 11.05
C LEU A 455 -5.75 31.31 11.23
N THR A 456 -4.84 31.86 10.44
CA THR A 456 -4.61 33.30 10.39
C THR A 456 -4.67 33.73 8.93
N ARG A 457 -4.33 34.99 8.65
CA ARG A 457 -4.28 35.47 7.29
C ARG A 457 -3.01 35.00 6.58
N ASN A 458 -1.94 34.83 7.36
CA ASN A 458 -0.65 34.44 6.81
C ASN A 458 -0.28 32.98 7.11
N SER A 459 -1.29 32.12 7.18
CA SER A 459 -1.06 30.71 7.49
C SER A 459 -0.40 29.98 6.32
N PHE A 460 -0.92 30.20 5.11
CA PHE A 460 -0.40 29.52 3.93
C PHE A 460 0.22 30.50 2.95
N ALA A 461 0.68 31.63 3.47
CA ALA A 461 1.26 32.68 2.64
C ALA A 461 2.61 32.27 2.07
N LEU A 462 3.32 31.43 2.82
CA LEU A 462 4.67 31.04 2.42
C LEU A 462 4.69 29.86 1.44
N VAL A 463 3.52 29.32 1.12
CA VAL A 463 3.42 28.21 0.18
C VAL A 463 2.31 28.39 -0.86
N PRO A 464 2.45 29.38 -1.75
CA PRO A 464 1.41 29.66 -2.75
C PRO A 464 1.40 28.64 -3.88
N SER A 465 2.34 27.71 -3.85
CA SER A 465 2.45 26.69 -4.88
C SER A 465 1.74 25.40 -4.49
N LEU A 466 1.05 25.44 -3.34
CA LEU A 466 0.32 24.29 -2.84
C LEU A 466 -0.90 24.02 -3.72
N GLN A 467 -1.12 22.76 -4.07
CA GLN A 467 -2.20 22.39 -4.97
C GLN A 467 -3.27 21.51 -4.31
N ARG A 468 -2.84 20.67 -3.37
CA ARG A 468 -3.80 19.86 -2.60
C ARG A 468 -3.66 20.14 -1.10
N LEU A 469 -4.78 20.47 -0.47
CA LEU A 469 -4.80 20.76 0.95
C LEU A 469 -5.88 19.94 1.65
N MET A 470 -5.46 19.05 2.56
CA MET A 470 -6.40 18.17 3.23
C MET A 470 -6.58 18.54 4.71
N LEU A 471 -7.77 19.07 5.02
CA LEU A 471 -8.08 19.47 6.39
C LEU A 471 -9.34 18.75 6.87
N ARG A 472 -9.38 17.43 6.63
CA ARG A 472 -10.54 16.61 6.98
C ARG A 472 -10.59 16.30 8.47
N ARG A 473 -11.58 16.86 9.16
CA ARG A 473 -11.78 16.67 10.59
C ARG A 473 -10.59 17.13 11.43
N VAL A 474 -10.35 18.44 11.45
CA VAL A 474 -9.22 19.00 12.20
C VAL A 474 -9.62 20.23 13.02
N ALA A 475 -10.90 20.59 12.97
CA ALA A 475 -11.42 21.76 13.68
C ALA A 475 -10.73 23.05 13.26
N LEU A 476 -11.32 23.75 12.29
CA LEU A 476 -10.76 24.99 11.80
C LEU A 476 -11.24 26.20 12.61
N LYS A 477 -10.30 26.84 13.31
CA LYS A 477 -10.60 28.08 14.01
C LYS A 477 -10.24 29.26 13.12
N ASN A 478 -11.01 30.34 13.22
CA ASN A 478 -10.80 31.54 12.41
C ASN A 478 -10.84 31.28 10.90
N VAL A 479 -11.60 30.28 10.49
CA VAL A 479 -11.80 30.01 9.07
C VAL A 479 -12.75 31.06 8.49
N ASP A 480 -13.40 31.80 9.39
CA ASP A 480 -14.29 32.88 8.99
C ASP A 480 -13.58 34.23 9.04
N SER A 481 -12.33 34.24 8.58
CA SER A 481 -11.54 35.48 8.54
C SER A 481 -11.83 36.25 7.27
N SER A 482 -11.75 37.58 7.34
CA SER A 482 -12.06 38.42 6.18
C SER A 482 -11.04 38.26 5.04
N PRO A 483 -9.74 38.47 5.31
CA PRO A 483 -8.83 37.97 4.28
C PRO A 483 -8.65 36.48 4.49
N SER A 484 -9.11 35.68 3.54
CA SER A 484 -9.10 34.23 3.68
C SER A 484 -7.72 33.68 3.99
N PRO A 485 -7.66 32.66 4.87
CA PRO A 485 -6.41 31.94 5.12
C PRO A 485 -5.97 31.23 3.85
N PHE A 486 -6.94 30.93 2.99
CA PHE A 486 -6.71 30.21 1.74
C PHE A 486 -6.35 31.16 0.61
N GLN A 487 -6.47 32.46 0.86
CA GLN A 487 -6.22 33.48 -0.15
C GLN A 487 -4.90 33.36 -0.94
N PRO A 488 -3.78 33.09 -0.26
CA PRO A 488 -2.53 32.99 -1.04
C PRO A 488 -2.44 31.72 -1.88
N LEU A 489 -3.30 30.73 -1.61
CA LEU A 489 -3.27 29.46 -2.34
C LEU A 489 -3.96 29.58 -3.69
N ARG A 490 -3.25 30.17 -4.66
CA ARG A 490 -3.81 30.39 -5.99
C ARG A 490 -3.90 29.10 -6.79
N ASN A 491 -2.84 28.30 -6.73
CA ASN A 491 -2.76 27.07 -7.50
C ASN A 491 -3.43 25.88 -6.82
N LEU A 492 -4.16 26.15 -5.74
CA LEU A 492 -4.84 25.10 -4.99
C LEU A 492 -5.93 24.46 -5.86
N THR A 493 -5.80 23.16 -6.11
CA THR A 493 -6.72 22.46 -7.00
C THR A 493 -7.70 21.55 -6.26
N ILE A 494 -7.27 21.04 -5.09
CA ILE A 494 -8.12 20.19 -4.27
C ILE A 494 -8.12 20.68 -2.82
N LEU A 495 -9.31 20.91 -2.28
CA LEU A 495 -9.45 21.40 -0.91
C LEU A 495 -10.46 20.56 -0.13
N ASP A 496 -9.98 19.91 0.93
CA ASP A 496 -10.85 19.09 1.77
C ASP A 496 -11.10 19.75 3.12
N LEU A 497 -12.36 20.09 3.38
CA LEU A 497 -12.75 20.72 4.64
C LEU A 497 -13.92 19.97 5.27
N SER A 498 -13.97 18.67 5.06
CA SER A 498 -15.08 17.84 5.51
C SER A 498 -14.94 17.39 6.96
N ASN A 499 -16.07 17.00 7.55
CA ASN A 499 -16.12 16.44 8.90
C ASN A 499 -15.57 17.37 10.00
N ASN A 500 -15.59 18.67 9.74
CA ASN A 500 -15.09 19.63 10.72
C ASN A 500 -16.23 20.33 11.46
N ASN A 501 -17.46 20.08 11.03
CA ASN A 501 -18.65 20.68 11.62
C ASN A 501 -18.55 22.21 11.69
N ILE A 502 -18.17 22.82 10.56
CA ILE A 502 -18.00 24.26 10.49
C ILE A 502 -19.36 24.98 10.45
N ALA A 503 -19.54 25.95 11.34
CA ALA A 503 -20.82 26.62 11.50
C ALA A 503 -20.89 27.98 10.83
N ASN A 504 -19.73 28.56 10.55
CA ASN A 504 -19.68 29.88 9.90
C ASN A 504 -18.57 30.00 8.85
N ILE A 505 -18.94 30.51 7.68
CA ILE A 505 -18.02 30.67 6.57
C ILE A 505 -18.33 31.95 5.81
N ASN A 506 -17.31 32.79 5.62
CA ASN A 506 -17.47 34.02 4.85
C ASN A 506 -17.42 33.77 3.36
N ASP A 507 -18.06 34.65 2.60
CA ASP A 507 -18.13 34.51 1.15
C ASP A 507 -16.75 34.57 0.49
N ASP A 508 -15.81 35.25 1.13
CA ASP A 508 -14.48 35.44 0.58
C ASP A 508 -13.50 34.35 1.01
N MET A 509 -14.03 33.22 1.47
CA MET A 509 -13.18 32.12 1.92
C MET A 509 -12.49 31.43 0.75
N LEU A 510 -13.24 31.24 -0.34
CA LEU A 510 -12.72 30.55 -1.52
C LEU A 510 -12.32 31.53 -2.62
N GLU A 511 -12.42 32.81 -2.32
CA GLU A 511 -11.95 33.85 -3.24
C GLU A 511 -10.44 33.72 -3.43
N GLY A 512 -9.99 33.73 -4.67
CA GLY A 512 -8.58 33.61 -4.97
C GLY A 512 -8.16 32.19 -5.29
N LEU A 513 -9.13 31.28 -5.31
CA LEU A 513 -8.88 29.89 -5.66
C LEU A 513 -9.55 29.56 -6.99
N GLU A 514 -9.18 30.28 -8.03
CA GLU A 514 -9.80 30.11 -9.34
C GLU A 514 -9.48 28.77 -9.97
N LYS A 515 -8.37 28.16 -9.55
CA LYS A 515 -7.95 26.88 -10.11
C LYS A 515 -8.48 25.70 -9.30
N LEU A 516 -9.30 25.99 -8.30
CA LEU A 516 -9.87 24.95 -7.45
C LEU A 516 -10.81 24.05 -8.25
N GLU A 517 -10.56 22.75 -8.21
CA GLU A 517 -11.35 21.79 -8.99
C GLU A 517 -12.21 20.90 -8.10
N ILE A 518 -11.63 20.43 -7.00
CA ILE A 518 -12.33 19.52 -6.10
C ILE A 518 -12.51 20.14 -4.72
N LEU A 519 -13.75 20.17 -4.25
CA LEU A 519 -14.08 20.81 -2.98
C LEU A 519 -14.92 19.88 -2.09
N ASP A 520 -14.33 19.45 -0.99
CA ASP A 520 -15.05 18.60 -0.04
C ASP A 520 -15.51 19.41 1.16
N LEU A 521 -16.82 19.52 1.33
CA LEU A 521 -17.40 20.30 2.42
C LEU A 521 -18.49 19.53 3.16
N GLN A 522 -18.46 18.20 3.06
CA GLN A 522 -19.50 17.39 3.68
C GLN A 522 -19.35 17.31 5.20
N HIS A 523 -20.46 17.01 5.88
CA HIS A 523 -20.48 16.86 7.33
C HIS A 523 -20.06 18.12 8.09
N ASN A 524 -20.75 19.22 7.82
CA ASN A 524 -20.58 20.45 8.56
C ASN A 524 -21.94 21.07 8.88
N ASN A 525 -21.95 22.31 9.34
CA ASN A 525 -23.20 22.98 9.67
C ASN A 525 -23.35 24.26 8.86
N LEU A 526 -23.58 24.11 7.56
CA LEU A 526 -23.64 25.24 6.65
C LEU A 526 -25.06 25.60 6.21
N ALA A 527 -26.04 24.95 6.82
CA ALA A 527 -27.44 25.18 6.47
C ALA A 527 -27.85 26.63 6.74
N ARG A 528 -27.40 27.16 7.87
CA ARG A 528 -27.72 28.51 8.31
C ARG A 528 -27.31 29.56 7.29
N LEU A 529 -26.28 29.25 6.51
CA LEU A 529 -25.75 30.19 5.52
C LEU A 529 -26.58 30.20 4.23
N TRP A 530 -27.42 29.19 4.05
CA TRP A 530 -28.22 29.08 2.83
C TRP A 530 -29.72 29.25 3.05
N LYS A 531 -30.08 29.81 4.20
CA LYS A 531 -31.47 30.15 4.46
C LYS A 531 -31.68 31.63 4.16
N HIS A 532 -32.86 31.98 3.64
CA HIS A 532 -33.16 33.35 3.27
C HIS A 532 -33.30 34.25 4.49
N ALA A 533 -33.55 33.63 5.65
CA ALA A 533 -33.74 34.37 6.88
C ALA A 533 -32.41 34.68 7.57
N ASN A 534 -31.32 34.29 6.94
CA ASN A 534 -29.98 34.56 7.47
C ASN A 534 -29.67 36.05 7.47
N PRO A 535 -29.35 36.61 8.65
CA PRO A 535 -29.01 38.03 8.82
C PRO A 535 -27.90 38.48 7.86
N GLY A 536 -28.25 39.33 6.90
CA GLY A 536 -27.31 39.80 5.91
C GLY A 536 -27.51 39.13 4.58
N GLY A 537 -28.38 38.14 4.55
CA GLY A 537 -28.67 37.39 3.34
C GLY A 537 -27.86 36.11 3.26
N PRO A 538 -28.15 35.26 2.26
CA PRO A 538 -27.43 34.00 2.05
C PRO A 538 -25.96 34.25 1.69
N ILE A 539 -25.10 33.31 2.05
CA ILE A 539 -23.67 33.41 1.75
C ILE A 539 -23.31 32.70 0.46
N TYR A 540 -23.03 33.46 -0.58
CA TYR A 540 -22.63 32.91 -1.87
C TYR A 540 -21.11 32.78 -1.95
N PHE A 541 -20.58 31.69 -1.42
CA PHE A 541 -19.14 31.48 -1.36
C PHE A 541 -18.62 30.77 -2.61
N LEU A 542 -19.53 30.35 -3.47
CA LEU A 542 -19.17 29.61 -4.67
C LEU A 542 -19.07 30.49 -5.90
N LYS A 543 -19.01 31.81 -5.68
CA LYS A 543 -18.88 32.74 -6.78
C LYS A 543 -17.42 32.87 -7.25
N GLY A 544 -17.20 32.74 -8.55
CA GLY A 544 -15.88 32.90 -9.12
C GLY A 544 -15.12 31.62 -9.35
N LEU A 545 -15.67 30.51 -8.85
CA LEU A 545 -15.03 29.21 -9.00
C LEU A 545 -15.26 28.62 -10.39
N SER A 546 -14.65 29.24 -11.39
CA SER A 546 -14.86 28.88 -12.79
C SER A 546 -14.35 27.47 -13.11
N HIS A 547 -13.22 27.09 -12.50
CA HIS A 547 -12.61 25.80 -12.78
C HIS A 547 -13.01 24.72 -11.78
N LEU A 548 -14.11 24.96 -11.07
CA LEU A 548 -14.62 23.98 -10.11
C LEU A 548 -15.21 22.78 -10.85
N HIS A 549 -14.76 21.58 -10.48
CA HIS A 549 -15.22 20.36 -11.16
C HIS A 549 -16.09 19.50 -10.26
N ILE A 550 -15.58 19.12 -9.09
CA ILE A 550 -16.31 18.27 -8.17
C ILE A 550 -16.66 19.00 -6.88
N LEU A 551 -17.94 19.02 -6.55
CA LEU A 551 -18.41 19.67 -5.32
C LEU A 551 -19.16 18.71 -4.41
N ASN A 552 -18.76 18.66 -3.14
CA ASN A 552 -19.44 17.82 -2.17
C ASN A 552 -20.04 18.66 -1.04
N LEU A 553 -21.37 18.61 -0.93
CA LEU A 553 -22.08 19.38 0.10
C LEU A 553 -23.05 18.52 0.89
N GLU A 554 -22.69 17.25 1.08
CA GLU A 554 -23.55 16.33 1.81
C GLU A 554 -23.50 16.57 3.31
N SER A 555 -24.50 16.06 4.02
CA SER A 555 -24.51 16.04 5.48
C SER A 555 -24.37 17.42 6.14
N ASN A 556 -24.93 18.45 5.50
CA ASN A 556 -24.86 19.80 6.04
C ASN A 556 -26.17 20.31 6.62
N GLY A 557 -27.19 19.45 6.60
CA GLY A 557 -28.49 19.82 7.13
C GLY A 557 -29.18 20.86 6.26
N PHE A 558 -28.76 20.94 5.00
CA PHE A 558 -29.35 21.87 4.04
C PHE A 558 -30.84 21.61 3.86
N ASP A 559 -31.65 22.65 4.02
CA ASP A 559 -33.08 22.55 3.77
C ASP A 559 -33.53 23.61 2.77
N GLU A 560 -32.67 24.59 2.53
CA GLU A 560 -32.93 25.63 1.55
C GLU A 560 -31.73 25.83 0.63
N ILE A 561 -32.00 26.15 -0.63
CA ILE A 561 -30.95 26.45 -1.59
C ILE A 561 -31.28 27.75 -2.34
N PRO A 562 -30.47 28.79 -2.12
CA PRO A 562 -30.64 30.04 -2.87
C PRO A 562 -30.48 29.78 -4.37
N VAL A 563 -31.26 30.48 -5.17
CA VAL A 563 -31.33 30.21 -6.61
C VAL A 563 -30.00 30.43 -7.34
N GLU A 564 -29.21 31.39 -6.87
CA GLU A 564 -27.97 31.75 -7.57
C GLU A 564 -26.70 31.37 -6.80
N VAL A 565 -26.65 30.15 -6.29
CA VAL A 565 -25.44 29.68 -5.60
C VAL A 565 -24.49 28.99 -6.57
N PHE A 566 -25.05 28.30 -7.56
CA PHE A 566 -24.26 27.54 -8.53
C PHE A 566 -24.23 28.25 -9.87
N LYS A 567 -24.39 29.57 -9.85
CA LYS A 567 -24.49 30.36 -11.07
C LYS A 567 -23.16 30.48 -11.81
N ASP A 568 -22.06 30.43 -11.07
CA ASP A 568 -20.73 30.62 -11.65
C ASP A 568 -19.96 29.31 -11.78
N LEU A 569 -20.62 28.20 -11.50
CA LEU A 569 -19.99 26.88 -11.56
C LEU A 569 -20.23 26.23 -12.91
N PHE A 570 -19.63 26.81 -13.95
CA PHE A 570 -19.85 26.34 -15.32
C PHE A 570 -19.21 25.00 -15.62
N GLU A 571 -17.98 24.81 -15.12
CA GLU A 571 -17.26 23.57 -15.36
C GLU A 571 -17.54 22.51 -14.31
N LEU A 572 -18.58 22.74 -13.50
CA LEU A 572 -18.95 21.79 -12.44
C LEU A 572 -19.42 20.47 -13.05
N LYS A 573 -18.68 19.40 -12.78
CA LYS A 573 -18.98 18.09 -13.35
C LYS A 573 -19.80 17.22 -12.40
N ILE A 574 -19.39 17.19 -11.14
CA ILE A 574 -20.05 16.35 -10.14
C ILE A 574 -20.57 17.20 -8.97
N ILE A 575 -21.80 16.93 -8.54
CA ILE A 575 -22.35 17.62 -7.37
C ILE A 575 -23.06 16.66 -6.42
N ASP A 576 -22.67 16.71 -5.15
CA ASP A 576 -23.23 15.81 -4.14
C ASP A 576 -23.96 16.57 -3.03
N LEU A 577 -25.29 16.56 -3.08
CA LEU A 577 -26.10 17.23 -2.08
C LEU A 577 -26.89 16.23 -1.23
N GLY A 578 -26.40 15.00 -1.17
CA GLY A 578 -27.09 13.94 -0.45
C GLY A 578 -27.09 14.12 1.05
N LEU A 579 -27.87 13.29 1.73
CA LEU A 579 -27.92 13.29 3.19
C LEU A 579 -28.30 14.64 3.81
N ASN A 580 -29.26 15.32 3.19
CA ASN A 580 -29.73 16.60 3.72
C ASN A 580 -31.25 16.66 3.86
N ASN A 581 -31.75 17.82 4.28
CA ASN A 581 -33.18 17.98 4.50
C ASN A 581 -33.85 18.79 3.39
N LEU A 582 -33.29 18.68 2.18
CA LEU A 582 -33.79 19.44 1.03
C LEU A 582 -35.19 18.98 0.62
N ASN A 583 -36.00 19.93 0.15
CA ASN A 583 -37.36 19.65 -0.28
C ASN A 583 -37.76 20.51 -1.47
N THR A 584 -37.84 21.82 -1.24
CA THR A 584 -38.25 22.75 -2.28
C THR A 584 -37.05 23.47 -2.90
N LEU A 585 -36.82 23.23 -4.18
CA LEU A 585 -35.74 23.88 -4.90
C LEU A 585 -36.29 24.96 -5.83
N PRO A 586 -35.61 26.12 -5.88
CA PRO A 586 -36.03 27.21 -6.76
C PRO A 586 -35.77 26.86 -8.22
N ALA A 587 -36.51 27.50 -9.13
CA ALA A 587 -36.37 27.23 -10.55
C ALA A 587 -35.04 27.74 -11.09
N SER A 588 -34.53 27.05 -12.11
CA SER A 588 -33.31 27.45 -12.81
C SER A 588 -32.10 27.59 -11.89
N VAL A 589 -31.93 26.64 -10.98
CA VAL A 589 -30.80 26.65 -10.07
C VAL A 589 -29.61 25.90 -10.69
N PHE A 590 -29.91 24.94 -11.55
CA PHE A 590 -28.88 24.19 -12.26
C PHE A 590 -28.77 24.65 -13.72
N ASN A 591 -29.35 25.81 -14.01
CA ASN A 591 -29.41 26.30 -15.39
C ASN A 591 -28.04 26.58 -16.03
N ASN A 592 -27.05 26.89 -15.20
CA ASN A 592 -25.72 27.21 -15.70
C ASN A 592 -24.76 26.02 -15.69
N GLN A 593 -25.21 24.91 -15.11
CA GLN A 593 -24.40 23.70 -15.08
C GLN A 593 -24.51 22.93 -16.38
N VAL A 594 -23.65 23.28 -17.34
CA VAL A 594 -23.67 22.65 -18.66
C VAL A 594 -22.73 21.45 -18.73
N SER A 595 -21.80 21.38 -17.79
CA SER A 595 -20.82 20.29 -17.76
C SER A 595 -21.16 19.26 -16.70
N LEU A 596 -22.38 19.36 -16.16
CA LEU A 596 -22.84 18.45 -15.11
C LEU A 596 -22.99 17.01 -15.63
N LYS A 597 -22.36 16.07 -14.94
CA LYS A 597 -22.42 14.67 -15.35
C LYS A 597 -22.96 13.77 -14.23
N SER A 598 -22.80 14.20 -12.98
CA SER A 598 -23.24 13.41 -11.84
C SER A 598 -23.98 14.23 -10.79
N LEU A 599 -25.24 13.87 -10.57
CA LEU A 599 -26.07 14.58 -9.58
C LEU A 599 -26.49 13.66 -8.45
N ASN A 600 -26.17 14.05 -7.22
CA ASN A 600 -26.51 13.24 -6.05
C ASN A 600 -27.43 13.97 -5.07
N LEU A 601 -28.57 13.35 -4.78
CA LEU A 601 -29.55 13.93 -3.87
C LEU A 601 -30.22 12.85 -3.02
N GLN A 602 -29.45 11.83 -2.67
CA GLN A 602 -29.97 10.69 -1.91
C GLN A 602 -30.20 11.05 -0.44
N LYS A 603 -31.03 10.26 0.22
CA LYS A 603 -31.31 10.41 1.65
C LYS A 603 -31.80 11.81 2.03
N ASN A 604 -32.64 12.39 1.18
CA ASN A 604 -33.22 13.70 1.45
C ASN A 604 -34.72 13.62 1.77
N LEU A 605 -35.36 14.79 1.85
CA LEU A 605 -36.78 14.85 2.13
C LEU A 605 -37.54 15.43 0.94
N ILE A 606 -37.05 15.14 -0.26
CA ILE A 606 -37.67 15.62 -1.49
C ILE A 606 -38.95 14.87 -1.79
N THR A 607 -40.01 15.61 -2.14
CA THR A 607 -41.29 15.01 -2.44
C THR A 607 -41.71 15.27 -3.89
N SER A 608 -41.20 16.35 -4.47
CA SER A 608 -41.60 16.74 -5.81
C SER A 608 -40.41 17.00 -6.73
N VAL A 609 -40.52 16.53 -7.98
CA VAL A 609 -39.50 16.75 -8.99
C VAL A 609 -40.15 17.34 -10.25
N GLU A 610 -40.01 18.65 -10.42
CA GLU A 610 -40.65 19.33 -11.54
C GLU A 610 -39.66 19.77 -12.62
N LYS A 611 -40.18 20.12 -13.78
CA LYS A 611 -39.35 20.47 -14.94
C LYS A 611 -38.69 21.84 -14.78
N LYS A 612 -39.35 22.75 -14.09
CA LYS A 612 -38.85 24.11 -13.94
C LYS A 612 -37.54 24.18 -13.14
N VAL A 613 -37.22 23.09 -12.44
CA VAL A 613 -36.00 23.04 -11.65
C VAL A 613 -35.01 22.01 -12.21
N PHE A 614 -35.50 20.79 -12.42
CA PHE A 614 -34.64 19.68 -12.84
C PHE A 614 -34.57 19.54 -14.36
N GLY A 615 -35.11 20.53 -15.07
CA GLY A 615 -35.11 20.53 -16.52
C GLY A 615 -33.72 20.54 -17.14
N PRO A 616 -32.99 21.64 -17.01
CA PRO A 616 -31.65 21.77 -17.60
C PRO A 616 -30.65 20.81 -16.97
N ALA A 617 -30.94 20.35 -15.75
CA ALA A 617 -30.04 19.45 -15.04
C ALA A 617 -30.04 18.05 -15.66
N PHE A 618 -31.22 17.55 -15.98
CA PHE A 618 -31.35 16.20 -16.52
C PHE A 618 -30.95 16.09 -17.99
N ARG A 619 -30.44 17.19 -18.55
CA ARG A 619 -30.11 17.24 -19.97
C ARG A 619 -29.04 16.24 -20.36
N ASN A 620 -27.81 16.45 -19.86
CA ASN A 620 -26.70 15.56 -20.18
C ASN A 620 -26.16 14.80 -18.96
N LEU A 621 -27.07 14.34 -18.10
CA LEU A 621 -26.66 13.56 -16.94
C LEU A 621 -26.29 12.13 -17.32
N THR A 622 -25.18 11.65 -16.76
CA THR A 622 -24.76 10.27 -16.97
C THR A 622 -24.93 9.45 -15.69
N GLU A 623 -25.11 10.14 -14.57
CA GLU A 623 -25.31 9.48 -13.28
C GLU A 623 -26.22 10.29 -12.38
N LEU A 624 -27.35 9.69 -12.02
CA LEU A 624 -28.31 10.32 -11.11
C LEU A 624 -28.54 9.45 -9.88
N ASP A 625 -28.50 10.07 -8.71
CA ASP A 625 -28.63 9.34 -7.45
C ASP A 625 -29.62 10.04 -6.51
N MET A 626 -30.88 9.62 -6.58
CA MET A 626 -31.91 10.14 -5.69
C MET A 626 -32.62 8.98 -5.01
N ARG A 627 -31.85 8.10 -4.40
CA ARG A 627 -32.37 6.85 -3.85
C ARG A 627 -33.42 7.03 -2.77
N PHE A 628 -32.99 7.29 -1.54
CA PHE A 628 -33.91 7.35 -0.41
C PHE A 628 -34.62 8.69 -0.29
N ASN A 629 -35.80 8.78 -0.91
CA ASN A 629 -36.61 9.99 -0.86
C ASN A 629 -38.10 9.69 -0.70
N PRO A 630 -38.79 10.48 0.14
CA PRO A 630 -40.23 10.34 0.35
C PRO A 630 -41.03 11.01 -0.79
N PHE A 631 -41.03 10.39 -1.95
CA PHE A 631 -41.69 10.95 -3.13
C PHE A 631 -43.18 11.12 -2.96
N ASP A 632 -43.70 12.25 -3.43
CA ASP A 632 -45.14 12.49 -3.46
C ASP A 632 -45.70 12.00 -4.79
N CYS A 633 -46.47 10.92 -4.75
CA CYS A 633 -46.96 10.28 -5.97
C CYS A 633 -48.27 10.86 -6.49
N THR A 634 -48.22 12.08 -6.99
CA THR A 634 -49.34 12.70 -7.68
C THR A 634 -48.86 13.10 -9.07
N CYS A 635 -49.79 13.49 -9.94
CA CYS A 635 -49.44 13.88 -11.30
C CYS A 635 -48.51 15.09 -11.32
N GLU A 636 -48.94 16.18 -10.68
CA GLU A 636 -48.21 17.44 -10.69
C GLU A 636 -46.84 17.38 -10.02
N SER A 637 -46.49 16.21 -9.48
CA SER A 637 -45.23 16.07 -8.75
C SER A 637 -44.31 15.01 -9.37
N ILE A 638 -44.90 14.03 -10.06
CA ILE A 638 -44.11 12.89 -10.53
C ILE A 638 -44.27 12.59 -12.04
N ALA A 639 -45.21 13.27 -12.69
CA ALA A 639 -45.47 13.00 -14.12
C ALA A 639 -44.22 13.16 -14.98
N TRP A 640 -43.69 14.38 -15.02
CA TRP A 640 -42.51 14.68 -15.83
C TRP A 640 -41.31 13.82 -15.45
N PHE A 641 -41.18 13.56 -14.16
CA PHE A 641 -40.07 12.76 -13.64
C PHE A 641 -40.12 11.33 -14.17
N VAL A 642 -41.28 10.68 -14.05
CA VAL A 642 -41.46 9.33 -14.57
C VAL A 642 -41.28 9.30 -16.08
N ASN A 643 -41.89 10.28 -16.76
CA ASN A 643 -41.76 10.41 -18.21
C ASN A 643 -40.31 10.52 -18.66
N TRP A 644 -39.49 11.18 -17.86
CA TRP A 644 -38.06 11.28 -18.16
C TRP A 644 -37.33 9.98 -17.83
N ILE A 645 -37.72 9.34 -16.74
CA ILE A 645 -37.10 8.10 -16.30
C ILE A 645 -37.26 6.99 -17.34
N ASN A 646 -38.47 6.86 -17.89
CA ASN A 646 -38.76 5.77 -18.82
C ASN A 646 -37.97 5.86 -20.13
N GLU A 647 -37.41 7.03 -20.43
CA GLU A 647 -36.75 7.25 -21.71
C GLU A 647 -35.29 7.69 -21.60
N THR A 648 -34.78 7.79 -20.38
CA THR A 648 -33.44 8.31 -20.17
C THR A 648 -32.34 7.28 -20.42
N HIS A 649 -31.16 7.76 -20.74
CA HIS A 649 -29.98 6.92 -20.91
C HIS A 649 -29.06 7.06 -19.70
N THR A 650 -29.50 7.87 -18.74
CA THR A 650 -28.72 8.11 -17.53
C THR A 650 -28.73 6.89 -16.62
N ASN A 651 -27.54 6.43 -16.24
CA ASN A 651 -27.41 5.28 -15.36
C ASN A 651 -27.91 5.59 -13.96
N ILE A 652 -29.02 4.98 -13.58
CA ILE A 652 -29.61 5.18 -12.27
C ILE A 652 -29.61 3.88 -11.46
N PRO A 653 -28.56 3.67 -10.67
CA PRO A 653 -28.37 2.45 -9.87
C PRO A 653 -29.48 2.24 -8.84
N GLU A 654 -29.90 0.98 -8.67
CA GLU A 654 -30.92 0.62 -7.69
C GLU A 654 -32.21 1.38 -7.90
N LEU A 655 -32.61 1.53 -9.16
CA LEU A 655 -33.79 2.31 -9.51
C LEU A 655 -35.10 1.61 -9.12
N SER A 656 -35.13 0.30 -9.27
CA SER A 656 -36.35 -0.47 -9.04
C SER A 656 -36.58 -0.81 -7.57
N SER A 657 -35.49 -0.95 -6.81
CA SER A 657 -35.58 -1.44 -5.44
C SER A 657 -35.66 -0.32 -4.40
N HIS A 658 -34.85 0.72 -4.57
CA HIS A 658 -34.70 1.75 -3.54
C HIS A 658 -35.37 3.07 -3.88
N TYR A 659 -36.24 3.08 -4.89
CA TYR A 659 -37.00 4.27 -5.23
C TYR A 659 -38.48 4.05 -4.95
N LEU A 660 -38.89 4.36 -3.73
CA LEU A 660 -40.26 4.11 -3.29
C LEU A 660 -41.01 5.41 -3.01
N CYS A 661 -42.33 5.38 -3.17
CA CYS A 661 -43.17 6.54 -2.88
C CYS A 661 -43.75 6.44 -1.48
N ASN A 662 -43.94 7.58 -0.83
CA ASN A 662 -44.48 7.60 0.53
C ASN A 662 -45.92 8.10 0.56
N THR A 663 -46.13 9.30 0.02
CA THR A 663 -47.48 9.88 -0.05
C THR A 663 -47.95 9.94 -1.51
N PRO A 664 -49.24 9.62 -1.74
CA PRO A 664 -50.27 9.23 -0.79
C PRO A 664 -50.07 7.80 -0.27
N PRO A 665 -50.71 7.44 0.86
CA PRO A 665 -50.57 6.11 1.45
C PRO A 665 -51.00 4.97 0.52
N HIS A 666 -51.68 5.30 -0.57
CA HIS A 666 -52.05 4.30 -1.57
C HIS A 666 -50.81 3.79 -2.30
N TYR A 667 -49.86 4.69 -2.53
CA TYR A 667 -48.62 4.34 -3.21
C TYR A 667 -47.47 4.15 -2.21
N HIS A 668 -47.81 3.91 -0.95
CA HIS A 668 -46.81 3.74 0.09
C HIS A 668 -46.06 2.43 -0.08
N GLY A 669 -44.80 2.53 -0.50
CA GLY A 669 -43.97 1.34 -0.72
C GLY A 669 -43.99 0.92 -2.18
N PHE A 670 -44.65 1.72 -3.01
CA PHE A 670 -44.76 1.42 -4.44
C PHE A 670 -43.66 2.14 -5.23
N PRO A 671 -42.98 1.39 -6.10
CA PRO A 671 -41.89 1.92 -6.93
C PRO A 671 -42.34 3.08 -7.81
N ASP B 1 -23.78 14.07 10.01
CA ASP B 1 -25.06 13.41 9.78
C ASP B 1 -24.89 11.88 9.80
N ILE B 2 -24.05 11.40 10.71
CA ILE B 2 -23.81 9.98 10.87
C ILE B 2 -24.74 9.39 11.91
N GLN B 3 -25.47 8.33 11.53
CA GLN B 3 -26.42 7.71 12.44
C GLN B 3 -25.91 6.38 12.97
N MET B 4 -25.62 6.33 14.27
CA MET B 4 -25.16 5.11 14.92
C MET B 4 -26.32 4.29 15.44
N THR B 5 -26.44 3.06 14.94
CA THR B 5 -27.50 2.16 15.39
C THR B 5 -26.92 0.89 15.99
N GLN B 6 -27.19 0.67 17.27
CA GLN B 6 -26.70 -0.51 17.98
C GLN B 6 -27.72 -1.63 17.98
N SER B 7 -27.27 -2.84 18.30
CA SER B 7 -28.16 -3.99 18.39
C SER B 7 -27.55 -5.10 19.25
N PRO B 8 -28.39 -5.77 20.05
CA PRO B 8 -29.83 -5.51 20.20
C PRO B 8 -30.10 -4.30 21.11
N SER B 9 -31.35 -3.86 21.16
CA SER B 9 -31.72 -2.74 22.02
C SER B 9 -31.59 -3.14 23.48
N SER B 10 -31.93 -4.38 23.77
CA SER B 10 -31.81 -4.93 25.12
C SER B 10 -31.65 -6.43 25.06
N LEU B 11 -30.85 -6.99 25.96
CA LEU B 11 -30.62 -8.43 25.97
C LEU B 11 -30.55 -8.99 27.39
N SER B 12 -30.83 -10.29 27.53
CA SER B 12 -30.75 -10.95 28.82
C SER B 12 -29.61 -11.97 28.83
N ALA B 13 -28.72 -11.86 29.80
CA ALA B 13 -27.57 -12.74 29.86
C ALA B 13 -27.23 -13.16 31.29
N SER B 14 -26.81 -14.41 31.45
CA SER B 14 -26.39 -14.94 32.74
C SER B 14 -24.94 -14.56 33.01
N VAL B 15 -24.59 -14.47 34.29
CA VAL B 15 -23.24 -14.09 34.69
C VAL B 15 -22.20 -15.14 34.29
N GLY B 16 -21.17 -14.71 33.58
CA GLY B 16 -20.12 -15.61 33.15
C GLY B 16 -20.09 -15.82 31.65
N ASP B 17 -21.26 -15.66 31.02
CA ASP B 17 -21.39 -15.84 29.58
C ASP B 17 -20.52 -14.86 28.80
N ARG B 18 -20.30 -15.16 27.53
CA ARG B 18 -19.56 -14.26 26.66
C ARG B 18 -20.54 -13.48 25.79
N VAL B 19 -20.53 -12.16 25.95
CA VAL B 19 -21.55 -11.31 25.33
C VAL B 19 -20.99 -10.46 24.17
N THR B 20 -21.80 -10.29 23.13
CA THR B 20 -21.42 -9.45 21.99
C THR B 20 -22.49 -8.43 21.63
N ILE B 21 -22.10 -7.16 21.56
CA ILE B 21 -23.01 -6.09 21.15
C ILE B 21 -22.55 -5.49 19.84
N THR B 22 -23.45 -5.39 18.86
CA THR B 22 -23.10 -4.89 17.55
C THR B 22 -23.41 -3.40 17.38
N CYS B 23 -22.57 -2.72 16.61
CA CYS B 23 -22.72 -1.28 16.39
C CYS B 23 -22.51 -0.93 14.92
N ARG B 24 -23.52 -0.32 14.31
CA ARG B 24 -23.44 0.04 12.91
C ARG B 24 -23.47 1.56 12.68
N ALA B 25 -22.77 1.99 11.63
CA ALA B 25 -22.73 3.40 11.28
C ALA B 25 -23.39 3.62 9.92
N SER B 26 -24.02 4.78 9.75
CA SER B 26 -24.68 5.10 8.49
C SER B 26 -23.67 5.10 7.35
N GLN B 27 -22.51 5.72 7.60
CA GLN B 27 -21.41 5.65 6.65
C GLN B 27 -20.12 5.33 7.41
N SER B 28 -19.06 5.01 6.66
CA SER B 28 -17.81 4.56 7.26
C SER B 28 -17.20 5.60 8.20
N ILE B 29 -16.88 5.17 9.41
CA ILE B 29 -16.26 6.03 10.40
C ILE B 29 -14.84 5.60 10.73
N GLY B 30 -14.29 4.72 9.88
CA GLY B 30 -12.93 4.24 10.05
C GLY B 30 -12.73 3.42 11.30
N LEU B 31 -11.74 3.78 12.10
CA LEU B 31 -11.49 3.11 13.37
C LEU B 31 -11.82 4.00 14.55
N TYR B 32 -12.40 5.15 14.27
CA TYR B 32 -12.72 6.12 15.32
C TYR B 32 -14.08 5.85 15.93
N LEU B 33 -14.12 4.87 16.84
CA LEU B 33 -15.34 4.52 17.54
C LEU B 33 -15.03 4.25 19.02
N ALA B 34 -15.94 4.67 19.89
CA ALA B 34 -15.72 4.53 21.33
C ALA B 34 -16.90 3.88 22.05
N TRP B 35 -16.59 2.92 22.90
CA TRP B 35 -17.59 2.25 23.72
C TRP B 35 -17.62 2.82 25.14
N TYR B 36 -18.80 3.30 25.53
CA TYR B 36 -19.02 3.86 26.86
C TYR B 36 -20.03 3.03 27.65
N GLN B 37 -19.72 2.80 28.92
CA GLN B 37 -20.62 2.08 29.82
C GLN B 37 -21.37 3.09 30.69
N GLN B 38 -22.67 2.87 30.86
CA GLN B 38 -23.45 3.75 31.73
C GLN B 38 -24.29 2.97 32.74
N LYS B 39 -24.03 3.23 34.01
CA LYS B 39 -24.84 2.68 35.09
C LYS B 39 -26.07 3.56 35.29
N PRO B 40 -27.21 2.95 35.63
CA PRO B 40 -28.47 3.68 35.85
C PRO B 40 -28.33 4.77 36.90
N GLY B 41 -28.58 6.02 36.51
CA GLY B 41 -28.51 7.14 37.43
C GLY B 41 -27.13 7.72 37.62
N LYS B 42 -26.12 6.95 37.23
CA LYS B 42 -24.72 7.37 37.38
C LYS B 42 -24.13 7.89 36.07
N ALA B 43 -23.03 8.63 36.19
CA ALA B 43 -22.35 9.18 35.02
C ALA B 43 -21.71 8.05 34.21
N PRO B 44 -21.69 8.20 32.87
CA PRO B 44 -21.09 7.21 31.98
C PRO B 44 -19.61 6.99 32.24
N LYS B 45 -19.07 5.94 31.62
CA LYS B 45 -17.68 5.53 31.82
C LYS B 45 -17.08 5.08 30.50
N LEU B 46 -15.88 5.56 30.20
CA LEU B 46 -15.22 5.20 28.95
C LEU B 46 -14.58 3.82 29.01
N LEU B 47 -15.12 2.89 28.22
CA LEU B 47 -14.56 1.55 28.14
C LEU B 47 -13.48 1.46 27.08
N ILE B 48 -13.84 1.77 25.84
CA ILE B 48 -12.95 1.55 24.71
C ILE B 48 -12.85 2.75 23.80
N TYR B 49 -11.65 3.04 23.31
CA TYR B 49 -11.46 4.07 22.28
C TYR B 49 -10.70 3.49 21.10
N ALA B 50 -10.76 4.18 19.97
CA ALA B 50 -10.13 3.72 18.73
C ALA B 50 -10.59 2.30 18.36
N ALA B 51 -11.84 1.98 18.69
CA ALA B 51 -12.47 0.71 18.35
C ALA B 51 -11.87 -0.54 19.03
N SER B 52 -10.54 -0.61 19.10
CA SER B 52 -9.88 -1.80 19.61
C SER B 52 -8.95 -1.55 20.79
N SER B 53 -8.74 -0.28 21.13
CA SER B 53 -7.83 0.07 22.21
C SER B 53 -8.52 0.01 23.57
N LEU B 54 -7.78 -0.45 24.58
CA LEU B 54 -8.33 -0.61 25.92
C LEU B 54 -7.95 0.58 26.81
N GLN B 55 -8.97 1.28 27.31
CA GLN B 55 -8.74 2.45 28.15
C GLN B 55 -8.16 2.05 29.50
N SER B 56 -7.21 2.85 30.00
CA SER B 56 -6.53 2.56 31.25
C SER B 56 -7.49 2.50 32.44
N GLY B 57 -7.55 1.33 33.08
CA GLY B 57 -8.41 1.15 34.25
C GLY B 57 -9.62 0.28 33.95
N VAL B 58 -9.84 0.00 32.67
CA VAL B 58 -10.96 -0.83 32.24
C VAL B 58 -10.56 -2.30 32.27
N PRO B 59 -11.44 -3.15 32.83
CA PRO B 59 -11.25 -4.61 32.92
C PRO B 59 -10.75 -5.25 31.62
N SER B 60 -9.97 -6.31 31.76
CA SER B 60 -9.34 -6.97 30.62
C SER B 60 -10.30 -7.86 29.84
N ARG B 61 -11.45 -8.16 30.44
CA ARG B 61 -12.45 -9.00 29.78
C ARG B 61 -13.14 -8.24 28.65
N PHE B 62 -12.99 -6.91 28.66
CA PHE B 62 -13.60 -6.07 27.65
C PHE B 62 -12.71 -5.93 26.41
N SER B 63 -13.24 -6.31 25.26
CA SER B 63 -12.53 -6.16 23.99
C SER B 63 -13.41 -5.47 22.97
N GLY B 64 -12.78 -4.84 21.98
CA GLY B 64 -13.52 -4.17 20.92
C GLY B 64 -12.94 -4.47 19.55
N SER B 65 -13.80 -4.68 18.57
CA SER B 65 -13.35 -5.04 17.23
C SER B 65 -14.21 -4.40 16.14
N GLY B 66 -13.80 -4.58 14.89
CA GLY B 66 -14.54 -4.08 13.75
C GLY B 66 -13.96 -2.84 13.13
N SER B 67 -14.37 -2.57 11.89
CA SER B 67 -13.94 -1.37 11.17
C SER B 67 -15.00 -0.94 10.15
N GLY B 68 -14.69 0.11 9.41
CA GLY B 68 -15.60 0.62 8.39
C GLY B 68 -16.95 1.05 8.94
N THR B 69 -17.93 0.17 8.78
CA THR B 69 -19.29 0.47 9.23
C THR B 69 -19.77 -0.53 10.28
N ASP B 70 -18.94 -1.53 10.57
CA ASP B 70 -19.34 -2.58 11.51
C ASP B 70 -18.40 -2.65 12.70
N PHE B 71 -18.98 -2.64 13.90
CA PHE B 71 -18.19 -2.74 15.13
C PHE B 71 -18.82 -3.70 16.12
N THR B 72 -18.01 -4.22 17.04
CA THR B 72 -18.50 -5.20 18.00
C THR B 72 -17.79 -5.11 19.34
N LEU B 73 -18.57 -4.95 20.40
CA LEU B 73 -18.06 -5.00 21.77
C LEU B 73 -18.20 -6.42 22.30
N THR B 74 -17.14 -6.94 22.90
CA THR B 74 -17.15 -8.32 23.38
C THR B 74 -16.69 -8.43 24.83
N ILE B 75 -17.56 -9.00 25.67
CA ILE B 75 -17.22 -9.29 27.05
C ILE B 75 -16.94 -10.78 27.18
N SER B 76 -15.71 -11.13 27.56
CA SER B 76 -15.29 -12.52 27.67
C SER B 76 -16.07 -13.28 28.74
N SER B 77 -15.95 -12.84 29.98
CA SER B 77 -16.67 -13.44 31.09
C SER B 77 -17.49 -12.39 31.82
N LEU B 78 -18.81 -12.49 31.72
CA LEU B 78 -19.70 -11.47 32.29
C LEU B 78 -19.61 -11.43 33.82
N GLN B 79 -19.71 -10.23 34.37
CA GLN B 79 -19.65 -10.02 35.82
C GLN B 79 -20.98 -9.46 36.33
N PRO B 80 -21.29 -9.71 37.62
CA PRO B 80 -22.53 -9.21 38.22
C PRO B 80 -22.66 -7.70 38.19
N GLU B 81 -21.53 -6.98 38.15
CA GLU B 81 -21.55 -5.53 38.07
C GLU B 81 -21.39 -5.04 36.64
N ASP B 82 -21.40 -5.98 35.70
CA ASP B 82 -21.28 -5.65 34.29
C ASP B 82 -22.64 -5.48 33.61
N PHE B 83 -23.71 -5.43 34.41
CA PHE B 83 -25.05 -5.22 33.89
C PHE B 83 -25.39 -3.74 33.88
N ALA B 84 -25.35 -3.13 32.70
CA ALA B 84 -25.60 -1.70 32.55
C ALA B 84 -26.12 -1.39 31.16
N THR B 85 -26.03 -0.11 30.77
CA THR B 85 -26.46 0.30 29.45
C THR B 85 -25.24 0.76 28.64
N TYR B 86 -24.97 0.08 27.53
CA TYR B 86 -23.78 0.36 26.74
C TYR B 86 -24.06 1.19 25.49
N TYR B 87 -23.33 2.28 25.34
CA TYR B 87 -23.49 3.17 24.19
C TYR B 87 -22.23 3.19 23.33
N CYS B 88 -22.40 3.38 22.02
CA CYS B 88 -21.27 3.53 21.11
C CYS B 88 -21.29 4.92 20.47
N GLN B 89 -20.10 5.44 20.17
CA GLN B 89 -19.98 6.79 19.65
C GLN B 89 -18.99 6.84 18.48
N GLN B 90 -19.26 7.69 17.51
CA GLN B 90 -18.35 7.85 16.38
C GLN B 90 -17.60 9.19 16.47
N GLY B 91 -16.32 9.17 16.09
CA GLY B 91 -15.49 10.35 16.17
C GLY B 91 -14.83 10.71 14.85
N ASN B 92 -15.44 10.26 13.75
CA ASN B 92 -14.93 10.57 12.42
C ASN B 92 -15.37 11.96 11.98
N THR B 93 -16.47 12.43 12.56
CA THR B 93 -16.96 13.77 12.31
C THR B 93 -16.92 14.54 13.62
N LEU B 94 -16.71 15.84 13.56
CA LEU B 94 -16.71 16.68 14.75
C LEU B 94 -18.11 16.80 15.36
N SER B 95 -19.12 16.49 14.57
CA SER B 95 -20.49 16.42 15.08
C SER B 95 -20.74 15.02 15.61
N TYR B 96 -20.21 14.76 16.81
CA TYR B 96 -20.27 13.42 17.40
C TYR B 96 -21.70 12.93 17.57
N THR B 97 -21.91 11.63 17.40
CA THR B 97 -23.23 11.01 17.57
C THR B 97 -23.13 9.68 18.30
N PHE B 98 -24.05 9.46 19.23
CA PHE B 98 -24.09 8.21 20.00
C PHE B 98 -25.15 7.28 19.45
N GLY B 99 -25.08 6.01 19.85
CA GLY B 99 -26.12 5.06 19.52
C GLY B 99 -27.26 5.18 20.51
N GLN B 100 -28.33 4.42 20.28
CA GLN B 100 -29.46 4.44 21.20
C GLN B 100 -29.14 3.66 22.47
N GLY B 101 -28.08 2.86 22.41
CA GLY B 101 -27.62 2.10 23.57
C GLY B 101 -28.11 0.67 23.58
N THR B 102 -27.43 -0.16 24.37
CA THR B 102 -27.83 -1.55 24.54
C THR B 102 -27.96 -1.88 26.02
N LYS B 103 -29.17 -2.18 26.45
CA LYS B 103 -29.43 -2.49 27.86
C LYS B 103 -29.13 -3.94 28.18
N VAL B 104 -28.25 -4.15 29.16
CA VAL B 104 -27.89 -5.49 29.59
C VAL B 104 -28.67 -5.86 30.84
N GLU B 105 -29.42 -6.96 30.75
CA GLU B 105 -30.31 -7.39 31.82
C GLU B 105 -30.01 -8.83 32.25
N ILE B 106 -30.47 -9.18 33.44
CA ILE B 106 -30.21 -10.50 34.00
C ILE B 106 -31.23 -11.52 33.50
N LYS B 107 -30.72 -12.62 32.95
CA LYS B 107 -31.58 -13.69 32.42
C LYS B 107 -32.00 -14.66 33.50
N ARG B 108 -33.30 -14.80 33.70
CA ARG B 108 -33.83 -15.78 34.65
C ARG B 108 -35.10 -16.44 34.11
N THR B 109 -35.60 -17.42 34.84
CA THR B 109 -36.83 -18.13 34.46
C THR B 109 -38.06 -17.36 34.94
N VAL B 110 -39.23 -17.84 34.56
CA VAL B 110 -40.48 -17.18 34.92
C VAL B 110 -40.71 -17.21 36.44
N ALA B 111 -41.22 -16.11 36.97
CA ALA B 111 -41.55 -16.02 38.39
C ALA B 111 -42.91 -15.38 38.59
N ALA B 112 -43.79 -16.07 39.31
CA ALA B 112 -45.15 -15.58 39.55
C ALA B 112 -45.16 -14.42 40.54
N PRO B 113 -46.07 -13.45 40.32
CA PRO B 113 -46.16 -12.26 41.17
C PRO B 113 -46.98 -12.50 42.43
N SER B 114 -46.68 -11.73 43.48
CA SER B 114 -47.48 -11.74 44.70
C SER B 114 -48.34 -10.49 44.73
N VAL B 115 -49.65 -10.67 44.54
CA VAL B 115 -50.57 -9.54 44.39
C VAL B 115 -51.18 -9.09 45.72
N PHE B 116 -51.14 -7.79 45.97
CA PHE B 116 -51.77 -7.20 47.14
C PHE B 116 -52.49 -5.91 46.76
N ILE B 117 -53.80 -5.86 47.01
CA ILE B 117 -54.58 -4.67 46.69
C ILE B 117 -54.89 -3.84 47.94
N PHE B 118 -54.58 -2.55 47.87
CA PHE B 118 -54.76 -1.66 49.03
C PHE B 118 -55.82 -0.59 48.77
N PRO B 119 -56.83 -0.54 49.64
CA PRO B 119 -57.92 0.44 49.61
C PRO B 119 -57.48 1.80 50.14
N PRO B 120 -58.17 2.88 49.72
CA PRO B 120 -57.85 4.23 50.18
C PRO B 120 -58.08 4.38 51.69
N SER B 121 -57.09 4.92 52.38
CA SER B 121 -57.21 5.18 53.81
C SER B 121 -58.19 6.32 54.08
N ASP B 122 -58.69 6.40 55.30
CA ASP B 122 -59.68 7.40 55.66
C ASP B 122 -59.11 8.82 55.65
N GLU B 123 -57.82 8.94 55.95
CA GLU B 123 -57.15 10.24 55.93
C GLU B 123 -57.16 10.83 54.53
N GLN B 124 -57.03 9.96 53.53
CA GLN B 124 -57.02 10.38 52.14
C GLN B 124 -58.44 10.70 51.66
N LEU B 125 -59.40 9.92 52.14
CA LEU B 125 -60.80 10.13 51.80
C LEU B 125 -61.32 11.42 52.43
N LYS B 126 -60.68 11.85 53.52
CA LYS B 126 -61.06 13.06 54.22
C LYS B 126 -60.76 14.31 53.39
N SER B 127 -59.85 14.18 52.44
CA SER B 127 -59.46 15.29 51.59
C SER B 127 -60.43 15.45 50.42
N GLY B 128 -61.02 14.35 49.98
CA GLY B 128 -62.00 14.38 48.91
C GLY B 128 -61.55 13.68 47.65
N THR B 129 -60.47 12.91 47.75
CA THR B 129 -59.93 12.18 46.61
C THR B 129 -59.42 10.82 47.06
N ALA B 130 -59.61 9.81 46.21
CA ALA B 130 -59.20 8.44 46.55
C ALA B 130 -58.24 7.85 45.51
N SER B 131 -57.32 7.02 45.98
CA SER B 131 -56.38 6.35 45.09
C SER B 131 -56.11 4.92 45.55
N VAL B 132 -56.75 3.96 44.88
CA VAL B 132 -56.56 2.55 45.20
C VAL B 132 -55.26 2.06 44.60
N VAL B 133 -54.49 1.30 45.38
CA VAL B 133 -53.15 0.89 44.96
C VAL B 133 -52.99 -0.61 44.77
N CYS B 134 -52.77 -1.04 43.53
CA CYS B 134 -52.49 -2.44 43.25
C CYS B 134 -51.00 -2.70 43.23
N LEU B 135 -50.57 -3.68 44.01
CA LEU B 135 -49.16 -4.01 44.14
C LEU B 135 -48.85 -5.43 43.62
N LEU B 136 -47.89 -5.51 42.72
CA LEU B 136 -47.41 -6.80 42.23
C LEU B 136 -45.98 -6.99 42.70
N ASN B 137 -45.73 -8.11 43.39
CA ASN B 137 -44.44 -8.29 44.05
C ASN B 137 -43.59 -9.42 43.48
N ASN B 138 -42.40 -9.07 43.02
CA ASN B 138 -41.41 -10.04 42.53
C ASN B 138 -41.91 -10.96 41.42
N PHE B 139 -41.75 -10.53 40.18
CA PHE B 139 -42.19 -11.33 39.03
C PHE B 139 -41.23 -11.22 37.85
N TYR B 140 -41.47 -12.04 36.83
CA TYR B 140 -40.66 -12.06 35.62
C TYR B 140 -41.44 -12.79 34.53
N PRO B 141 -41.42 -12.26 33.29
CA PRO B 141 -40.72 -11.05 32.85
C PRO B 141 -41.46 -9.77 33.20
N ARG B 142 -41.00 -8.65 32.68
CA ARG B 142 -41.55 -7.34 33.02
C ARG B 142 -42.96 -7.15 32.45
N GLU B 143 -43.24 -7.79 31.31
CA GLU B 143 -44.52 -7.64 30.64
C GLU B 143 -45.67 -8.17 31.49
N ALA B 144 -46.52 -7.27 31.97
CA ALA B 144 -47.66 -7.65 32.79
C ALA B 144 -48.92 -6.91 32.33
N LYS B 145 -50.04 -7.62 32.29
CA LYS B 145 -51.30 -7.04 31.87
C LYS B 145 -52.15 -6.70 33.09
N VAL B 146 -52.01 -5.48 33.58
CA VAL B 146 -52.75 -5.04 34.77
C VAL B 146 -54.04 -4.32 34.39
N GLN B 147 -55.17 -4.88 34.82
CA GLN B 147 -56.47 -4.32 34.51
C GLN B 147 -57.33 -4.14 35.76
N TRP B 148 -57.66 -2.89 36.07
CA TRP B 148 -58.54 -2.58 37.19
C TRP B 148 -59.98 -2.92 36.83
N LYS B 149 -60.81 -3.12 37.85
CA LYS B 149 -62.23 -3.39 37.63
C LYS B 149 -63.11 -2.92 38.78
N VAL B 150 -63.75 -1.76 38.58
CA VAL B 150 -64.69 -1.23 39.56
C VAL B 150 -66.10 -1.73 39.26
N ASP B 151 -66.65 -2.51 40.18
CA ASP B 151 -67.95 -3.17 39.99
C ASP B 151 -67.96 -4.01 38.72
N ASN B 152 -66.90 -4.77 38.51
CA ASN B 152 -66.78 -5.67 37.37
C ASN B 152 -66.89 -4.98 36.02
N ALA B 153 -66.26 -3.83 35.89
CA ALA B 153 -66.22 -3.08 34.65
C ALA B 153 -64.81 -2.57 34.38
N LEU B 154 -64.35 -2.72 33.14
CA LEU B 154 -62.97 -2.37 32.80
C LEU B 154 -62.72 -0.86 32.85
N GLN B 155 -61.68 -0.46 33.59
CA GLN B 155 -61.28 0.94 33.67
C GLN B 155 -60.25 1.28 32.60
N SER B 156 -60.11 2.57 32.31
CA SER B 156 -59.15 3.01 31.30
C SER B 156 -58.83 4.50 31.44
N GLY B 157 -57.55 4.83 31.45
CA GLY B 157 -57.11 6.22 31.46
C GLY B 157 -56.75 6.75 32.83
N ASN B 158 -57.28 6.12 33.88
CA ASN B 158 -57.05 6.59 35.23
C ASN B 158 -56.08 5.71 36.03
N SER B 159 -55.30 4.90 35.32
CA SER B 159 -54.33 4.02 35.96
C SER B 159 -52.90 4.41 35.60
N GLN B 160 -52.02 4.38 36.60
CA GLN B 160 -50.61 4.72 36.39
C GLN B 160 -49.68 3.64 36.96
N GLU B 161 -48.97 2.95 36.08
CA GLU B 161 -48.09 1.87 36.50
C GLU B 161 -46.61 2.24 36.46
N SER B 162 -45.88 1.90 37.52
CA SER B 162 -44.44 2.12 37.55
C SER B 162 -43.72 0.82 37.92
N VAL B 163 -42.62 0.56 37.22
CA VAL B 163 -41.86 -0.67 37.44
C VAL B 163 -40.43 -0.34 37.87
N THR B 164 -39.95 -1.04 38.89
CA THR B 164 -38.58 -0.86 39.37
C THR B 164 -37.59 -1.63 38.50
N GLU B 165 -36.30 -1.40 38.74
CA GLU B 165 -35.26 -2.17 38.07
C GLU B 165 -35.17 -3.56 38.69
N GLN B 166 -34.34 -4.42 38.11
CA GLN B 166 -34.18 -5.78 38.61
C GLN B 166 -33.58 -5.80 40.01
N ASP B 167 -34.11 -6.67 40.86
CA ASP B 167 -33.69 -6.75 42.26
C ASP B 167 -32.25 -7.20 42.40
N SER B 168 -31.61 -6.83 43.51
CA SER B 168 -30.21 -7.15 43.76
C SER B 168 -30.01 -8.62 44.11
N LYS B 169 -31.11 -9.35 44.29
CA LYS B 169 -31.05 -10.74 44.70
C LYS B 169 -31.61 -11.70 43.65
N ASP B 170 -32.94 -11.72 43.54
CA ASP B 170 -33.61 -12.67 42.65
C ASP B 170 -33.78 -12.15 41.23
N SER B 171 -33.37 -10.91 41.00
CA SER B 171 -33.46 -10.27 39.69
C SER B 171 -34.89 -10.25 39.15
N THR B 172 -35.84 -9.85 39.99
CA THR B 172 -37.24 -9.81 39.61
C THR B 172 -37.82 -8.40 39.71
N TYR B 173 -38.87 -8.14 38.94
CA TYR B 173 -39.50 -6.82 38.91
C TYR B 173 -40.66 -6.72 39.88
N SER B 174 -41.06 -5.49 40.18
CA SER B 174 -42.24 -5.24 40.99
C SER B 174 -43.00 -4.04 40.40
N LEU B 175 -44.31 -4.20 40.23
CA LEU B 175 -45.12 -3.19 39.59
C LEU B 175 -46.04 -2.49 40.59
N SER B 176 -46.19 -1.18 40.43
CA SER B 176 -47.10 -0.39 41.26
C SER B 176 -48.12 0.32 40.38
N SER B 177 -49.37 -0.10 40.46
CA SER B 177 -50.43 0.51 39.67
C SER B 177 -51.37 1.33 40.54
N THR B 178 -51.46 2.62 40.24
CA THR B 178 -52.31 3.53 41.01
C THR B 178 -53.57 3.91 40.24
N LEU B 179 -54.72 3.66 40.86
CA LEU B 179 -56.00 4.03 40.27
C LEU B 179 -56.60 5.21 41.03
N THR B 180 -56.78 6.33 40.33
CA THR B 180 -57.27 7.55 40.98
C THR B 180 -58.73 7.84 40.63
N LEU B 181 -59.54 8.01 41.67
CA LEU B 181 -60.95 8.38 41.50
C LEU B 181 -61.40 9.26 42.66
N SER B 182 -62.25 10.23 42.37
CA SER B 182 -62.77 11.14 43.39
C SER B 182 -63.54 10.36 44.46
N LYS B 183 -63.67 10.95 45.65
CA LYS B 183 -64.34 10.29 46.76
C LYS B 183 -65.81 9.99 46.43
N ALA B 184 -66.41 10.87 45.63
CA ALA B 184 -67.77 10.67 45.17
C ALA B 184 -67.87 9.38 44.34
N ASP B 185 -67.01 9.27 43.34
CA ASP B 185 -66.97 8.08 42.50
C ASP B 185 -66.57 6.85 43.31
N TYR B 186 -65.89 7.06 44.42
CA TYR B 186 -65.48 5.96 45.29
C TYR B 186 -66.66 5.43 46.11
N GLU B 187 -67.49 6.34 46.60
CA GLU B 187 -68.67 5.95 47.37
C GLU B 187 -69.86 5.63 46.48
N LYS B 188 -69.69 5.84 45.17
CA LYS B 188 -70.73 5.51 44.20
C LYS B 188 -70.77 4.01 43.94
N HIS B 189 -69.67 3.32 44.20
CA HIS B 189 -69.54 1.92 43.85
C HIS B 189 -69.25 1.01 45.03
N LYS B 190 -69.11 -0.28 44.77
CA LYS B 190 -68.97 -1.28 45.82
C LYS B 190 -67.77 -2.19 45.59
N VAL B 191 -67.80 -2.94 44.50
CA VAL B 191 -66.75 -3.92 44.21
C VAL B 191 -65.53 -3.29 43.54
N TYR B 192 -64.38 -3.37 44.21
CA TYR B 192 -63.12 -2.88 43.63
C TYR B 192 -62.12 -4.01 43.48
N ALA B 193 -61.81 -4.36 42.23
CA ALA B 193 -60.96 -5.52 41.95
C ALA B 193 -59.73 -5.16 41.12
N CYS B 194 -58.67 -5.92 41.33
CA CYS B 194 -57.44 -5.79 40.55
C CYS B 194 -57.14 -7.11 39.84
N GLU B 195 -57.11 -7.06 38.51
CA GLU B 195 -56.83 -8.24 37.71
C GLU B 195 -55.42 -8.20 37.14
N VAL B 196 -54.69 -9.31 37.30
CA VAL B 196 -53.32 -9.41 36.81
C VAL B 196 -53.15 -10.57 35.85
N THR B 197 -52.88 -10.27 34.59
CA THR B 197 -52.62 -11.31 33.60
C THR B 197 -51.14 -11.38 33.29
N HIS B 198 -50.51 -12.49 33.67
CA HIS B 198 -49.08 -12.67 33.48
C HIS B 198 -48.80 -13.99 32.76
N GLN B 199 -47.55 -14.17 32.33
CA GLN B 199 -47.13 -15.39 31.66
C GLN B 199 -46.75 -16.43 32.70
N GLY B 200 -46.61 -16.00 33.95
CA GLY B 200 -46.27 -16.89 35.04
C GLY B 200 -47.49 -17.50 35.69
N LEU B 201 -48.66 -17.24 35.10
CA LEU B 201 -49.90 -17.79 35.59
C LEU B 201 -50.75 -18.29 34.43
N SER B 202 -51.25 -19.52 34.54
CA SER B 202 -52.10 -20.10 33.51
C SER B 202 -53.44 -19.38 33.47
N SER B 203 -53.87 -18.88 34.63
CA SER B 203 -55.09 -18.10 34.73
C SER B 203 -54.85 -16.86 35.58
N PRO B 204 -55.29 -15.69 35.09
CA PRO B 204 -55.11 -14.40 35.77
C PRO B 204 -55.67 -14.38 37.19
N VAL B 205 -54.89 -13.83 38.12
CA VAL B 205 -55.31 -13.72 39.51
C VAL B 205 -56.02 -12.39 39.75
N THR B 206 -57.10 -12.44 40.53
CA THR B 206 -57.86 -11.23 40.84
C THR B 206 -57.94 -11.00 42.35
N LYS B 207 -57.40 -9.87 42.79
CA LYS B 207 -57.48 -9.50 44.20
C LYS B 207 -58.48 -8.37 44.41
N SER B 208 -59.52 -8.65 45.19
CA SER B 208 -60.65 -7.73 45.30
C SER B 208 -60.95 -7.30 46.74
N PHE B 209 -61.67 -6.19 46.86
CA PHE B 209 -62.21 -5.74 48.13
C PHE B 209 -63.47 -4.93 47.88
N ASN B 210 -64.45 -5.05 48.78
CA ASN B 210 -65.71 -4.32 48.63
C ASN B 210 -65.68 -3.00 49.40
N ARG B 211 -66.21 -1.95 48.77
CA ARG B 211 -66.20 -0.61 49.36
C ARG B 211 -67.05 -0.56 50.62
N GLY B 212 -66.42 -0.20 51.73
CA GLY B 212 -67.11 -0.13 53.00
C GLY B 212 -66.94 -1.38 53.83
N GLU B 213 -66.85 -2.53 53.16
CA GLU B 213 -66.69 -3.81 53.83
C GLU B 213 -65.25 -4.04 54.26
N CYS B 214 -64.36 -3.14 53.88
CA CYS B 214 -62.96 -3.24 54.24
C CYS B 214 -62.57 -2.19 55.27
N GLU C 1 -6.96 13.26 41.64
CA GLU C 1 -7.68 12.66 40.52
C GLU C 1 -8.26 13.73 39.59
N VAL C 2 -8.42 13.38 38.33
CA VAL C 2 -9.07 14.25 37.37
C VAL C 2 -10.57 14.28 37.69
N GLN C 3 -11.04 15.41 38.22
CA GLN C 3 -12.38 15.47 38.77
C GLN C 3 -13.24 16.59 38.19
N LEU C 4 -14.43 16.23 37.71
CA LEU C 4 -15.40 17.21 37.23
C LEU C 4 -16.61 17.27 38.17
N VAL C 5 -16.88 18.45 38.71
CA VAL C 5 -17.98 18.64 39.64
C VAL C 5 -18.96 19.69 39.13
N GLN C 6 -20.22 19.29 38.95
CA GLN C 6 -21.25 20.20 38.48
C GLN C 6 -22.10 20.74 39.63
N SER C 7 -22.95 21.70 39.34
CA SER C 7 -23.83 22.28 40.35
C SER C 7 -25.02 21.35 40.64
N GLY C 8 -25.81 21.71 41.64
CA GLY C 8 -26.96 20.92 42.03
C GLY C 8 -28.08 20.98 41.02
N ALA C 9 -29.08 20.13 41.19
CA ALA C 9 -30.22 20.07 40.28
C ALA C 9 -30.97 21.40 40.25
N GLU C 10 -31.64 21.67 39.14
CA GLU C 10 -32.38 22.92 38.98
C GLU C 10 -33.84 22.70 38.61
N VAL C 11 -34.73 23.44 39.26
CA VAL C 11 -36.16 23.40 38.96
C VAL C 11 -36.66 24.81 38.67
N LYS C 12 -37.03 25.06 37.41
CA LYS C 12 -37.43 26.40 37.00
C LYS C 12 -38.72 26.39 36.18
N LYS C 13 -39.20 27.59 35.85
CA LYS C 13 -40.40 27.76 35.04
C LYS C 13 -40.02 28.09 33.60
N PRO C 14 -40.85 27.68 32.63
CA PRO C 14 -40.61 27.94 31.21
C PRO C 14 -40.48 29.42 30.88
N GLY C 15 -39.38 29.80 30.24
CA GLY C 15 -39.15 31.18 29.84
C GLY C 15 -38.15 31.89 30.72
N GLU C 16 -37.65 31.20 31.73
CA GLU C 16 -36.69 31.79 32.66
C GLU C 16 -35.26 31.50 32.25
N SER C 17 -34.34 32.38 32.66
CA SER C 17 -32.93 32.22 32.36
C SER C 17 -32.29 31.22 33.31
N LEU C 18 -31.32 30.45 32.81
CA LEU C 18 -30.63 29.47 33.63
C LEU C 18 -29.15 29.41 33.26
N LYS C 19 -28.31 29.02 34.21
CA LYS C 19 -26.87 28.90 33.96
C LYS C 19 -26.24 27.88 34.91
N ILE C 20 -25.96 26.69 34.39
CA ILE C 20 -25.35 25.62 35.21
C ILE C 20 -23.83 25.61 35.07
N SER C 21 -23.16 25.08 36.10
CA SER C 21 -21.70 25.14 36.16
C SER C 21 -21.03 23.77 36.10
N CYS C 22 -19.80 23.76 35.61
CA CYS C 22 -18.97 22.55 35.60
C CYS C 22 -17.53 22.91 35.93
N LYS C 23 -17.12 22.60 37.15
CA LYS C 23 -15.79 22.97 37.63
C LYS C 23 -14.84 21.78 37.64
N GLY C 24 -13.66 21.97 37.03
CA GLY C 24 -12.67 20.92 36.96
C GLY C 24 -11.55 21.10 37.96
N SER C 25 -11.01 19.99 38.43
CA SER C 25 -9.95 20.01 39.44
C SER C 25 -9.01 18.83 39.30
N GLY C 26 -7.74 19.04 39.65
CA GLY C 26 -6.74 17.99 39.62
C GLY C 26 -5.84 18.05 38.41
N TYR C 27 -6.28 18.77 37.38
CA TYR C 27 -5.54 18.84 36.13
C TYR C 27 -5.50 20.26 35.57
N SER C 28 -4.66 20.47 34.57
CA SER C 28 -4.60 21.77 33.89
C SER C 28 -5.84 21.93 33.01
N PHE C 29 -6.73 22.82 33.42
CA PHE C 29 -8.05 22.95 32.81
C PHE C 29 -8.02 23.38 31.35
N THR C 30 -7.06 24.23 31.00
CA THR C 30 -6.99 24.77 29.65
C THR C 30 -6.24 23.88 28.67
N ASN C 31 -5.84 22.69 29.12
CA ASN C 31 -5.13 21.75 28.27
C ASN C 31 -6.05 20.87 27.43
N TYR C 32 -7.22 20.54 27.99
CA TYR C 32 -8.15 19.64 27.30
C TYR C 32 -9.49 20.32 27.03
N TRP C 33 -10.14 19.89 25.95
CA TRP C 33 -11.45 20.40 25.58
C TRP C 33 -12.52 19.94 26.57
N VAL C 34 -13.62 20.68 26.62
CA VAL C 34 -14.73 20.31 27.50
C VAL C 34 -16.03 20.16 26.71
N GLY C 35 -16.61 18.96 26.75
CA GLY C 35 -17.82 18.69 25.99
C GLY C 35 -19.07 18.56 26.85
N TRP C 36 -20.23 18.79 26.25
CA TRP C 36 -21.49 18.68 26.95
C TRP C 36 -22.42 17.65 26.30
N VAL C 37 -23.11 16.88 27.14
CA VAL C 37 -24.01 15.83 26.66
C VAL C 37 -25.35 15.90 27.39
N ARG C 38 -26.44 15.92 26.62
CA ARG C 38 -27.77 15.93 27.20
C ARG C 38 -28.44 14.57 27.10
N GLN C 39 -28.99 14.09 28.23
CA GLN C 39 -29.73 12.85 28.24
C GLN C 39 -31.08 13.04 28.94
N MET C 40 -32.16 12.95 28.16
CA MET C 40 -33.50 13.01 28.71
C MET C 40 -33.84 11.66 29.34
N PRO C 41 -34.54 11.67 30.48
CA PRO C 41 -34.89 10.47 31.24
C PRO C 41 -35.50 9.37 30.38
N GLY C 42 -34.75 8.30 30.17
CA GLY C 42 -35.22 7.17 29.38
C GLY C 42 -34.53 7.07 28.03
N LYS C 43 -34.21 8.22 27.44
CA LYS C 43 -33.58 8.24 26.13
C LYS C 43 -32.07 8.11 26.20
N GLY C 44 -31.43 8.04 25.04
CA GLY C 44 -29.99 7.84 24.96
C GLY C 44 -29.19 9.11 25.07
N LEU C 45 -27.86 8.99 24.95
CA LEU C 45 -26.96 10.13 25.05
C LEU C 45 -26.98 10.97 23.78
N GLU C 46 -26.97 12.29 23.95
CA GLU C 46 -26.97 13.22 22.83
C GLU C 46 -25.78 14.16 22.92
N TRP C 47 -25.21 14.52 21.78
CA TRP C 47 -24.07 15.43 21.75
C TRP C 47 -24.52 16.88 21.57
N MET C 48 -24.14 17.73 22.51
CA MET C 48 -24.50 19.15 22.46
C MET C 48 -23.42 19.98 21.76
N GLY C 49 -22.19 19.84 22.24
CA GLY C 49 -21.07 20.58 21.66
C GLY C 49 -19.86 20.58 22.57
N PHE C 50 -18.83 21.33 22.19
CA PHE C 50 -17.63 21.41 23.02
C PHE C 50 -16.99 22.80 23.00
N ILE C 51 -16.09 23.03 23.96
CA ILE C 51 -15.44 24.32 24.12
C ILE C 51 -13.98 24.20 24.54
N ASP C 52 -13.15 25.11 24.05
CA ASP C 52 -11.75 25.19 24.45
C ASP C 52 -11.60 26.30 25.49
N PRO C 53 -11.38 25.91 26.75
CA PRO C 53 -11.31 26.80 27.92
C PRO C 53 -10.37 28.00 27.74
N SER C 54 -9.32 27.84 26.95
CA SER C 54 -8.33 28.91 26.75
C SER C 54 -8.90 30.10 25.98
N ASP C 55 -9.38 29.84 24.77
CA ASP C 55 -9.89 30.91 23.90
C ASP C 55 -11.42 30.97 23.87
N SER C 56 -12.05 30.09 24.65
CA SER C 56 -13.51 30.00 24.70
C SER C 56 -14.13 29.70 23.33
N TYR C 57 -13.38 28.99 22.49
CA TYR C 57 -13.86 28.59 21.17
C TYR C 57 -14.93 27.51 21.33
N THR C 58 -16.10 27.74 20.74
CA THR C 58 -17.23 26.85 20.91
C THR C 58 -17.68 26.22 19.59
N ASN C 59 -18.01 24.93 19.65
CA ASN C 59 -18.53 24.22 18.48
C ASN C 59 -19.77 23.41 18.85
N TYR C 60 -20.92 23.77 18.28
CA TYR C 60 -22.19 23.15 18.62
C TYR C 60 -22.63 22.12 17.59
N ALA C 61 -23.38 21.12 18.03
CA ALA C 61 -24.04 20.19 17.14
C ALA C 61 -25.15 20.94 16.40
N PRO C 62 -25.41 20.57 15.13
CA PRO C 62 -26.36 21.28 14.26
C PRO C 62 -27.74 21.50 14.89
N SER C 63 -28.13 20.62 15.80
CA SER C 63 -29.43 20.73 16.46
C SER C 63 -29.40 21.73 17.60
N PHE C 64 -28.29 21.74 18.34
CA PHE C 64 -28.14 22.63 19.49
C PHE C 64 -27.58 23.99 19.07
N GLN C 65 -27.48 24.20 17.76
CA GLN C 65 -26.94 25.46 17.24
C GLN C 65 -27.87 26.62 17.57
N GLY C 66 -27.42 27.49 18.47
CA GLY C 66 -28.19 28.66 18.85
C GLY C 66 -29.28 28.36 19.87
N GLN C 67 -29.36 27.09 20.28
CA GLN C 67 -30.36 26.68 21.25
C GLN C 67 -29.79 26.67 22.66
N VAL C 68 -28.48 26.91 22.77
CA VAL C 68 -27.80 26.94 24.05
C VAL C 68 -26.48 27.71 23.92
N THR C 69 -25.92 28.15 25.03
CA THR C 69 -24.67 28.90 25.03
C THR C 69 -23.62 28.26 25.93
N ILE C 70 -22.54 27.79 25.32
CA ILE C 70 -21.44 27.20 26.08
C ILE C 70 -20.38 28.25 26.39
N SER C 71 -20.18 28.55 27.67
CA SER C 71 -19.18 29.51 28.08
C SER C 71 -18.16 28.86 29.00
N ALA C 72 -17.12 29.62 29.37
CA ALA C 72 -16.08 29.10 30.25
C ALA C 72 -15.25 30.21 30.88
N ASP C 73 -14.96 30.06 32.16
CA ASP C 73 -14.09 30.99 32.87
C ASP C 73 -12.78 30.29 33.22
N LYS C 74 -11.69 30.82 32.66
CA LYS C 74 -10.36 30.24 32.81
C LYS C 74 -9.85 30.34 34.25
N SER C 75 -10.27 31.40 34.94
CA SER C 75 -9.83 31.65 36.31
C SER C 75 -10.33 30.57 37.26
N ILE C 76 -11.64 30.38 37.31
CA ILE C 76 -12.23 29.39 38.20
C ILE C 76 -12.10 27.99 37.60
N SER C 77 -11.60 27.93 36.37
CA SER C 77 -11.53 26.68 35.62
C SER C 77 -12.91 26.06 35.52
N THR C 78 -13.90 26.86 35.12
CA THR C 78 -15.29 26.41 35.15
C THR C 78 -16.04 26.68 33.86
N ALA C 79 -16.50 25.63 33.21
CA ALA C 79 -17.31 25.77 32.00
C ALA C 79 -18.80 25.81 32.33
N TYR C 80 -19.47 26.86 31.87
CA TYR C 80 -20.89 27.02 32.14
C TYR C 80 -21.74 26.70 30.92
N LEU C 81 -22.95 26.21 31.17
CA LEU C 81 -23.92 25.95 30.12
C LEU C 81 -25.20 26.68 30.47
N GLN C 82 -25.61 27.64 29.65
CA GLN C 82 -26.74 28.50 29.99
C GLN C 82 -27.81 28.63 28.92
N TRP C 83 -29.04 28.86 29.37
CA TRP C 83 -30.18 29.10 28.49
C TRP C 83 -30.77 30.48 28.79
N SER C 84 -31.16 31.19 27.73
CA SER C 84 -31.81 32.48 27.88
C SER C 84 -33.30 32.27 28.16
N SER C 85 -33.87 31.26 27.52
CA SER C 85 -35.29 30.94 27.70
C SER C 85 -35.50 29.44 27.76
N LEU C 86 -35.65 28.91 28.97
CA LEU C 86 -35.92 27.49 29.17
C LEU C 86 -37.25 27.09 28.55
N LYS C 87 -37.35 25.83 28.14
CA LYS C 87 -38.59 25.31 27.58
C LYS C 87 -38.99 24.03 28.29
N ALA C 88 -40.09 23.43 27.86
CA ALA C 88 -40.57 22.19 28.47
C ALA C 88 -39.76 20.99 28.01
N SER C 89 -39.29 21.04 26.76
CA SER C 89 -38.56 19.93 26.16
C SER C 89 -37.10 19.86 26.64
N ASP C 90 -36.65 20.90 27.33
CA ASP C 90 -35.29 20.93 27.86
C ASP C 90 -35.17 20.23 29.20
N THR C 91 -36.28 19.64 29.67
CA THR C 91 -36.28 18.89 30.91
C THR C 91 -35.46 17.62 30.76
N ALA C 92 -34.22 17.66 31.22
CA ALA C 92 -33.30 16.53 31.06
C ALA C 92 -32.12 16.57 32.03
N MET C 93 -31.32 15.51 31.99
CA MET C 93 -30.07 15.44 32.76
C MET C 93 -28.92 15.92 31.90
N TYR C 94 -28.06 16.76 32.45
CA TYR C 94 -26.95 17.33 31.68
C TYR C 94 -25.58 16.97 32.24
N TYR C 95 -24.77 16.30 31.41
CA TYR C 95 -23.41 15.92 31.79
C TYR C 95 -22.39 16.80 31.09
N CYS C 96 -21.26 17.02 31.75
CA CYS C 96 -20.09 17.62 31.10
C CYS C 96 -18.92 16.66 31.25
N ALA C 97 -18.10 16.55 30.21
CA ALA C 97 -17.01 15.59 30.21
C ALA C 97 -15.73 16.19 29.63
N ARG C 98 -14.59 15.67 30.08
CA ARG C 98 -13.29 16.13 29.60
C ARG C 98 -12.89 15.36 28.35
N GLU C 99 -12.58 16.09 27.28
CA GLU C 99 -12.17 15.45 26.04
C GLU C 99 -10.68 15.12 26.05
N LEU C 100 -10.37 13.83 25.92
CA LEU C 100 -8.99 13.38 25.82
C LEU C 100 -8.71 12.88 24.42
N TYR C 101 -7.76 13.51 23.74
CA TYR C 101 -7.42 13.11 22.38
C TYR C 101 -6.42 11.96 22.39
N GLN C 102 -6.95 10.74 22.31
CA GLN C 102 -6.13 9.54 22.25
C GLN C 102 -6.64 8.64 21.14
N GLY C 103 -5.74 7.88 20.53
CA GLY C 103 -6.10 7.03 19.41
C GLY C 103 -6.56 7.86 18.23
N TYR C 104 -6.08 9.09 18.16
CA TYR C 104 -6.41 10.03 17.08
C TYR C 104 -7.90 10.29 16.98
N MET C 105 -8.55 10.39 18.14
CA MET C 105 -9.95 10.79 18.23
C MET C 105 -10.23 11.31 19.63
N ASP C 106 -11.22 12.18 19.75
CA ASP C 106 -11.58 12.75 21.05
C ASP C 106 -12.45 11.78 21.85
N THR C 107 -12.02 11.48 23.07
CA THR C 107 -12.76 10.60 23.96
C THR C 107 -12.91 11.23 25.35
N PHE C 108 -13.99 10.90 26.03
CA PHE C 108 -14.31 11.51 27.31
C PHE C 108 -14.04 10.56 28.47
N ASP C 109 -12.89 10.75 29.12
CA ASP C 109 -12.47 9.88 30.22
C ASP C 109 -13.15 10.23 31.54
N SER C 110 -13.11 11.51 31.90
CA SER C 110 -13.70 11.97 33.16
C SER C 110 -15.00 12.72 32.91
N TRP C 111 -15.99 12.44 33.75
CA TRP C 111 -17.31 13.06 33.61
C TRP C 111 -17.71 13.79 34.89
N GLY C 112 -18.73 14.63 34.79
CA GLY C 112 -19.32 15.25 35.95
C GLY C 112 -20.44 14.36 36.47
N GLN C 113 -20.88 14.61 37.70
CA GLN C 113 -21.92 13.77 38.31
C GLN C 113 -23.27 13.97 37.63
N GLY C 114 -23.40 15.07 36.90
CA GLY C 114 -24.63 15.36 36.18
C GLY C 114 -25.54 16.32 36.91
N THR C 115 -26.11 17.27 36.16
CA THR C 115 -27.04 18.23 36.73
C THR C 115 -28.43 18.02 36.13
N LEU C 116 -29.39 17.65 36.99
CA LEU C 116 -30.75 17.42 36.54
C LEU C 116 -31.55 18.70 36.46
N VAL C 117 -31.93 19.10 35.25
CA VAL C 117 -32.73 20.30 35.05
C VAL C 117 -34.18 19.92 34.74
N THR C 118 -35.05 20.13 35.71
CA THR C 118 -36.47 19.83 35.56
C THR C 118 -37.28 21.10 35.38
N VAL C 119 -37.82 21.30 34.18
CA VAL C 119 -38.57 22.50 33.87
C VAL C 119 -40.06 22.22 33.65
N SER C 120 -40.90 22.76 34.53
CA SER C 120 -42.34 22.65 34.39
C SER C 120 -43.03 23.80 35.13
N SER C 121 -44.33 23.95 34.90
CA SER C 121 -45.09 25.03 35.49
C SER C 121 -45.68 24.65 36.85
N ALA C 122 -44.87 24.75 37.89
CA ALA C 122 -45.31 24.43 39.25
C ALA C 122 -44.38 25.03 40.30
N SER C 123 -44.86 25.09 41.54
CA SER C 123 -44.05 25.56 42.65
C SER C 123 -43.86 24.45 43.68
N THR C 124 -43.10 24.76 44.74
CA THR C 124 -42.76 23.76 45.75
C THR C 124 -43.95 23.42 46.64
N LYS C 125 -44.19 22.13 46.84
CA LYS C 125 -45.29 21.66 47.69
C LYS C 125 -44.92 20.43 48.50
N GLY C 126 -45.31 20.41 49.77
CA GLY C 126 -45.07 19.28 50.63
C GLY C 126 -45.88 18.05 50.25
N PRO C 127 -45.34 16.86 50.52
CA PRO C 127 -45.97 15.59 50.16
C PRO C 127 -47.17 15.24 51.03
N SER C 128 -47.91 14.20 50.63
CA SER C 128 -49.01 13.69 51.43
C SER C 128 -48.86 12.18 51.59
N VAL C 129 -48.66 11.74 52.82
CA VAL C 129 -48.41 10.32 53.10
C VAL C 129 -49.65 9.61 53.64
N PHE C 130 -50.07 8.56 52.93
CA PHE C 130 -51.23 7.78 53.36
C PHE C 130 -50.86 6.30 53.52
N PRO C 131 -51.28 5.69 54.64
CA PRO C 131 -50.93 4.30 54.95
C PRO C 131 -51.64 3.30 54.04
N LEU C 132 -50.94 2.24 53.66
CA LEU C 132 -51.48 1.20 52.81
C LEU C 132 -51.54 -0.13 53.55
N ALA C 133 -52.75 -0.57 53.88
CA ALA C 133 -52.95 -1.82 54.59
C ALA C 133 -54.14 -2.58 54.02
N PRO C 134 -54.01 -3.92 53.89
CA PRO C 134 -55.09 -4.75 53.36
C PRO C 134 -56.22 -4.91 54.37
N CYS C 135 -57.27 -5.64 53.98
CA CYS C 135 -58.39 -5.88 54.86
C CYS C 135 -57.98 -6.76 56.04
N SER C 136 -58.80 -6.76 57.09
CA SER C 136 -58.47 -7.46 58.33
C SER C 136 -58.34 -8.96 58.17
N ARG C 137 -59.37 -9.59 57.61
CA ARG C 137 -59.42 -11.04 57.49
C ARG C 137 -58.88 -11.56 56.17
N SER C 138 -58.61 -10.64 55.24
CA SER C 138 -58.19 -11.02 53.89
C SER C 138 -56.77 -11.60 53.83
N THR C 139 -56.00 -11.41 54.90
CA THR C 139 -54.61 -11.87 54.91
C THR C 139 -54.40 -13.14 55.73
N SER C 140 -54.07 -14.24 55.04
CA SER C 140 -53.77 -15.50 55.68
C SER C 140 -53.08 -16.45 54.69
N GLU C 141 -52.05 -15.94 54.03
CA GLU C 141 -51.30 -16.71 53.04
C GLU C 141 -49.99 -17.20 53.63
N SER C 142 -48.90 -16.54 53.26
CA SER C 142 -47.58 -16.85 53.79
C SER C 142 -46.93 -15.58 54.32
N THR C 143 -46.89 -14.56 53.47
CA THR C 143 -46.36 -13.26 53.86
C THR C 143 -47.34 -12.14 53.46
N ALA C 144 -47.38 -11.09 54.26
CA ALA C 144 -48.25 -9.94 54.01
C ALA C 144 -47.42 -8.73 53.56
N ALA C 145 -48.09 -7.68 53.12
CA ALA C 145 -47.41 -6.49 52.63
C ALA C 145 -48.05 -5.20 53.12
N LEU C 146 -47.25 -4.36 53.79
CA LEU C 146 -47.70 -3.05 54.24
C LEU C 146 -47.00 -1.97 53.43
N GLY C 147 -47.65 -0.82 53.25
CA GLY C 147 -47.08 0.22 52.41
C GLY C 147 -47.36 1.66 52.81
N CYS C 148 -46.78 2.57 52.04
CA CYS C 148 -46.98 4.01 52.21
C CYS C 148 -47.11 4.67 50.84
N LEU C 149 -48.08 5.55 50.70
CA LEU C 149 -48.30 6.28 49.46
C LEU C 149 -47.96 7.75 49.64
N VAL C 150 -46.94 8.20 48.92
CA VAL C 150 -46.54 9.61 48.94
C VAL C 150 -47.05 10.29 47.69
N LYS C 151 -48.14 11.06 47.84
CA LYS C 151 -48.80 11.65 46.68
C LYS C 151 -48.85 13.18 46.79
N ASP C 152 -48.99 13.83 45.65
CA ASP C 152 -49.11 15.29 45.56
C ASP C 152 -47.92 16.03 46.15
N TYR C 153 -46.77 15.92 45.49
CA TYR C 153 -45.58 16.65 45.91
C TYR C 153 -44.81 17.15 44.70
N PHE C 154 -44.02 18.20 44.91
CA PHE C 154 -43.22 18.79 43.84
C PHE C 154 -42.13 19.67 44.43
N PRO C 155 -40.90 19.54 43.91
CA PRO C 155 -40.54 18.57 42.88
C PRO C 155 -39.83 17.35 43.48
N GLU C 156 -39.32 16.47 42.61
CA GLU C 156 -38.52 15.33 43.05
C GLU C 156 -37.19 15.82 43.62
N PRO C 157 -36.50 14.99 44.43
CA PRO C 157 -36.83 13.61 44.83
C PRO C 157 -37.45 13.52 46.22
N VAL C 158 -37.79 12.31 46.62
CA VAL C 158 -38.29 12.02 47.97
C VAL C 158 -37.64 10.76 48.51
N THR C 159 -36.96 10.89 49.65
CA THR C 159 -36.26 9.75 50.24
C THR C 159 -37.14 8.99 51.22
N VAL C 160 -37.33 7.69 50.96
CA VAL C 160 -38.19 6.86 51.78
C VAL C 160 -37.39 5.86 52.62
N SER C 161 -37.69 5.81 53.91
CA SER C 161 -37.06 4.85 54.80
C SER C 161 -38.10 4.13 55.65
N TRP C 162 -37.68 3.07 56.33
CA TRP C 162 -38.58 2.29 57.17
C TRP C 162 -37.97 2.03 58.55
N ASN C 163 -38.74 2.36 59.59
CA ASN C 163 -38.30 2.20 60.97
C ASN C 163 -36.96 2.89 61.26
N SER C 164 -36.86 4.15 60.84
CA SER C 164 -35.67 4.96 61.05
C SER C 164 -34.41 4.36 60.43
N GLY C 165 -34.59 3.55 59.39
CA GLY C 165 -33.48 2.95 58.68
C GLY C 165 -33.15 1.54 59.12
N ALA C 166 -33.84 1.06 60.16
CA ALA C 166 -33.61 -0.28 60.68
C ALA C 166 -34.07 -1.34 59.69
N LEU C 167 -35.26 -1.14 59.14
CA LEU C 167 -35.82 -2.07 58.17
C LEU C 167 -35.21 -1.84 56.79
N THR C 168 -34.44 -2.81 56.31
CA THR C 168 -33.72 -2.68 55.06
C THR C 168 -34.32 -3.53 53.94
N SER C 169 -33.95 -4.81 53.90
CA SER C 169 -34.37 -5.69 52.82
C SER C 169 -35.87 -5.98 52.85
N GLY C 170 -36.39 -6.45 51.72
CA GLY C 170 -37.79 -6.79 51.60
C GLY C 170 -38.65 -5.64 51.13
N VAL C 171 -38.07 -4.44 51.10
CA VAL C 171 -38.82 -3.25 50.70
C VAL C 171 -38.80 -3.03 49.19
N HIS C 172 -39.73 -2.20 48.72
CA HIS C 172 -39.79 -1.82 47.31
C HIS C 172 -40.27 -0.39 47.18
N THR C 173 -39.34 0.51 46.87
CA THR C 173 -39.66 1.91 46.61
C THR C 173 -39.74 2.13 45.09
N PHE C 174 -40.94 2.36 44.60
CA PHE C 174 -41.21 2.43 43.17
C PHE C 174 -40.91 3.81 42.58
N PRO C 175 -40.51 3.84 41.30
CA PRO C 175 -40.26 5.11 40.60
C PRO C 175 -41.50 5.98 40.55
N ALA C 176 -41.32 7.27 40.75
CA ALA C 176 -42.44 8.21 40.76
C ALA C 176 -43.04 8.39 39.36
N VAL C 177 -44.36 8.42 39.29
CA VAL C 177 -45.05 8.67 38.03
C VAL C 177 -45.67 10.06 38.00
N LEU C 178 -45.44 10.79 36.91
CA LEU C 178 -45.93 12.15 36.79
C LEU C 178 -47.41 12.18 36.46
N GLN C 179 -48.20 12.75 37.37
CA GLN C 179 -49.65 12.86 37.17
C GLN C 179 -49.97 13.94 36.13
N SER C 180 -51.22 13.98 35.68
CA SER C 180 -51.65 14.95 34.69
C SER C 180 -51.64 16.37 35.27
N SER C 181 -51.85 16.46 36.58
CA SER C 181 -51.89 17.76 37.26
C SER C 181 -50.51 18.42 37.27
N GLY C 182 -49.47 17.63 37.52
CA GLY C 182 -48.12 18.14 37.57
C GLY C 182 -47.42 17.78 38.87
N LEU C 183 -48.05 16.90 39.64
CA LEU C 183 -47.49 16.44 40.91
C LEU C 183 -47.06 14.99 40.82
N TYR C 184 -45.95 14.66 41.46
CA TYR C 184 -45.41 13.30 41.41
C TYR C 184 -46.14 12.38 42.39
N SER C 185 -46.04 11.08 42.15
CA SER C 185 -46.67 10.08 43.01
C SER C 185 -45.78 8.85 43.17
N LEU C 186 -45.43 8.54 44.42
CA LEU C 186 -44.54 7.43 44.72
C LEU C 186 -45.18 6.43 45.66
N SER C 187 -44.90 5.15 45.43
CA SER C 187 -45.39 4.07 46.28
C SER C 187 -44.20 3.38 46.93
N SER C 188 -44.33 3.04 48.22
CA SER C 188 -43.23 2.35 48.91
C SER C 188 -43.76 1.25 49.82
N VAL C 189 -43.47 0.00 49.47
CA VAL C 189 -44.02 -1.13 50.22
C VAL C 189 -42.94 -1.98 50.92
N VAL C 190 -43.40 -2.96 51.71
CA VAL C 190 -42.51 -3.85 52.44
C VAL C 190 -43.29 -5.10 52.89
N THR C 191 -42.64 -6.26 52.87
CA THR C 191 -43.32 -7.51 53.18
C THR C 191 -42.84 -8.18 54.47
N VAL C 192 -43.80 -8.59 55.29
CA VAL C 192 -43.52 -9.33 56.52
C VAL C 192 -44.57 -10.42 56.73
N PRO C 193 -44.14 -11.61 57.18
CA PRO C 193 -44.98 -12.81 57.33
C PRO C 193 -46.26 -12.60 58.13
N SER C 194 -46.21 -12.83 59.44
CA SER C 194 -47.41 -12.80 60.27
C SER C 194 -47.34 -11.76 61.39
N SER C 195 -46.37 -10.85 61.30
CA SER C 195 -46.22 -9.80 62.29
C SER C 195 -46.98 -8.54 61.87
N SER C 196 -48.16 -8.75 61.28
CA SER C 196 -48.92 -7.66 60.70
C SER C 196 -49.83 -6.95 61.71
N LEU C 197 -50.66 -7.71 62.40
CA LEU C 197 -51.66 -7.15 63.30
C LEU C 197 -51.06 -6.31 64.44
N GLY C 198 -50.60 -6.97 65.49
CA GLY C 198 -50.07 -6.27 66.64
C GLY C 198 -48.80 -6.87 67.21
N THR C 199 -47.84 -7.16 66.34
CA THR C 199 -46.56 -7.71 66.76
C THR C 199 -45.47 -6.63 66.77
N LYS C 200 -45.14 -6.13 65.58
CA LYS C 200 -44.10 -5.12 65.43
C LYS C 200 -44.68 -3.81 64.91
N THR C 201 -43.92 -2.73 65.06
CA THR C 201 -44.34 -1.42 64.60
C THR C 201 -43.64 -1.03 63.30
N TYR C 202 -44.42 -0.80 62.24
CA TYR C 202 -43.86 -0.43 60.95
C TYR C 202 -44.25 1.00 60.59
N THR C 203 -43.34 1.94 60.86
CA THR C 203 -43.57 3.35 60.57
C THR C 203 -42.61 3.85 59.50
N CYS C 204 -43.16 4.25 58.35
CA CYS C 204 -42.33 4.74 57.25
C CYS C 204 -41.96 6.22 57.45
N ASN C 205 -40.68 6.52 57.20
CA ASN C 205 -40.18 7.88 57.34
C ASN C 205 -39.85 8.47 55.97
N VAL C 206 -40.66 9.44 55.55
CA VAL C 206 -40.47 10.08 54.26
C VAL C 206 -39.86 11.47 54.43
N ASP C 207 -38.77 11.72 53.71
CA ASP C 207 -38.10 13.02 53.76
C ASP C 207 -38.12 13.70 52.40
N HIS C 208 -38.65 14.92 52.36
CA HIS C 208 -38.70 15.71 51.14
C HIS C 208 -37.85 16.97 51.32
N LYS C 209 -36.73 17.02 50.61
CA LYS C 209 -35.76 18.11 50.79
C LYS C 209 -36.16 19.50 50.26
N PRO C 210 -36.81 19.59 49.07
CA PRO C 210 -37.18 20.92 48.58
C PRO C 210 -38.13 21.70 49.51
N SER C 211 -39.29 21.13 49.82
CA SER C 211 -40.30 21.84 50.60
C SER C 211 -40.00 21.86 52.10
N ASN C 212 -38.83 21.35 52.47
CA ASN C 212 -38.40 21.28 53.86
C ASN C 212 -39.43 20.56 54.73
N THR C 213 -39.96 19.46 54.22
CA THR C 213 -41.00 18.70 54.91
C THR C 213 -40.55 17.27 55.20
N LYS C 214 -40.64 16.87 56.46
CA LYS C 214 -40.30 15.50 56.86
C LYS C 214 -41.46 14.89 57.63
N VAL C 215 -41.97 13.77 57.14
CA VAL C 215 -43.16 13.16 57.69
C VAL C 215 -42.97 11.69 58.05
N ASP C 216 -43.32 11.33 59.29
CA ASP C 216 -43.33 9.93 59.71
C ASP C 216 -44.77 9.44 59.77
N LYS C 217 -45.00 8.22 59.30
CA LYS C 217 -46.36 7.69 59.24
C LYS C 217 -46.44 6.22 59.60
N ARG C 218 -47.29 5.89 60.57
CA ARG C 218 -47.52 4.50 60.97
C ARG C 218 -48.54 3.82 60.06
N VAL C 219 -48.24 2.59 59.67
CA VAL C 219 -49.15 1.81 58.84
C VAL C 219 -50.04 0.93 59.70
N HIS C 220 -51.35 1.16 59.60
CA HIS C 220 -52.33 0.39 60.37
C HIS C 220 -53.70 0.46 59.71
N HIS C 221 -54.49 -0.61 59.86
CA HIS C 221 -55.83 -0.65 59.29
C HIS C 221 -56.90 -0.65 60.37
N HIS C 222 -57.74 0.38 60.38
CA HIS C 222 -58.81 0.48 61.35
C HIS C 222 -60.04 -0.31 60.90
N HIS C 223 -60.60 -1.10 61.82
CA HIS C 223 -61.74 -1.96 61.51
C HIS C 223 -63.01 -1.16 61.23
N HIS C 224 -63.14 0.00 61.88
CA HIS C 224 -64.26 0.89 61.61
C HIS C 224 -63.77 2.18 60.96
N HIS C 225 -64.56 2.69 60.02
CA HIS C 225 -64.16 3.87 59.26
C HIS C 225 -65.16 5.02 59.43
N SER D 2 10.13 -55.67 -9.57
CA SER D 2 9.05 -56.46 -10.14
C SER D 2 9.61 -57.63 -10.96
N VAL D 3 9.28 -58.85 -10.54
CA VAL D 3 9.75 -60.04 -11.24
C VAL D 3 9.00 -60.25 -12.55
N LEU D 4 9.72 -60.21 -13.66
CA LEU D 4 9.12 -60.43 -14.97
C LEU D 4 9.09 -61.91 -15.32
N THR D 5 7.91 -62.42 -15.65
CA THR D 5 7.74 -63.82 -15.98
C THR D 5 7.34 -64.02 -17.43
N GLN D 6 8.17 -64.75 -18.17
CA GLN D 6 7.90 -65.06 -19.57
C GLN D 6 7.63 -66.55 -19.72
N PRO D 7 6.82 -66.92 -20.73
CA PRO D 7 6.62 -68.34 -21.03
C PRO D 7 7.90 -68.96 -21.56
N PRO D 8 8.21 -70.19 -21.13
CA PRO D 8 9.44 -70.89 -21.55
C PRO D 8 9.55 -70.99 -23.07
N SER D 9 8.62 -71.70 -23.70
CA SER D 9 8.64 -71.85 -25.15
C SER D 9 7.27 -71.59 -25.77
N VAL D 10 7.26 -70.94 -26.92
CA VAL D 10 6.02 -70.69 -27.66
C VAL D 10 6.21 -71.01 -29.14
N SER D 11 5.41 -71.95 -29.64
CA SER D 11 5.54 -72.41 -31.03
C SER D 11 4.35 -71.99 -31.88
N VAL D 12 4.61 -71.74 -33.17
CA VAL D 12 3.56 -71.30 -34.09
C VAL D 12 3.83 -71.77 -35.51
N ALA D 13 2.77 -71.96 -36.28
CA ALA D 13 2.89 -72.38 -37.68
C ALA D 13 3.46 -71.26 -38.55
N PRO D 14 4.23 -71.62 -39.58
CA PRO D 14 4.81 -70.65 -40.52
C PRO D 14 3.75 -69.80 -41.21
N GLY D 15 3.88 -68.48 -41.11
CA GLY D 15 2.96 -67.56 -41.75
C GLY D 15 1.84 -67.12 -40.84
N GLN D 16 1.86 -67.59 -39.59
CA GLN D 16 0.81 -67.28 -38.64
C GLN D 16 1.24 -66.17 -37.67
N THR D 17 0.34 -65.80 -36.77
CA THR D 17 0.62 -64.75 -35.79
C THR D 17 1.27 -65.32 -34.53
N ALA D 18 2.40 -64.75 -34.13
CA ALA D 18 3.10 -65.20 -32.93
C ALA D 18 3.00 -64.16 -31.81
N ARG D 19 2.55 -64.60 -30.64
CA ARG D 19 2.32 -63.69 -29.53
C ARG D 19 3.04 -64.15 -28.25
N ILE D 20 3.88 -63.27 -27.71
CA ILE D 20 4.62 -63.57 -26.49
C ILE D 20 4.19 -62.64 -25.35
N SER D 21 3.86 -63.23 -24.21
CA SER D 21 3.38 -62.48 -23.06
C SER D 21 4.48 -62.16 -22.05
N CYS D 22 4.32 -61.06 -21.34
CA CYS D 22 5.23 -60.68 -20.26
C CYS D 22 4.40 -60.22 -19.07
N SER D 23 4.40 -61.03 -18.01
CA SER D 23 3.54 -60.78 -16.86
C SER D 23 4.28 -60.21 -15.66
N GLY D 24 3.76 -59.11 -15.13
CA GLY D 24 4.33 -58.49 -13.95
C GLY D 24 3.28 -57.67 -13.23
N ASP D 25 3.52 -57.36 -11.95
CA ASP D 25 2.57 -56.58 -11.16
C ASP D 25 2.55 -55.13 -11.64
N ASN D 26 1.43 -54.72 -12.22
CA ASN D 26 1.24 -53.37 -12.74
C ASN D 26 2.29 -52.97 -13.77
N ILE D 27 2.65 -53.90 -14.65
CA ILE D 27 3.66 -53.64 -15.68
C ILE D 27 3.15 -52.65 -16.72
N GLY D 28 1.84 -52.38 -16.69
CA GLY D 28 1.25 -51.42 -17.60
C GLY D 28 1.70 -49.99 -17.31
N SER D 29 2.32 -49.80 -16.16
CA SER D 29 2.81 -48.50 -15.74
C SER D 29 4.17 -48.17 -16.36
N TYR D 30 4.86 -49.20 -16.85
CA TYR D 30 6.23 -49.03 -17.34
C TYR D 30 6.35 -49.26 -18.85
N TYR D 31 7.35 -48.62 -19.45
CA TYR D 31 7.68 -48.83 -20.85
C TYR D 31 8.52 -50.08 -21.02
N VAL D 32 7.92 -51.13 -21.55
CA VAL D 32 8.59 -52.41 -21.74
C VAL D 32 9.46 -52.39 -22.99
N HIS D 33 10.51 -53.21 -23.00
CA HIS D 33 11.41 -53.30 -24.14
C HIS D 33 11.66 -54.76 -24.50
N TRP D 34 11.60 -55.08 -25.78
CA TRP D 34 11.81 -56.44 -26.26
C TRP D 34 13.07 -56.59 -27.09
N TYR D 35 13.94 -57.51 -26.67
CA TYR D 35 15.17 -57.86 -27.38
C TYR D 35 15.04 -59.22 -28.04
N GLN D 36 15.64 -59.35 -29.23
CA GLN D 36 15.68 -60.61 -29.97
C GLN D 36 17.11 -61.12 -30.04
N GLN D 37 17.30 -62.40 -29.72
CA GLN D 37 18.64 -62.98 -29.71
C GLN D 37 18.72 -64.36 -30.35
N LYS D 38 19.58 -64.51 -31.35
CA LYS D 38 19.86 -65.81 -31.92
C LYS D 38 21.16 -66.36 -31.32
N PRO D 39 21.19 -67.67 -31.02
CA PRO D 39 22.34 -68.34 -30.39
C PRO D 39 23.65 -68.08 -31.14
N GLY D 40 24.64 -67.57 -30.42
CA GLY D 40 25.94 -67.28 -31.00
C GLY D 40 26.09 -65.82 -31.39
N GLN D 41 25.00 -65.07 -31.28
CA GLN D 41 25.01 -63.66 -31.66
C GLN D 41 24.61 -62.77 -30.49
N ALA D 42 24.85 -61.47 -30.66
CA ALA D 42 24.46 -60.49 -29.64
C ALA D 42 23.00 -60.08 -29.84
N PRO D 43 22.26 -59.97 -28.72
CA PRO D 43 20.85 -59.59 -28.75
C PRO D 43 20.63 -58.24 -29.43
N VAL D 44 19.62 -58.16 -30.30
CA VAL D 44 19.30 -56.93 -31.00
C VAL D 44 17.91 -56.45 -30.62
N LEU D 45 17.76 -55.15 -30.40
CA LEU D 45 16.50 -54.57 -29.98
C LEU D 45 15.47 -54.56 -31.11
N VAL D 46 14.29 -55.10 -30.83
CA VAL D 46 13.20 -55.08 -31.80
C VAL D 46 12.04 -54.20 -31.32
N ILE D 47 11.94 -54.01 -30.01
CA ILE D 47 10.89 -53.17 -29.46
C ILE D 47 11.38 -52.25 -28.34
N TYR D 48 11.14 -50.94 -28.48
CA TYR D 48 11.44 -50.00 -27.41
C TYR D 48 10.21 -49.14 -27.12
N GLU D 49 10.04 -48.79 -25.84
CA GLU D 49 8.84 -48.10 -25.36
C GLU D 49 7.57 -48.90 -25.69
N ASP D 50 7.70 -50.22 -25.59
CA ASP D 50 6.62 -51.19 -25.79
C ASP D 50 5.79 -51.10 -27.08
N SER D 51 5.97 -50.07 -27.89
CA SER D 51 5.16 -49.91 -29.09
C SER D 51 5.94 -49.41 -30.29
N GLU D 52 7.13 -48.85 -30.05
CA GLU D 52 7.91 -48.25 -31.11
C GLU D 52 8.92 -49.22 -31.73
N ARG D 53 9.05 -49.14 -33.05
CA ARG D 53 10.02 -49.96 -33.78
C ARG D 53 11.27 -49.14 -34.11
N PRO D 54 12.45 -49.63 -33.71
CA PRO D 54 13.72 -48.97 -34.05
C PRO D 54 13.94 -48.91 -35.55
N SER D 55 14.76 -47.99 -36.01
CA SER D 55 15.05 -47.83 -37.43
C SER D 55 15.75 -49.07 -37.99
N GLY D 56 15.07 -49.78 -38.89
CA GLY D 56 15.63 -50.98 -39.49
C GLY D 56 14.90 -52.23 -39.03
N ILE D 57 13.91 -52.05 -38.16
CA ILE D 57 13.12 -53.17 -37.66
C ILE D 57 11.84 -53.32 -38.48
N PRO D 58 11.59 -54.54 -38.99
CA PRO D 58 10.41 -54.88 -39.79
C PRO D 58 9.11 -54.46 -39.10
N GLU D 59 8.10 -54.14 -39.89
CA GLU D 59 6.82 -53.68 -39.36
C GLU D 59 5.93 -54.84 -38.88
N ARG D 60 6.42 -56.06 -39.08
CA ARG D 60 5.71 -57.25 -38.62
C ARG D 60 5.67 -57.26 -37.09
N PHE D 61 6.67 -56.67 -36.47
CA PHE D 61 6.78 -56.63 -35.02
C PHE D 61 6.01 -55.45 -34.43
N SER D 62 5.00 -55.75 -33.62
CA SER D 62 4.25 -54.72 -32.91
C SER D 62 4.14 -55.09 -31.45
N GLY D 63 3.99 -54.11 -30.58
CA GLY D 63 3.91 -54.39 -29.15
C GLY D 63 2.78 -53.68 -28.44
N SER D 64 2.34 -54.24 -27.33
CA SER D 64 1.32 -53.61 -26.50
C SER D 64 1.65 -53.79 -25.02
N ASN D 65 1.13 -52.89 -24.19
CA ASN D 65 1.37 -52.96 -22.76
C ASN D 65 0.15 -52.47 -21.98
N SER D 66 -0.48 -53.37 -21.23
CA SER D 66 -1.68 -53.01 -20.47
C SER D 66 -1.88 -53.92 -19.27
N GLY D 67 -2.33 -53.33 -18.16
CA GLY D 67 -2.57 -54.07 -16.94
C GLY D 67 -1.34 -54.78 -16.43
N ASN D 68 -1.37 -56.10 -16.47
CA ASN D 68 -0.24 -56.91 -16.01
C ASN D 68 0.50 -57.57 -17.16
N THR D 69 0.05 -57.30 -18.39
CA THR D 69 0.59 -57.99 -19.54
C THR D 69 1.21 -57.07 -20.59
N ALA D 70 2.42 -57.41 -21.01
CA ALA D 70 3.06 -56.75 -22.15
C ALA D 70 3.25 -57.79 -23.24
N THR D 71 2.59 -57.58 -24.38
CA THR D 71 2.58 -58.59 -25.44
C THR D 71 3.32 -58.16 -26.69
N LEU D 72 4.22 -59.04 -27.16
CA LEU D 72 4.88 -58.85 -28.45
C LEU D 72 4.19 -59.68 -29.52
N THR D 73 3.99 -59.08 -30.69
CA THR D 73 3.20 -59.70 -31.76
C THR D 73 3.92 -59.65 -33.10
N ILE D 74 4.02 -60.80 -33.75
CA ILE D 74 4.63 -60.91 -35.07
C ILE D 74 3.64 -61.52 -36.06
N SER D 75 3.13 -60.69 -36.97
CA SER D 75 2.26 -61.18 -38.04
C SER D 75 3.07 -61.55 -39.26
N GLY D 76 2.71 -62.66 -39.90
CA GLY D 76 3.46 -63.18 -41.03
C GLY D 76 4.79 -63.72 -40.57
N THR D 77 4.75 -64.67 -39.64
CA THR D 77 5.95 -65.29 -39.09
C THR D 77 6.72 -66.04 -40.18
N GLN D 78 7.98 -65.66 -40.36
CA GLN D 78 8.83 -66.31 -41.35
C GLN D 78 9.85 -67.24 -40.71
N ALA D 79 10.71 -67.82 -41.54
CA ALA D 79 11.72 -68.77 -41.05
C ALA D 79 12.85 -68.06 -40.30
N GLU D 80 13.06 -66.78 -40.62
CA GLU D 80 14.15 -66.02 -40.03
C GLU D 80 13.81 -65.50 -38.63
N ASP D 81 12.56 -65.66 -38.22
CA ASP D 81 12.09 -65.08 -36.97
C ASP D 81 12.25 -66.00 -35.75
N GLU D 82 12.71 -67.22 -35.98
CA GLU D 82 12.91 -68.17 -34.89
C GLU D 82 14.13 -67.81 -34.05
N ALA D 83 13.90 -67.41 -32.80
CA ALA D 83 14.97 -67.02 -31.89
C ALA D 83 14.50 -66.93 -30.45
N ASP D 84 15.30 -66.26 -29.62
CA ASP D 84 14.96 -65.99 -28.23
C ASP D 84 14.42 -64.57 -28.11
N TYR D 85 13.47 -64.37 -27.20
CA TYR D 85 12.89 -63.06 -26.98
C TYR D 85 12.82 -62.71 -25.50
N TYR D 86 13.34 -61.55 -25.14
CA TYR D 86 13.36 -61.11 -23.74
C TYR D 86 12.66 -59.77 -23.56
N CYS D 87 11.82 -59.65 -22.54
CA CYS D 87 11.20 -58.37 -22.22
C CYS D 87 11.96 -57.68 -21.09
N SER D 88 12.08 -56.36 -21.16
CA SER D 88 12.89 -55.63 -20.19
C SER D 88 12.31 -54.28 -19.77
N SER D 89 12.57 -53.88 -18.53
CA SER D 89 12.15 -52.58 -18.03
C SER D 89 13.01 -52.15 -16.83
N TYR D 90 13.44 -50.89 -16.81
CA TYR D 90 14.39 -50.43 -15.81
C TYR D 90 13.82 -50.30 -14.38
N ASP D 91 12.68 -49.64 -14.25
CA ASP D 91 11.98 -49.52 -12.96
C ASP D 91 12.84 -48.85 -11.89
N ASP D 92 13.05 -49.54 -10.77
CA ASP D 92 13.81 -49.02 -9.64
C ASP D 92 15.28 -48.85 -9.98
N PRO D 93 16.09 -48.31 -9.04
CA PRO D 93 17.56 -48.31 -9.12
C PRO D 93 18.19 -49.62 -9.62
N ASN D 94 17.42 -50.70 -9.68
CA ASN D 94 17.84 -51.94 -10.32
C ASN D 94 18.18 -51.68 -11.78
N PHE D 95 17.54 -50.65 -12.34
CA PHE D 95 17.94 -50.06 -13.62
C PHE D 95 17.79 -50.93 -14.88
N GLN D 96 17.54 -52.21 -14.71
CA GLN D 96 17.14 -53.09 -15.81
C GLN D 96 16.71 -54.46 -15.32
N VAL D 97 15.45 -54.79 -15.55
CA VAL D 97 14.91 -56.09 -15.19
C VAL D 97 14.50 -56.83 -16.45
N PHE D 98 14.99 -58.06 -16.57
CA PHE D 98 14.67 -58.93 -17.70
C PHE D 98 13.63 -59.97 -17.32
N GLY D 99 13.26 -60.81 -18.27
CA GLY D 99 12.35 -61.91 -18.03
C GLY D 99 13.07 -63.23 -18.12
N GLY D 100 12.33 -64.31 -17.92
CA GLY D 100 12.90 -65.65 -17.97
C GLY D 100 13.40 -66.02 -19.36
N GLY D 101 12.86 -65.36 -20.37
CA GLY D 101 13.24 -65.62 -21.74
C GLY D 101 12.28 -66.57 -22.44
N THR D 102 11.82 -66.17 -23.63
CA THR D 102 10.89 -66.99 -24.39
C THR D 102 11.57 -67.57 -25.63
N LYS D 103 11.31 -68.84 -25.91
CA LYS D 103 11.87 -69.48 -27.09
C LYS D 103 10.79 -69.63 -28.17
N LEU D 104 10.90 -68.82 -29.22
CA LEU D 104 9.95 -68.89 -30.33
C LEU D 104 10.32 -70.03 -31.26
N THR D 105 9.34 -70.89 -31.53
CA THR D 105 9.57 -72.05 -32.39
C THR D 105 8.70 -72.02 -33.64
N VAL D 106 9.33 -71.86 -34.80
CA VAL D 106 8.63 -71.99 -36.07
C VAL D 106 8.39 -73.47 -36.33
N LEU D 107 7.15 -73.83 -36.64
CA LEU D 107 6.77 -75.24 -36.79
C LEU D 107 7.49 -75.94 -37.95
N GLY D 108 7.13 -77.21 -38.15
CA GLY D 108 7.82 -78.08 -39.08
C GLY D 108 8.04 -77.55 -40.49
N GLN D 109 9.26 -77.09 -40.75
CA GLN D 109 9.70 -76.77 -42.09
C GLN D 109 9.98 -78.09 -42.80
N PRO D 110 9.94 -78.09 -44.15
CA PRO D 110 10.20 -79.30 -44.95
C PRO D 110 11.44 -80.07 -44.49
N LYS D 111 11.32 -81.39 -44.38
CA LYS D 111 12.42 -82.24 -43.96
C LYS D 111 13.57 -82.22 -44.96
N ALA D 112 14.79 -82.10 -44.44
CA ALA D 112 15.98 -82.02 -45.29
C ALA D 112 16.86 -83.26 -45.15
N ALA D 113 17.59 -83.57 -46.21
CA ALA D 113 18.50 -84.72 -46.20
C ALA D 113 19.88 -84.33 -45.66
N PRO D 114 20.35 -85.04 -44.63
CA PRO D 114 21.61 -84.78 -43.95
C PRO D 114 22.82 -84.86 -44.88
N SER D 115 23.36 -83.71 -45.28
CA SER D 115 24.58 -83.66 -46.08
C SER D 115 25.76 -84.13 -45.22
N VAL D 116 26.24 -85.33 -45.49
CA VAL D 116 27.31 -85.93 -44.72
C VAL D 116 28.65 -85.91 -45.45
N THR D 117 29.67 -85.41 -44.78
CA THR D 117 31.01 -85.38 -45.34
C THR D 117 32.01 -86.00 -44.37
N LEU D 118 32.71 -87.03 -44.83
CA LEU D 118 33.67 -87.74 -43.99
C LEU D 118 35.11 -87.41 -44.37
N PHE D 119 35.84 -86.82 -43.43
CA PHE D 119 37.24 -86.49 -43.63
C PHE D 119 38.17 -87.44 -42.89
N PRO D 120 39.10 -88.08 -43.63
CA PRO D 120 40.13 -88.94 -43.07
C PRO D 120 41.21 -88.13 -42.38
N PRO D 121 41.95 -88.74 -41.44
CA PRO D 121 43.07 -88.08 -40.76
C PRO D 121 44.10 -87.55 -41.77
N SER D 122 44.69 -86.41 -41.48
CA SER D 122 45.64 -85.78 -42.38
C SER D 122 46.99 -86.49 -42.38
N SER D 123 47.88 -86.02 -43.24
CA SER D 123 49.22 -86.59 -43.34
C SER D 123 50.03 -86.22 -42.10
N GLU D 124 50.02 -84.94 -41.75
CA GLU D 124 50.74 -84.44 -40.58
C GLU D 124 50.25 -85.09 -39.29
N GLU D 125 48.96 -85.44 -39.27
CA GLU D 125 48.37 -86.07 -38.10
C GLU D 125 48.92 -87.48 -37.93
N LEU D 126 49.08 -88.20 -39.05
CA LEU D 126 49.69 -89.51 -39.03
C LEU D 126 51.17 -89.42 -38.68
N GLN D 127 51.79 -88.31 -39.08
CA GLN D 127 53.19 -88.06 -38.76
C GLN D 127 53.37 -87.75 -37.27
N ALA D 128 52.27 -87.39 -36.61
CA ALA D 128 52.31 -87.05 -35.19
C ALA D 128 51.83 -88.21 -34.32
N ASN D 129 51.66 -89.38 -34.93
CA ASN D 129 51.26 -90.60 -34.22
C ASN D 129 49.90 -90.50 -33.53
N LYS D 130 48.88 -90.11 -34.29
CA LYS D 130 47.51 -90.05 -33.79
C LYS D 130 46.55 -89.87 -34.96
N ALA D 131 45.33 -90.40 -34.84
CA ALA D 131 44.35 -90.30 -35.93
C ALA D 131 42.99 -89.85 -35.41
N THR D 132 42.25 -89.15 -36.28
CA THR D 132 40.91 -88.68 -35.94
C THR D 132 40.04 -88.52 -37.18
N LEU D 133 39.04 -89.38 -37.31
CA LEU D 133 38.09 -89.31 -38.42
C LEU D 133 37.01 -88.27 -38.11
N VAL D 134 36.72 -87.42 -39.09
CA VAL D 134 35.78 -86.32 -38.86
C VAL D 134 34.51 -86.44 -39.70
N CYS D 135 33.40 -86.78 -39.06
CA CYS D 135 32.11 -86.89 -39.73
C CYS D 135 31.31 -85.61 -39.52
N LEU D 136 31.10 -84.87 -40.60
CA LEU D 136 30.44 -83.57 -40.52
C LEU D 136 29.09 -83.58 -41.23
N ILE D 137 28.02 -83.28 -40.49
CA ILE D 137 26.67 -83.30 -41.03
C ILE D 137 26.09 -81.90 -41.08
N SER D 138 25.45 -81.56 -42.20
CA SER D 138 24.87 -80.22 -42.36
C SER D 138 23.54 -80.23 -43.12
N ASP D 139 22.75 -79.18 -42.91
CA ASP D 139 21.49 -78.98 -43.63
C ASP D 139 20.50 -80.13 -43.48
N PHE D 140 19.98 -80.32 -42.26
CA PHE D 140 18.98 -81.35 -42.03
C PHE D 140 17.93 -80.94 -40.99
N TYR D 141 16.70 -81.42 -41.19
CA TYR D 141 15.60 -81.09 -40.29
C TYR D 141 14.68 -82.31 -40.15
N PRO D 142 14.32 -82.66 -38.90
CA PRO D 142 14.71 -82.03 -37.64
C PRO D 142 16.15 -82.35 -37.25
N GLY D 143 16.57 -81.86 -36.08
CA GLY D 143 17.95 -81.99 -35.64
C GLY D 143 18.31 -83.33 -35.05
N ALA D 144 17.30 -84.09 -34.64
CA ALA D 144 17.53 -85.38 -33.99
C ALA D 144 18.17 -86.40 -34.93
N VAL D 145 19.43 -86.73 -34.66
CA VAL D 145 20.15 -87.72 -35.46
C VAL D 145 20.94 -88.68 -34.56
N THR D 146 21.17 -89.89 -35.06
CA THR D 146 21.94 -90.88 -34.33
C THR D 146 23.09 -91.41 -35.17
N VAL D 147 24.32 -91.03 -34.82
CA VAL D 147 25.49 -91.39 -35.59
C VAL D 147 26.18 -92.64 -35.04
N ALA D 148 26.56 -93.54 -35.93
CA ALA D 148 27.29 -94.76 -35.56
C ALA D 148 28.51 -94.94 -36.45
N TRP D 149 29.58 -95.47 -35.87
CA TRP D 149 30.83 -95.68 -36.60
C TRP D 149 31.08 -97.16 -36.85
N LYS D 150 31.27 -97.50 -38.12
CA LYS D 150 31.52 -98.90 -38.51
C LYS D 150 32.92 -99.11 -39.08
N ALA D 151 33.56 -100.19 -38.66
CA ALA D 151 34.81 -100.62 -39.26
C ALA D 151 34.51 -101.81 -40.17
N ASP D 152 34.59 -101.58 -41.48
CA ASP D 152 34.16 -102.54 -42.49
C ASP D 152 32.67 -102.82 -42.35
N SER D 153 32.32 -103.87 -41.61
CA SER D 153 30.94 -104.20 -41.34
C SER D 153 30.71 -104.36 -39.84
N SER D 154 31.81 -104.40 -39.09
CA SER D 154 31.75 -104.50 -37.64
C SER D 154 31.93 -103.12 -36.99
N PRO D 155 30.87 -102.60 -36.37
CA PRO D 155 30.88 -101.27 -35.75
C PRO D 155 31.86 -101.17 -34.57
N VAL D 156 32.54 -100.03 -34.47
CA VAL D 156 33.46 -99.80 -33.36
C VAL D 156 33.09 -98.49 -32.64
N LYS D 157 32.69 -98.60 -31.38
CA LYS D 157 32.24 -97.44 -30.63
C LYS D 157 33.24 -96.96 -29.57
N ALA D 158 34.38 -97.64 -29.51
CA ALA D 158 35.44 -97.28 -28.57
C ALA D 158 36.17 -96.02 -29.03
N GLY D 159 36.03 -94.94 -28.27
CA GLY D 159 36.69 -93.69 -28.59
C GLY D 159 35.91 -92.86 -29.61
N VAL D 160 34.64 -92.63 -29.31
CA VAL D 160 33.77 -91.89 -30.21
C VAL D 160 33.18 -90.65 -29.53
N GLU D 161 33.36 -89.49 -30.16
CA GLU D 161 32.80 -88.25 -29.65
C GLU D 161 31.77 -87.70 -30.63
N THR D 162 30.72 -87.05 -30.10
CA THR D 162 29.67 -86.49 -30.94
C THR D 162 29.00 -85.29 -30.27
N THR D 163 28.75 -84.24 -31.06
CA THR D 163 28.15 -83.02 -30.54
C THR D 163 26.64 -83.14 -30.42
N THR D 164 26.05 -82.18 -29.71
CA THR D 164 24.60 -82.04 -29.65
C THR D 164 24.19 -81.18 -30.83
N PRO D 165 23.14 -81.59 -31.55
CA PRO D 165 22.68 -80.84 -32.73
C PRO D 165 22.29 -79.41 -32.41
N SER D 166 22.84 -78.46 -33.15
CA SER D 166 22.52 -77.04 -32.96
C SER D 166 22.05 -76.42 -34.27
N LYS D 167 21.29 -75.33 -34.17
CA LYS D 167 20.72 -74.69 -35.34
C LYS D 167 21.73 -73.81 -36.06
N GLN D 168 21.66 -73.77 -37.38
CA GLN D 168 22.53 -72.92 -38.19
C GLN D 168 21.87 -71.57 -38.43
N SER D 169 22.34 -70.86 -39.46
CA SER D 169 21.80 -69.57 -39.81
C SER D 169 20.59 -69.70 -40.72
N ASN D 170 20.44 -70.86 -41.34
CA ASN D 170 19.31 -71.13 -42.23
C ASN D 170 18.23 -71.96 -41.55
N ASN D 171 18.21 -71.91 -40.22
CA ASN D 171 17.23 -72.63 -39.40
C ASN D 171 17.26 -74.15 -39.55
N LYS D 172 18.28 -74.66 -40.23
CA LYS D 172 18.50 -76.09 -40.32
C LYS D 172 19.58 -76.47 -39.31
N TYR D 173 19.61 -77.73 -38.90
CA TYR D 173 20.53 -78.15 -37.85
C TYR D 173 21.87 -78.68 -38.35
N ALA D 174 22.82 -78.83 -37.44
CA ALA D 174 24.14 -79.34 -37.76
C ALA D 174 24.75 -80.04 -36.55
N ALA D 175 25.62 -81.01 -36.80
CA ALA D 175 26.30 -81.73 -35.73
C ALA D 175 27.61 -82.29 -36.23
N SER D 176 28.54 -82.56 -35.32
CA SER D 176 29.85 -83.09 -35.69
C SER D 176 30.16 -84.38 -34.93
N SER D 177 31.04 -85.19 -35.50
CA SER D 177 31.45 -86.44 -34.87
C SER D 177 32.93 -86.70 -35.10
N TYR D 178 33.61 -87.22 -34.08
CA TYR D 178 35.05 -87.46 -34.16
C TYR D 178 35.41 -88.84 -33.65
N LEU D 179 36.19 -89.59 -34.44
CA LEU D 179 36.63 -90.91 -34.05
C LEU D 179 38.14 -90.97 -33.86
N SER D 180 38.58 -91.10 -32.61
CA SER D 180 40.00 -91.13 -32.29
C SER D 180 40.57 -92.54 -32.47
N LEU D 181 41.60 -92.66 -33.31
CA LEU D 181 42.21 -93.95 -33.59
C LEU D 181 43.73 -93.89 -33.63
N THR D 182 44.34 -95.06 -33.73
CA THR D 182 45.78 -95.18 -33.89
C THR D 182 46.12 -95.42 -35.36
N PRO D 183 47.29 -94.96 -35.82
CA PRO D 183 47.73 -95.14 -37.21
C PRO D 183 47.72 -96.60 -37.64
N GLU D 184 48.09 -97.50 -36.72
CA GLU D 184 48.11 -98.94 -37.01
C GLU D 184 46.71 -99.46 -37.30
N GLN D 185 45.76 -99.09 -36.43
CA GLN D 185 44.38 -99.53 -36.58
C GLN D 185 43.71 -98.84 -37.76
N TRP D 186 44.30 -97.72 -38.19
CA TRP D 186 43.82 -97.01 -39.38
C TRP D 186 44.34 -97.69 -40.64
N LYS D 187 45.53 -98.28 -40.54
CA LYS D 187 46.11 -99.01 -41.67
C LYS D 187 45.72 -100.48 -41.63
N SER D 188 44.92 -100.85 -40.64
CA SER D 188 44.50 -102.24 -40.46
C SER D 188 43.22 -102.57 -41.23
N HIS D 189 42.10 -102.06 -40.74
CA HIS D 189 40.79 -102.35 -41.31
C HIS D 189 40.66 -101.88 -42.75
N ARG D 190 39.99 -102.67 -43.58
CA ARG D 190 39.93 -102.43 -45.01
C ARG D 190 39.12 -101.18 -45.38
N SER D 191 38.09 -100.89 -44.60
CA SER D 191 37.24 -99.73 -44.88
C SER D 191 36.60 -99.15 -43.61
N TYR D 192 36.53 -97.82 -43.57
CA TYR D 192 35.88 -97.13 -42.46
C TYR D 192 34.64 -96.39 -42.92
N SER D 193 33.55 -96.55 -42.18
CA SER D 193 32.26 -96.01 -42.56
C SER D 193 31.59 -95.21 -41.45
N CYS D 194 30.99 -94.08 -41.83
CA CYS D 194 30.22 -93.26 -40.91
C CYS D 194 28.74 -93.32 -41.30
N GLN D 195 27.92 -93.83 -40.39
CA GLN D 195 26.49 -93.99 -40.66
C GLN D 195 25.65 -93.02 -39.85
N VAL D 196 24.80 -92.25 -40.53
CA VAL D 196 23.97 -91.25 -39.86
C VAL D 196 22.49 -91.61 -39.96
N THR D 197 21.83 -91.72 -38.82
CA THR D 197 20.42 -92.07 -38.76
C THR D 197 19.54 -90.83 -38.56
N HIS D 198 18.67 -90.56 -39.53
CA HIS D 198 17.81 -89.38 -39.49
C HIS D 198 16.40 -89.74 -39.93
N GLU D 199 15.45 -89.62 -39.00
CA GLU D 199 14.03 -89.91 -39.26
C GLU D 199 13.80 -91.34 -39.72
N GLY D 200 14.74 -92.24 -39.42
CA GLY D 200 14.65 -93.62 -39.82
C GLY D 200 15.55 -93.95 -41.00
N SER D 201 15.69 -92.99 -41.91
CA SER D 201 16.53 -93.17 -43.10
C SER D 201 18.01 -92.96 -42.74
N THR D 202 18.88 -93.72 -43.41
CA THR D 202 20.30 -93.69 -43.09
C THR D 202 21.14 -93.15 -44.25
N VAL D 203 22.03 -92.21 -43.94
CA VAL D 203 22.98 -91.70 -44.92
C VAL D 203 24.40 -92.05 -44.48
N GLU D 204 25.14 -92.73 -45.36
CA GLU D 204 26.43 -93.31 -45.00
C GLU D 204 27.57 -92.83 -45.90
N LYS D 205 28.74 -92.65 -45.31
CA LYS D 205 29.96 -92.35 -46.07
C LYS D 205 31.07 -93.35 -45.76
N THR D 206 32.04 -93.48 -46.65
CA THR D 206 33.08 -94.50 -46.49
C THR D 206 34.41 -94.10 -47.12
N VAL D 207 35.50 -94.34 -46.38
CA VAL D 207 36.85 -94.13 -46.92
C VAL D 207 37.77 -95.29 -46.55
N ALA D 208 38.79 -95.53 -47.37
CA ALA D 208 39.68 -96.67 -47.19
C ALA D 208 41.14 -96.25 -47.04
N PRO D 209 41.93 -97.04 -46.30
CA PRO D 209 43.36 -96.78 -46.11
C PRO D 209 44.13 -96.82 -47.43
N THR D 210 43.77 -97.76 -48.30
CA THR D 210 44.41 -97.88 -49.60
C THR D 210 44.15 -96.66 -50.49
N GLU D 211 45.19 -95.87 -50.73
CA GLU D 211 45.06 -94.66 -51.53
C GLU D 211 46.42 -94.19 -52.03
N GLN E 1 28.69 -44.64 -38.15
CA GLN E 1 27.78 -45.35 -37.26
C GLN E 1 28.39 -45.58 -35.88
N VAL E 2 27.60 -46.10 -34.96
CA VAL E 2 28.06 -46.37 -33.60
C VAL E 2 28.54 -47.81 -33.46
N GLN E 3 29.86 -47.97 -33.36
CA GLN E 3 30.47 -49.28 -33.25
C GLN E 3 31.05 -49.52 -31.85
N LEU E 4 30.84 -50.73 -31.34
CA LEU E 4 31.34 -51.11 -30.03
C LEU E 4 32.28 -52.29 -30.14
N GLN E 5 33.55 -52.09 -29.78
CA GLN E 5 34.57 -53.13 -29.91
C GLN E 5 35.04 -53.61 -28.55
N GLN E 6 34.67 -54.83 -28.19
CA GLN E 6 35.02 -55.39 -26.89
C GLN E 6 36.34 -56.15 -26.94
N SER E 7 36.99 -56.28 -25.79
CA SER E 7 38.23 -57.02 -25.68
C SER E 7 38.52 -57.42 -24.23
N GLY E 8 39.38 -58.42 -24.06
CA GLY E 8 39.75 -58.89 -22.74
C GLY E 8 40.30 -60.31 -22.74
N PRO E 9 40.88 -60.73 -21.60
CA PRO E 9 41.47 -62.06 -21.44
C PRO E 9 40.42 -63.16 -21.54
N GLY E 10 40.80 -64.28 -22.17
CA GLY E 10 39.88 -65.39 -22.37
C GLY E 10 39.69 -66.23 -21.12
N LEU E 11 40.75 -66.34 -20.31
CA LEU E 11 40.71 -67.18 -19.12
C LEU E 11 41.08 -66.42 -17.85
N VAL E 12 40.25 -66.57 -16.82
CA VAL E 12 40.53 -65.94 -15.52
C VAL E 12 40.37 -66.96 -14.40
N LYS E 13 41.49 -67.26 -13.72
CA LYS E 13 41.50 -68.24 -12.64
C LYS E 13 40.61 -67.80 -11.48
N PRO E 14 40.10 -68.78 -10.71
CA PRO E 14 39.29 -68.50 -9.52
C PRO E 14 39.98 -67.57 -8.53
N SER E 15 39.18 -66.77 -7.82
CA SER E 15 39.69 -65.84 -6.81
C SER E 15 40.63 -64.78 -7.39
N GLN E 16 40.57 -64.58 -8.70
CA GLN E 16 41.39 -63.56 -9.36
C GLN E 16 40.49 -62.41 -9.81
N THR E 17 40.99 -61.58 -10.73
CA THR E 17 40.25 -60.42 -11.19
C THR E 17 39.90 -60.49 -12.68
N LEU E 18 38.61 -60.52 -12.97
CA LEU E 18 38.12 -60.50 -14.34
C LEU E 18 38.23 -59.09 -14.90
N SER E 19 38.85 -58.96 -16.06
CA SER E 19 38.99 -57.65 -16.69
C SER E 19 38.44 -57.66 -18.11
N LEU E 20 37.76 -56.57 -18.48
CA LEU E 20 37.23 -56.42 -19.83
C LEU E 20 37.27 -54.95 -20.24
N THR E 21 37.10 -54.70 -21.53
CA THR E 21 37.14 -53.34 -22.05
C THR E 21 36.21 -53.17 -23.25
N CYS E 22 35.38 -52.13 -23.19
CA CYS E 22 34.51 -51.80 -24.33
C CYS E 22 34.93 -50.47 -24.94
N ALA E 23 35.42 -50.54 -26.19
CA ALA E 23 35.81 -49.34 -26.92
C ALA E 23 34.63 -48.84 -27.76
N ILE E 24 34.52 -47.52 -27.88
CA ILE E 24 33.41 -46.92 -28.59
C ILE E 24 33.89 -46.07 -29.76
N SER E 25 33.22 -46.18 -30.90
CA SER E 25 33.53 -45.34 -32.04
C SER E 25 32.25 -44.82 -32.70
N GLY E 26 32.30 -43.59 -33.21
CA GLY E 26 31.13 -42.96 -33.80
C GLY E 26 30.26 -42.33 -32.74
N ASP E 27 30.72 -42.39 -31.48
CA ASP E 27 30.00 -41.80 -30.36
C ASP E 27 31.00 -41.56 -29.23
N SER E 28 30.68 -40.65 -28.32
CA SER E 28 31.57 -40.33 -27.22
C SER E 28 31.10 -40.93 -25.91
N VAL E 29 32.05 -41.38 -25.09
CA VAL E 29 31.73 -41.98 -23.80
C VAL E 29 31.13 -40.95 -22.85
N SER E 30 31.69 -39.74 -22.86
CA SER E 30 31.23 -38.66 -21.99
C SER E 30 30.25 -37.75 -22.72
N SER E 31 28.99 -38.17 -22.80
CA SER E 31 27.97 -37.39 -23.48
C SER E 31 26.60 -37.71 -22.91
N ASN E 32 25.68 -36.76 -23.03
CA ASN E 32 24.30 -37.00 -22.62
C ASN E 32 23.55 -37.72 -23.73
N SER E 33 22.29 -38.07 -23.47
CA SER E 33 21.49 -38.90 -24.35
C SER E 33 22.14 -40.26 -24.59
N ALA E 34 22.97 -40.68 -23.64
CA ALA E 34 23.71 -41.93 -23.76
C ALA E 34 24.28 -42.40 -22.42
N ALA E 35 23.76 -43.51 -21.93
CA ALA E 35 24.35 -44.19 -20.78
C ALA E 35 25.10 -45.40 -21.31
N TRP E 36 25.92 -46.03 -20.47
CA TRP E 36 26.68 -47.20 -20.90
C TRP E 36 26.63 -48.26 -19.82
N GLY E 37 27.19 -49.44 -20.10
CA GLY E 37 27.25 -50.47 -19.07
C GLY E 37 27.62 -51.87 -19.53
N TRP E 38 27.46 -52.82 -18.63
CA TRP E 38 27.78 -54.22 -18.92
C TRP E 38 26.62 -55.16 -18.56
N ILE E 39 26.44 -56.17 -19.41
CA ILE E 39 25.40 -57.17 -19.25
C ILE E 39 25.92 -58.53 -19.67
N ARG E 40 25.83 -59.52 -18.77
CA ARG E 40 26.35 -60.86 -19.07
C ARG E 40 25.23 -61.88 -19.28
N GLN E 41 25.49 -62.84 -20.16
CA GLN E 41 24.56 -63.93 -20.42
C GLN E 41 25.21 -65.26 -20.07
N SER E 42 24.74 -65.88 -19.00
CA SER E 42 25.26 -67.17 -18.55
C SER E 42 24.88 -68.27 -19.55
N PRO E 43 25.77 -69.26 -19.72
CA PRO E 43 25.47 -70.40 -20.58
C PRO E 43 24.20 -71.13 -20.12
N GLY E 44 23.18 -71.11 -20.97
CA GLY E 44 21.90 -71.68 -20.61
C GLY E 44 20.79 -70.69 -20.88
N ARG E 45 21.10 -69.69 -21.71
CA ARG E 45 20.15 -68.67 -22.12
C ARG E 45 19.56 -67.88 -20.95
N GLY E 46 20.42 -67.45 -20.04
CA GLY E 46 20.00 -66.61 -18.92
C GLY E 46 20.58 -65.21 -19.08
N LEU E 47 19.71 -64.26 -19.42
CA LEU E 47 20.16 -62.89 -19.66
C LEU E 47 20.12 -62.07 -18.37
N GLU E 48 21.30 -61.63 -17.94
CA GLU E 48 21.47 -61.03 -16.62
C GLU E 48 22.09 -59.64 -16.69
N TRP E 49 21.54 -58.69 -15.92
CA TRP E 49 22.03 -57.33 -15.91
C TRP E 49 23.15 -57.15 -14.88
N LEU E 50 24.26 -56.55 -15.32
CA LEU E 50 25.39 -56.31 -14.42
C LEU E 50 25.43 -54.88 -13.90
N GLY E 51 25.68 -53.91 -14.78
CA GLY E 51 25.78 -52.54 -14.31
C GLY E 51 25.67 -51.44 -15.34
N ILE E 52 25.43 -50.22 -14.86
CA ILE E 52 25.36 -49.04 -15.72
C ILE E 52 26.23 -47.89 -15.20
N ILE E 53 26.64 -47.02 -16.13
CA ILE E 53 27.30 -45.77 -15.80
C ILE E 53 26.69 -44.67 -16.67
N GLN E 54 26.69 -43.45 -16.16
CA GLN E 54 26.12 -42.32 -16.89
C GLN E 54 26.64 -40.97 -16.36
N LYS E 55 26.72 -39.99 -17.25
CA LYS E 55 27.23 -38.68 -16.89
C LYS E 55 26.13 -37.62 -16.87
N ARG E 56 25.98 -36.96 -15.73
CA ARG E 56 25.07 -35.82 -15.60
C ARG E 56 25.86 -34.59 -15.20
N SER E 57 26.37 -34.59 -13.98
CA SER E 57 27.36 -33.61 -13.56
C SER E 57 28.68 -34.36 -13.40
N LYS E 58 28.65 -35.39 -12.57
CA LYS E 58 29.78 -36.30 -12.43
C LYS E 58 29.38 -37.65 -13.00
N TRP E 59 30.23 -38.65 -12.83
CA TRP E 59 29.92 -40.00 -13.30
C TRP E 59 29.23 -40.83 -12.23
N TYR E 60 27.96 -41.15 -12.48
CA TYR E 60 27.18 -41.95 -11.55
C TYR E 60 27.03 -43.37 -12.08
N ASN E 61 27.28 -44.36 -11.21
CA ASN E 61 27.18 -45.75 -11.60
C ASN E 61 26.28 -46.58 -10.68
N ASN E 62 25.57 -47.53 -11.27
CA ASN E 62 24.67 -48.40 -10.50
C ASN E 62 24.88 -49.87 -10.86
N TYR E 63 25.03 -50.70 -9.83
CA TYR E 63 25.29 -52.13 -10.04
C TYR E 63 24.13 -52.97 -9.53
N ALA E 64 24.17 -54.27 -9.84
CA ALA E 64 23.14 -55.20 -9.38
C ALA E 64 23.45 -55.70 -7.99
N VAL E 65 22.43 -56.20 -7.31
CA VAL E 65 22.61 -56.77 -5.97
C VAL E 65 23.28 -58.14 -6.07
N SER E 66 23.30 -58.70 -7.28
CA SER E 66 23.91 -60.00 -7.52
C SER E 66 25.43 -59.92 -7.50
N VAL E 67 25.98 -58.90 -8.17
CA VAL E 67 27.42 -58.71 -8.23
C VAL E 67 27.99 -58.13 -6.94
N LYS E 68 27.11 -57.53 -6.14
CA LYS E 68 27.48 -56.94 -4.85
C LYS E 68 28.69 -56.02 -4.93
N SER E 69 29.69 -56.33 -4.11
CA SER E 69 30.93 -55.56 -4.07
C SER E 69 32.06 -56.33 -4.75
N ARG E 70 31.80 -56.75 -5.99
CA ARG E 70 32.81 -57.45 -6.79
C ARG E 70 33.02 -56.75 -8.12
N ILE E 71 31.96 -56.10 -8.61
CA ILE E 71 32.01 -55.45 -9.91
C ILE E 71 32.51 -54.00 -9.80
N THR E 72 33.11 -53.49 -10.87
CA THR E 72 33.61 -52.13 -10.90
C THR E 72 33.69 -51.63 -12.35
N ILE E 73 32.76 -50.76 -12.72
CA ILE E 73 32.71 -50.23 -14.09
C ILE E 73 33.18 -48.78 -14.13
N ASN E 74 34.39 -48.56 -14.63
CA ASN E 74 34.97 -47.23 -14.70
C ASN E 74 35.18 -46.76 -16.14
N PRO E 75 34.57 -45.61 -16.49
CA PRO E 75 34.73 -45.01 -17.82
C PRO E 75 36.04 -44.24 -17.94
N ASP E 76 36.53 -44.11 -19.17
CA ASP E 76 37.77 -43.38 -19.43
C ASP E 76 37.61 -42.51 -20.67
N THR E 77 37.45 -41.21 -20.45
CA THR E 77 37.24 -40.26 -21.54
C THR E 77 38.47 -40.15 -22.43
N SER E 78 39.63 -40.48 -21.86
CA SER E 78 40.90 -40.41 -22.58
C SER E 78 40.88 -41.25 -23.85
N LYS E 79 40.75 -42.55 -23.70
CA LYS E 79 40.80 -43.48 -24.83
C LYS E 79 39.41 -43.74 -25.40
N ASN E 80 38.42 -43.02 -24.89
CA ASN E 80 37.03 -43.16 -25.34
C ASN E 80 36.50 -44.58 -25.16
N GLN E 81 36.78 -45.17 -24.00
CA GLN E 81 36.35 -46.53 -23.71
C GLN E 81 35.71 -46.60 -22.32
N PHE E 82 35.29 -47.80 -21.93
CA PHE E 82 34.91 -48.04 -20.54
C PHE E 82 35.17 -49.50 -20.16
N SER E 83 35.79 -49.68 -19.00
CA SER E 83 36.28 -50.99 -18.58
C SER E 83 35.31 -51.73 -17.66
N LEU E 84 35.64 -52.99 -17.38
CA LEU E 84 34.86 -53.80 -16.46
C LEU E 84 35.79 -54.63 -15.59
N GLN E 85 35.57 -54.60 -14.29
CA GLN E 85 36.41 -55.32 -13.35
C GLN E 85 35.58 -56.10 -12.33
N LEU E 86 35.70 -57.43 -12.38
CA LEU E 86 34.97 -58.29 -11.46
C LEU E 86 35.93 -59.00 -10.52
N ASN E 87 35.95 -58.59 -9.25
CA ASN E 87 36.86 -59.16 -8.28
C ASN E 87 36.31 -60.41 -7.58
N SER E 88 37.22 -61.31 -7.19
CA SER E 88 36.86 -62.57 -6.54
C SER E 88 35.85 -63.37 -7.35
N VAL E 89 36.30 -63.91 -8.48
CA VAL E 89 35.43 -64.65 -9.39
C VAL E 89 35.29 -66.12 -9.01
N THR E 90 34.05 -66.62 -9.06
CA THR E 90 33.78 -68.03 -8.86
C THR E 90 33.46 -68.64 -10.23
N PRO E 91 33.63 -69.97 -10.37
CA PRO E 91 33.38 -70.65 -11.64
C PRO E 91 32.03 -70.35 -12.29
N GLU E 92 31.06 -69.89 -11.51
CA GLU E 92 29.75 -69.56 -12.07
C GLU E 92 29.68 -68.12 -12.58
N ASP E 93 30.81 -67.42 -12.54
CA ASP E 93 30.89 -66.10 -13.13
C ASP E 93 31.27 -66.20 -14.61
N THR E 94 31.46 -67.42 -15.07
CA THR E 94 31.76 -67.68 -16.48
C THR E 94 30.52 -67.45 -17.33
N ALA E 95 30.59 -66.48 -18.23
CA ALA E 95 29.46 -66.14 -19.08
C ALA E 95 29.90 -65.40 -20.33
N VAL E 96 28.94 -65.11 -21.20
CA VAL E 96 29.20 -64.33 -22.41
C VAL E 96 28.91 -62.87 -22.12
N TYR E 97 29.95 -62.05 -22.07
CA TYR E 97 29.80 -60.65 -21.68
C TYR E 97 29.59 -59.70 -22.85
N TYR E 98 28.54 -58.89 -22.75
CA TYR E 98 28.23 -57.89 -23.76
C TYR E 98 28.20 -56.49 -23.13
N CYS E 99 28.94 -55.56 -23.71
CA CYS E 99 28.86 -54.17 -23.29
C CYS E 99 27.66 -53.53 -23.99
N ALA E 100 26.92 -52.69 -23.26
CA ALA E 100 25.68 -52.14 -23.79
C ALA E 100 25.61 -50.62 -23.73
N ARG E 101 25.00 -50.03 -24.75
CA ARG E 101 24.73 -48.60 -24.77
C ARG E 101 23.25 -48.33 -24.50
N TYR E 102 22.97 -47.64 -23.40
CA TYR E 102 21.60 -47.32 -23.02
C TYR E 102 21.16 -46.00 -23.66
N SER E 103 20.03 -46.02 -24.35
CA SER E 103 19.51 -44.82 -25.00
C SER E 103 18.47 -44.14 -24.13
N TYR E 104 18.59 -42.83 -23.98
CA TYR E 104 17.61 -42.04 -23.25
C TYR E 104 16.35 -41.88 -24.11
N PRO E 105 15.19 -41.65 -23.49
CA PRO E 105 14.93 -41.53 -22.05
C PRO E 105 14.84 -42.88 -21.36
N PHE E 106 14.20 -43.84 -22.01
CA PHE E 106 13.91 -45.13 -21.41
C PHE E 106 14.93 -46.17 -21.87
N TYR E 107 15.65 -46.73 -20.90
CA TYR E 107 16.88 -47.47 -21.15
C TYR E 107 16.76 -48.70 -22.03
N SER E 108 16.39 -48.49 -23.29
CA SER E 108 16.41 -49.55 -24.29
C SER E 108 17.78 -49.55 -24.97
N ILE E 109 18.28 -50.74 -25.29
CA ILE E 109 19.62 -50.87 -25.85
C ILE E 109 19.61 -51.03 -27.37
N ASP E 110 19.90 -49.94 -28.08
CA ASP E 110 19.94 -49.96 -29.53
C ASP E 110 21.29 -50.45 -30.03
N TYR E 111 22.29 -50.44 -29.14
CA TYR E 111 23.64 -50.81 -29.52
C TYR E 111 24.33 -51.72 -28.50
N TRP E 112 24.61 -52.94 -28.93
CA TRP E 112 25.32 -53.92 -28.12
C TRP E 112 26.73 -54.13 -28.66
N GLY E 113 27.61 -54.68 -27.84
CA GLY E 113 28.92 -55.09 -28.30
C GLY E 113 28.82 -56.46 -28.94
N GLN E 114 29.82 -56.85 -29.71
CA GLN E 114 29.79 -58.15 -30.39
C GLN E 114 29.90 -59.28 -29.38
N GLY E 115 30.37 -58.96 -28.18
CA GLY E 115 30.44 -59.93 -27.11
C GLY E 115 31.81 -60.57 -26.98
N THR E 116 32.19 -60.90 -25.76
CA THR E 116 33.44 -61.61 -25.50
C THR E 116 33.22 -62.67 -24.43
N LEU E 117 33.92 -63.79 -24.57
CA LEU E 117 33.73 -64.92 -23.66
C LEU E 117 34.87 -65.03 -22.64
N VAL E 118 34.49 -65.06 -21.37
CA VAL E 118 35.44 -65.26 -20.28
C VAL E 118 35.15 -66.58 -19.58
N THR E 119 36.19 -67.24 -19.10
CA THR E 119 36.03 -68.56 -18.48
C THR E 119 36.82 -68.67 -17.17
N VAL E 120 36.18 -69.21 -16.14
CA VAL E 120 36.85 -69.47 -14.87
C VAL E 120 37.03 -70.97 -14.67
N SER E 121 38.27 -71.44 -14.76
CA SER E 121 38.53 -72.88 -14.76
C SER E 121 39.79 -73.30 -13.98
N SER E 122 40.72 -72.35 -13.83
CA SER E 122 42.04 -72.63 -13.25
C SER E 122 42.83 -73.64 -14.07
N ALA E 123 42.51 -73.74 -15.35
CA ALA E 123 43.21 -74.66 -16.24
C ALA E 123 44.48 -74.00 -16.80
N SER E 124 45.14 -74.69 -17.72
CA SER E 124 46.44 -74.24 -18.21
C SER E 124 46.43 -73.69 -19.62
N THR E 125 45.24 -73.65 -20.23
CA THR E 125 45.07 -73.13 -21.58
C THR E 125 45.95 -73.86 -22.60
N LYS E 126 45.44 -74.95 -23.15
CA LYS E 126 46.20 -75.75 -24.11
C LYS E 126 46.09 -75.17 -25.51
N GLY E 127 47.19 -75.22 -26.25
CA GLY E 127 47.22 -74.73 -27.61
C GLY E 127 46.52 -75.66 -28.58
N PRO E 128 45.95 -75.10 -29.66
CA PRO E 128 45.22 -75.87 -30.67
C PRO E 128 46.16 -76.74 -31.51
N SER E 129 45.61 -77.80 -32.11
CA SER E 129 46.36 -78.62 -33.04
C SER E 129 45.70 -78.60 -34.42
N VAL E 130 46.25 -77.80 -35.32
CA VAL E 130 45.66 -77.61 -36.64
C VAL E 130 46.16 -78.62 -37.66
N PHE E 131 45.23 -79.31 -38.30
CA PHE E 131 45.55 -80.26 -39.36
C PHE E 131 44.67 -80.00 -40.59
N PRO E 132 45.23 -80.21 -41.80
CA PRO E 132 44.47 -80.00 -43.03
C PRO E 132 43.45 -81.10 -43.27
N LEU E 133 42.39 -80.79 -44.01
CA LEU E 133 41.35 -81.76 -44.32
C LEU E 133 40.93 -81.71 -45.78
N ALA E 134 41.08 -82.84 -46.47
CA ALA E 134 40.72 -82.95 -47.87
C ALA E 134 40.48 -84.42 -48.22
N PRO E 135 39.58 -84.67 -49.20
CA PRO E 135 39.38 -86.04 -49.67
C PRO E 135 40.67 -86.60 -50.27
N CYS E 136 41.11 -87.75 -49.77
CA CYS E 136 42.40 -88.31 -50.14
C CYS E 136 42.52 -88.58 -51.64
N SER E 137 41.39 -88.92 -52.27
CA SER E 137 41.34 -89.11 -53.72
C SER E 137 40.11 -88.46 -54.31
N ARG E 138 40.29 -87.27 -54.88
CA ARG E 138 39.18 -86.56 -55.52
C ARG E 138 39.35 -86.54 -57.03
N SER E 139 38.53 -87.34 -57.71
CA SER E 139 38.51 -87.38 -59.16
C SER E 139 37.07 -87.59 -59.64
N THR E 140 36.34 -86.50 -59.80
CA THR E 140 34.93 -86.58 -60.13
C THR E 140 34.54 -85.66 -61.29
N SER E 141 33.34 -85.87 -61.82
CA SER E 141 32.80 -85.01 -62.87
C SER E 141 31.92 -83.94 -62.23
N GLU E 142 31.75 -84.03 -60.91
CA GLU E 142 30.94 -83.06 -60.18
C GLU E 142 31.63 -81.70 -60.15
N SER E 143 30.84 -80.65 -60.08
CA SER E 143 31.36 -79.29 -60.09
C SER E 143 31.56 -78.75 -58.68
N THR E 144 31.56 -79.64 -57.70
CA THR E 144 31.72 -79.24 -56.31
C THR E 144 32.70 -80.14 -55.55
N ALA E 145 33.50 -79.54 -54.67
CA ALA E 145 34.47 -80.27 -53.87
C ALA E 145 34.69 -79.56 -52.54
N ALA E 146 34.62 -80.31 -51.45
CA ALA E 146 34.71 -79.71 -50.11
C ALA E 146 36.06 -79.97 -49.44
N LEU E 147 36.62 -78.93 -48.83
CA LEU E 147 37.88 -79.06 -48.10
C LEU E 147 37.84 -78.19 -46.85
N GLY E 148 38.49 -78.63 -45.78
CA GLY E 148 38.43 -77.90 -44.52
C GLY E 148 39.65 -78.02 -43.63
N CYS E 149 39.48 -77.64 -42.37
CA CYS E 149 40.55 -77.69 -41.39
C CYS E 149 40.04 -78.25 -40.07
N LEU E 150 40.91 -78.97 -39.37
CA LEU E 150 40.57 -79.60 -38.10
C LEU E 150 41.42 -79.04 -36.96
N VAL E 151 40.74 -78.47 -35.96
CA VAL E 151 41.40 -77.99 -34.76
C VAL E 151 41.18 -78.99 -33.64
N LYS E 152 42.27 -79.55 -33.11
CA LYS E 152 42.16 -80.63 -32.13
C LYS E 152 42.77 -80.25 -30.78
N ASP E 153 42.07 -80.62 -29.71
CA ASP E 153 42.56 -80.47 -28.34
C ASP E 153 43.01 -79.05 -27.99
N TYR E 154 42.04 -78.18 -27.73
CA TYR E 154 42.36 -76.81 -27.33
C TYR E 154 41.46 -76.37 -26.18
N PHE E 155 41.93 -75.37 -25.43
CA PHE E 155 41.19 -74.84 -24.30
C PHE E 155 41.71 -73.45 -23.94
N PRO E 156 40.80 -72.54 -23.58
CA PRO E 156 39.36 -72.72 -23.66
C PRO E 156 38.79 -72.11 -24.93
N GLU E 157 37.49 -72.25 -25.14
CA GLU E 157 36.82 -71.62 -26.27
C GLU E 157 36.81 -70.10 -26.13
N PRO E 158 36.64 -69.37 -27.25
CA PRO E 158 36.41 -69.83 -28.63
C PRO E 158 37.66 -69.76 -29.49
N VAL E 159 37.50 -70.08 -30.77
CA VAL E 159 38.57 -70.00 -31.74
C VAL E 159 38.03 -69.52 -33.09
N THR E 160 38.57 -68.41 -33.59
CA THR E 160 38.10 -67.84 -34.84
C THR E 160 38.81 -68.47 -36.04
N VAL E 161 38.02 -68.95 -37.00
CA VAL E 161 38.57 -69.57 -38.20
C VAL E 161 38.29 -68.71 -39.43
N SER E 162 39.34 -68.36 -40.15
CA SER E 162 39.22 -67.54 -41.35
C SER E 162 39.68 -68.32 -42.58
N TRP E 163 39.35 -67.79 -43.76
CA TRP E 163 39.79 -68.39 -45.01
C TRP E 163 40.35 -67.32 -45.94
N ASN E 164 41.58 -67.53 -46.40
CA ASN E 164 42.30 -66.55 -47.20
C ASN E 164 42.39 -65.20 -46.49
N SER E 165 42.55 -65.25 -45.17
CA SER E 165 42.64 -64.05 -44.33
C SER E 165 41.41 -63.15 -44.44
N GLY E 166 40.27 -63.73 -44.77
CA GLY E 166 39.02 -63.00 -44.85
C GLY E 166 38.52 -62.77 -46.27
N ALA E 167 39.26 -63.27 -47.24
CA ALA E 167 38.88 -63.11 -48.64
C ALA E 167 37.74 -64.07 -49.03
N LEU E 168 37.92 -65.35 -48.74
CA LEU E 168 36.91 -66.35 -49.04
C LEU E 168 35.78 -66.30 -48.02
N THR E 169 34.56 -66.10 -48.48
CA THR E 169 33.41 -65.94 -47.60
C THR E 169 32.32 -66.99 -47.84
N SER E 170 31.68 -66.92 -48.99
CA SER E 170 30.56 -67.81 -49.31
C SER E 170 31.01 -69.26 -49.47
N GLY E 171 30.24 -70.18 -48.90
CA GLY E 171 30.55 -71.59 -48.98
C GLY E 171 31.21 -72.11 -47.72
N VAL E 172 31.59 -71.19 -46.83
CA VAL E 172 32.28 -71.54 -45.59
C VAL E 172 31.30 -71.91 -44.49
N HIS E 173 31.50 -73.09 -43.90
CA HIS E 173 30.70 -73.51 -42.75
C HIS E 173 31.61 -74.01 -41.63
N THR E 174 31.53 -73.33 -40.48
CA THR E 174 32.31 -73.70 -39.31
C THR E 174 31.43 -74.43 -38.30
N PHE E 175 31.74 -75.70 -38.07
CA PHE E 175 30.94 -76.54 -37.18
C PHE E 175 31.16 -76.22 -35.71
N PRO E 176 30.10 -76.28 -34.90
CA PRO E 176 30.17 -76.08 -33.45
C PRO E 176 31.14 -77.07 -32.80
N ALA E 177 31.98 -76.57 -31.91
CA ALA E 177 32.97 -77.41 -31.25
C ALA E 177 32.34 -78.49 -30.36
N VAL E 178 33.13 -79.49 -29.99
CA VAL E 178 32.65 -80.55 -29.12
C VAL E 178 33.49 -80.63 -27.84
N LEU E 179 32.83 -80.99 -26.74
CA LEU E 179 33.54 -81.20 -25.48
C LEU E 179 33.90 -82.67 -25.36
N GLN E 180 35.14 -83.00 -25.71
CA GLN E 180 35.62 -84.38 -25.66
C GLN E 180 35.55 -84.97 -24.26
N SER E 181 35.70 -86.29 -24.17
CA SER E 181 35.73 -86.97 -22.89
C SER E 181 36.98 -86.58 -22.11
N SER E 182 38.00 -86.12 -22.84
CA SER E 182 39.25 -85.67 -22.23
C SER E 182 39.07 -84.27 -21.63
N GLY E 183 37.94 -83.64 -21.92
CA GLY E 183 37.66 -82.32 -21.41
C GLY E 183 38.07 -81.22 -22.36
N LEU E 184 38.85 -81.58 -23.38
CA LEU E 184 39.33 -80.60 -24.35
C LEU E 184 38.33 -80.40 -25.49
N TYR E 185 38.53 -79.30 -26.23
CA TYR E 185 37.62 -78.95 -27.32
C TYR E 185 38.17 -79.41 -28.67
N SER E 186 37.26 -79.66 -29.61
CA SER E 186 37.62 -80.04 -30.97
C SER E 186 36.67 -79.36 -31.94
N LEU E 187 37.21 -78.80 -33.02
CA LEU E 187 36.39 -78.06 -33.98
C LEU E 187 36.85 -78.32 -35.41
N SER E 188 35.90 -78.30 -36.33
CA SER E 188 36.20 -78.47 -37.75
C SER E 188 35.51 -77.39 -38.56
N SER E 189 36.21 -76.85 -39.56
CA SER E 189 35.65 -75.79 -40.39
C SER E 189 35.91 -76.05 -41.86
N VAL E 190 34.84 -76.25 -42.63
CA VAL E 190 34.98 -76.62 -44.04
C VAL E 190 34.48 -75.56 -45.01
N VAL E 191 34.72 -75.79 -46.29
CA VAL E 191 34.26 -74.90 -47.35
C VAL E 191 34.11 -75.68 -48.67
N THR E 192 33.05 -75.35 -49.41
CA THR E 192 32.80 -75.98 -50.70
C THR E 192 33.24 -75.06 -51.84
N VAL E 193 34.11 -75.58 -52.70
CA VAL E 193 34.65 -74.82 -53.82
C VAL E 193 34.49 -75.58 -55.13
N PRO E 194 34.41 -74.87 -56.26
CA PRO E 194 34.29 -75.50 -57.59
C PRO E 194 35.45 -76.46 -57.86
N SER E 195 35.15 -77.56 -58.55
CA SER E 195 36.15 -78.59 -58.83
C SER E 195 37.08 -78.20 -59.98
N SER E 196 36.67 -77.19 -60.75
CA SER E 196 37.45 -76.74 -61.89
C SER E 196 38.65 -75.88 -61.46
N SER E 197 38.57 -75.36 -60.24
CA SER E 197 39.62 -74.49 -59.71
C SER E 197 40.33 -75.12 -58.52
N LEU E 198 40.39 -76.44 -58.50
CA LEU E 198 41.05 -77.16 -57.41
C LEU E 198 42.56 -76.96 -57.41
N GLY E 199 43.15 -77.02 -58.60
CA GLY E 199 44.60 -76.88 -58.73
C GLY E 199 45.02 -75.51 -59.20
N THR E 200 44.06 -74.71 -59.64
CA THR E 200 44.37 -73.38 -60.17
C THR E 200 44.10 -72.29 -59.15
N LYS E 201 43.65 -72.67 -57.96
CA LYS E 201 43.38 -71.72 -56.89
C LYS E 201 43.82 -72.26 -55.54
N THR E 202 44.51 -71.44 -54.76
CA THR E 202 45.02 -71.85 -53.47
C THR E 202 44.03 -71.55 -52.34
N TYR E 203 43.90 -72.49 -51.41
CA TYR E 203 43.01 -72.31 -50.27
C TYR E 203 43.76 -72.54 -48.95
N THR E 204 43.90 -71.48 -48.16
CA THR E 204 44.58 -71.57 -46.87
C THR E 204 43.62 -71.18 -45.75
N CYS E 205 43.74 -71.86 -44.61
CA CYS E 205 42.89 -71.57 -43.46
C CYS E 205 43.67 -70.92 -42.32
N ASN E 206 43.06 -69.90 -41.71
CA ASN E 206 43.65 -69.20 -40.59
C ASN E 206 42.96 -69.61 -39.29
N VAL E 207 43.74 -69.87 -38.25
CA VAL E 207 43.19 -70.28 -36.96
C VAL E 207 43.71 -69.39 -35.84
N ASP E 208 42.80 -68.69 -35.17
CA ASP E 208 43.17 -67.79 -34.08
C ASP E 208 42.55 -68.22 -32.75
N HIS E 209 43.41 -68.46 -31.76
CA HIS E 209 42.97 -68.81 -30.41
C HIS E 209 43.45 -67.74 -29.45
N LYS E 210 42.51 -67.01 -28.86
CA LYS E 210 42.84 -65.85 -28.03
C LYS E 210 43.67 -66.13 -26.76
N PRO E 211 43.18 -67.01 -25.86
CA PRO E 211 43.89 -67.15 -24.58
C PRO E 211 45.28 -67.76 -24.71
N SER E 212 45.47 -68.61 -25.72
CA SER E 212 46.75 -69.29 -25.89
C SER E 212 47.70 -68.49 -26.76
N ASN E 213 47.23 -67.34 -27.26
CA ASN E 213 48.00 -66.50 -28.17
C ASN E 213 48.50 -67.27 -29.39
N THR E 214 47.59 -67.99 -30.03
CA THR E 214 47.96 -68.88 -31.13
C THR E 214 47.28 -68.49 -32.44
N LYS E 215 48.09 -68.04 -33.40
CA LYS E 215 47.60 -67.75 -34.75
C LYS E 215 48.35 -68.61 -35.76
N VAL E 216 47.72 -69.69 -36.19
CA VAL E 216 48.36 -70.63 -37.12
C VAL E 216 47.62 -70.73 -38.45
N ASP E 217 48.37 -70.52 -39.53
CA ASP E 217 47.83 -70.65 -40.88
C ASP E 217 48.27 -71.96 -41.51
N LYS E 218 47.32 -72.75 -42.00
CA LYS E 218 47.63 -74.02 -42.62
C LYS E 218 46.98 -74.16 -43.98
N ARG E 219 47.74 -74.63 -44.97
CA ARG E 219 47.22 -74.81 -46.32
C ARG E 219 46.72 -76.23 -46.55
N VAL E 220 45.53 -76.35 -47.13
CA VAL E 220 44.98 -77.64 -47.51
C VAL E 220 45.41 -77.97 -48.93
N HIS E 221 46.24 -79.00 -49.07
CA HIS E 221 46.78 -79.37 -50.37
C HIS E 221 45.88 -80.36 -51.11
N HIS E 222 45.54 -80.02 -52.35
CA HIS E 222 44.68 -80.87 -53.16
C HIS E 222 45.46 -82.04 -53.75
N HIS E 223 45.02 -83.25 -53.43
CA HIS E 223 45.64 -84.46 -53.96
C HIS E 223 45.23 -84.70 -55.41
N HIS E 224 46.21 -84.64 -56.30
CA HIS E 224 45.95 -84.80 -57.74
C HIS E 224 46.09 -86.26 -58.16
N ASP F 1 -2.26 45.81 18.17
CA ASP F 1 -1.38 46.70 17.43
C ASP F 1 0.09 46.47 17.79
N ILE F 2 0.84 45.89 16.86
CA ILE F 2 2.26 45.63 17.08
C ILE F 2 3.11 46.72 16.45
N GLN F 3 3.94 47.36 17.27
CA GLN F 3 4.70 48.54 16.84
C GLN F 3 6.06 48.18 16.23
N MET F 4 6.65 49.13 15.52
CA MET F 4 7.96 48.94 14.90
C MET F 4 8.93 50.08 15.24
N THR F 5 9.86 49.78 16.13
CA THR F 5 10.86 50.76 16.58
C THR F 5 12.13 50.65 15.74
N GLN F 6 12.31 51.58 14.81
CA GLN F 6 13.44 51.54 13.89
C GLN F 6 14.59 52.45 14.32
N SER F 7 15.82 51.93 14.23
CA SER F 7 17.01 52.69 14.60
C SER F 7 18.17 52.35 13.66
N PRO F 8 18.99 53.34 13.29
CA PRO F 8 18.87 54.74 13.72
C PRO F 8 17.95 55.54 12.80
N ALA F 9 18.06 56.86 12.88
CA ALA F 9 17.27 57.74 12.02
C ALA F 9 18.15 58.41 10.98
N SER F 10 19.45 58.46 11.24
CA SER F 10 20.38 59.10 10.32
C SER F 10 21.70 58.33 10.22
N LEU F 11 22.17 58.15 8.99
CA LEU F 11 23.44 57.47 8.73
C LEU F 11 24.26 58.19 7.66
N SER F 12 25.58 58.11 7.79
CA SER F 12 26.49 58.70 6.82
C SER F 12 27.55 57.67 6.46
N ALA F 13 27.59 57.26 5.19
CA ALA F 13 28.52 56.21 4.79
C ALA F 13 29.20 56.46 3.46
N SER F 14 30.47 56.09 3.38
CA SER F 14 31.26 56.24 2.16
C SER F 14 30.96 55.13 1.18
N VAL F 15 31.49 55.25 -0.04
CA VAL F 15 31.29 54.24 -1.07
C VAL F 15 32.09 52.99 -0.79
N GLY F 16 31.41 51.86 -0.66
CA GLY F 16 32.07 50.58 -0.44
C GLY F 16 31.92 50.06 0.96
N GLU F 17 31.32 50.86 1.84
CA GLU F 17 31.14 50.49 3.23
C GLU F 17 29.94 49.57 3.43
N THR F 18 29.86 48.96 4.60
CA THR F 18 28.73 48.09 4.95
C THR F 18 27.86 48.76 6.01
N VAL F 19 26.56 48.87 5.73
CA VAL F 19 25.65 49.51 6.67
C VAL F 19 24.53 48.58 7.13
N THR F 20 23.97 48.87 8.30
CA THR F 20 22.92 48.03 8.89
C THR F 20 21.85 48.85 9.57
N ILE F 21 20.60 48.63 9.17
CA ILE F 21 19.45 49.33 9.76
C ILE F 21 18.59 48.35 10.55
N THR F 22 18.26 48.71 11.79
CA THR F 22 17.60 47.80 12.71
C THR F 22 16.12 48.13 12.94
N CYS F 23 15.29 47.09 13.04
CA CYS F 23 13.89 47.24 13.41
C CYS F 23 13.54 46.33 14.57
N ARG F 24 12.82 46.88 15.55
CA ARG F 24 12.43 46.13 16.74
C ARG F 24 10.91 46.00 16.81
N ALA F 25 10.43 44.79 17.05
CA ALA F 25 8.98 44.55 17.13
C ALA F 25 8.52 44.50 18.58
N SER F 26 7.39 45.15 18.86
CA SER F 26 6.83 45.18 20.21
C SER F 26 6.26 43.82 20.60
N GLY F 27 5.98 43.00 19.59
CA GLY F 27 5.49 41.66 19.80
C GLY F 27 5.97 40.73 18.69
N ASN F 28 5.76 39.43 18.88
CA ASN F 28 6.18 38.45 17.88
C ASN F 28 5.39 38.56 16.59
N ILE F 29 6.09 38.85 15.50
CA ILE F 29 5.49 38.93 14.18
C ILE F 29 6.11 37.88 13.28
N HIS F 30 6.86 36.98 13.90
CA HIS F 30 7.61 35.94 13.19
C HIS F 30 8.55 36.56 12.17
N ASN F 31 8.78 35.89 11.05
CA ASN F 31 9.73 36.42 10.07
C ASN F 31 9.10 37.41 9.10
N TYR F 32 7.80 37.67 9.26
CA TYR F 32 7.07 38.57 8.37
C TYR F 32 7.56 40.00 8.48
N LEU F 33 8.52 40.36 7.64
CA LEU F 33 9.09 41.71 7.63
C LEU F 33 9.17 42.23 6.20
N ALA F 34 9.26 43.55 6.05
CA ALA F 34 9.40 44.17 4.74
C ALA F 34 10.21 45.46 4.82
N TRP F 35 11.29 45.51 4.04
CA TRP F 35 12.14 46.69 3.98
C TRP F 35 11.99 47.40 2.64
N TYR F 36 11.69 48.70 2.72
CA TYR F 36 11.49 49.53 1.54
C TYR F 36 12.52 50.67 1.45
N GLN F 37 12.96 50.94 0.23
CA GLN F 37 13.79 52.10 -0.06
C GLN F 37 12.93 53.15 -0.76
N GLN F 38 13.03 54.39 -0.29
CA GLN F 38 12.26 55.48 -0.88
C GLN F 38 13.13 56.70 -1.17
N LYS F 39 13.13 57.12 -2.42
CA LYS F 39 13.77 58.35 -2.81
C LYS F 39 12.76 59.49 -2.72
N GLN F 40 13.21 60.67 -2.30
CA GLN F 40 12.32 61.80 -2.06
C GLN F 40 11.53 62.20 -3.31
N GLY F 41 10.21 62.08 -3.22
CA GLY F 41 9.33 62.49 -4.31
C GLY F 41 8.91 61.35 -5.22
N LYS F 42 8.88 60.14 -4.68
CA LYS F 42 8.47 58.97 -5.45
C LYS F 42 7.72 57.94 -4.61
N SER F 43 7.59 56.73 -5.14
CA SER F 43 6.90 55.65 -4.44
C SER F 43 7.91 54.71 -3.80
N PRO F 44 7.61 54.23 -2.59
CA PRO F 44 8.46 53.27 -1.88
C PRO F 44 8.62 51.98 -2.68
N GLN F 45 9.85 51.53 -2.85
CA GLN F 45 10.15 50.29 -3.57
C GLN F 45 10.46 49.16 -2.60
N LEU F 46 9.89 48.00 -2.84
CA LEU F 46 10.10 46.85 -1.96
C LEU F 46 11.49 46.25 -2.15
N LEU F 47 12.34 46.38 -1.14
CA LEU F 47 13.67 45.80 -1.17
C LEU F 47 13.64 44.37 -0.65
N VAL F 48 13.21 44.20 0.60
CA VAL F 48 13.23 42.88 1.22
C VAL F 48 11.85 42.49 1.73
N TYR F 49 11.50 41.21 1.58
CA TYR F 49 10.29 40.70 2.22
C TYR F 49 10.59 39.42 2.99
N ASN F 50 9.79 39.17 4.02
CA ASN F 50 10.02 38.06 4.94
C ASN F 50 11.42 38.12 5.57
N ALA F 51 11.89 39.34 5.78
CA ALA F 51 13.14 39.61 6.49
C ALA F 51 14.43 39.15 5.80
N LYS F 52 14.37 38.07 5.04
CA LYS F 52 15.59 37.49 4.46
C LYS F 52 15.54 37.36 2.92
N THR F 53 14.35 37.45 2.34
CA THR F 53 14.20 37.24 0.91
C THR F 53 14.30 38.54 0.11
N LEU F 54 15.09 38.51 -0.96
CA LEU F 54 15.25 39.66 -1.85
C LEU F 54 14.17 39.72 -2.92
N ALA F 55 13.68 40.92 -3.19
CA ALA F 55 12.73 41.12 -4.27
C ALA F 55 13.43 40.96 -5.62
N ASP F 56 12.65 40.68 -6.66
CA ASP F 56 13.21 40.46 -7.98
C ASP F 56 13.80 41.74 -8.56
N GLY F 57 15.09 41.69 -8.88
CA GLY F 57 15.76 42.84 -9.47
C GLY F 57 16.63 43.59 -8.47
N VAL F 58 16.30 43.47 -7.19
CA VAL F 58 17.06 44.11 -6.14
C VAL F 58 18.49 43.56 -6.08
N PRO F 59 19.48 44.47 -6.13
CA PRO F 59 20.92 44.14 -6.11
C PRO F 59 21.28 43.15 -5.01
N SER F 60 22.28 42.31 -5.27
CA SER F 60 22.69 41.27 -4.33
C SER F 60 23.32 41.85 -3.06
N ARG F 61 23.70 43.12 -3.10
CA ARG F 61 24.32 43.76 -1.96
C ARG F 61 23.32 43.98 -0.81
N PHE F 62 22.04 44.00 -1.14
CA PHE F 62 21.00 44.11 -0.13
C PHE F 62 20.71 42.76 0.49
N SER F 63 20.64 42.71 1.81
CA SER F 63 20.36 41.48 2.54
C SER F 63 19.59 41.76 3.80
N GLY F 64 19.17 40.71 4.50
CA GLY F 64 18.40 40.86 5.72
C GLY F 64 18.63 39.73 6.70
N SER F 65 18.69 40.07 7.98
CA SER F 65 18.89 39.08 9.02
C SER F 65 17.78 39.17 10.08
N GLU F 66 17.43 38.03 10.66
CA GLU F 66 16.44 38.00 11.73
C GLU F 66 17.03 37.40 13.00
N SER F 67 16.71 38.01 14.14
CA SER F 67 17.20 37.54 15.43
C SER F 67 16.28 38.06 16.54
N GLY F 68 15.49 37.16 17.11
CA GLY F 68 14.50 37.55 18.11
C GLY F 68 13.44 38.42 17.48
N THR F 69 13.24 39.61 18.04
CA THR F 69 12.31 40.57 17.47
C THR F 69 13.08 41.65 16.69
N GLN F 70 14.37 41.40 16.50
CA GLN F 70 15.22 42.33 15.77
C GLN F 70 15.42 41.89 14.32
N TYR F 71 15.11 42.78 13.39
CA TYR F 71 15.25 42.50 11.97
C TYR F 71 16.11 43.56 11.31
N SER F 72 17.17 43.14 10.64
CA SER F 72 18.18 44.06 10.15
C SER F 72 18.38 44.04 8.64
N LEU F 73 18.30 45.22 8.02
CA LEU F 73 18.61 45.38 6.60
C LEU F 73 20.09 45.72 6.45
N LYS F 74 20.82 44.88 5.71
CA LYS F 74 22.26 45.04 5.57
C LYS F 74 22.69 45.30 4.14
N ILE F 75 23.37 46.43 3.92
CA ILE F 75 23.92 46.73 2.60
C ILE F 75 25.44 46.62 2.60
N ASN F 76 25.95 45.60 1.92
CA ASN F 76 27.39 45.42 1.78
C ASN F 76 27.91 46.17 0.56
N SER F 77 29.00 46.90 0.74
CA SER F 77 29.61 47.70 -0.33
C SER F 77 28.60 48.67 -0.93
N LEU F 78 28.39 49.81 -0.28
CA LEU F 78 27.44 50.81 -0.74
C LEU F 78 27.81 51.39 -2.11
N GLN F 79 26.81 51.50 -2.99
CA GLN F 79 26.97 52.14 -4.28
C GLN F 79 26.35 53.54 -4.22
N PRO F 80 26.93 54.50 -4.97
CA PRO F 80 26.48 55.90 -4.95
C PRO F 80 24.99 56.11 -5.25
N GLU F 81 24.30 55.08 -5.72
CA GLU F 81 22.90 55.19 -6.07
C GLU F 81 21.99 54.47 -5.07
N ASP F 82 22.54 54.10 -3.92
CA ASP F 82 21.78 53.39 -2.90
C ASP F 82 21.43 54.29 -1.72
N PHE F 83 21.24 55.58 -1.97
CA PHE F 83 21.01 56.53 -0.89
C PHE F 83 19.64 57.19 -0.93
N GLY F 84 19.02 57.29 0.23
CA GLY F 84 17.70 57.89 0.37
C GLY F 84 17.12 57.64 1.75
N SER F 85 15.82 57.36 1.81
CA SER F 85 15.17 57.00 3.07
C SER F 85 14.85 55.51 3.08
N TYR F 86 14.81 54.91 4.27
CA TYR F 86 14.53 53.49 4.37
C TYR F 86 13.52 53.18 5.47
N TYR F 87 12.45 52.47 5.12
CA TYR F 87 11.41 52.16 6.09
C TYR F 87 11.20 50.65 6.23
N CYS F 88 10.65 50.25 7.37
CA CYS F 88 10.35 48.84 7.61
C CYS F 88 8.87 48.65 7.92
N GLN F 89 8.40 47.41 7.85
CA GLN F 89 6.98 47.12 8.06
C GLN F 89 6.73 45.66 8.41
N HIS F 90 5.74 45.40 9.26
CA HIS F 90 5.30 44.04 9.53
C HIS F 90 3.99 43.76 8.80
N PHE F 91 3.74 42.49 8.49
CA PHE F 91 2.53 42.09 7.78
C PHE F 91 1.75 41.03 8.54
N TRP F 92 2.18 40.77 9.77
CA TRP F 92 1.59 39.70 10.57
C TRP F 92 0.16 39.99 11.00
N SER F 93 -0.02 41.06 11.79
CA SER F 93 -1.33 41.36 12.35
C SER F 93 -1.82 42.77 12.01
N THR F 94 -3.09 42.86 11.66
CA THR F 94 -3.76 44.13 11.43
C THR F 94 -3.93 44.87 12.75
N PRO F 95 -3.56 46.17 12.80
CA PRO F 95 -3.09 47.00 11.69
C PRO F 95 -1.57 46.93 11.48
N PHE F 96 -1.13 47.34 10.29
CA PHE F 96 0.28 47.29 9.92
C PHE F 96 1.02 48.55 10.35
N THR F 97 2.04 48.39 11.17
CA THR F 97 2.84 49.53 11.60
C THR F 97 4.15 49.64 10.81
N PHE F 98 4.53 50.87 10.48
CA PHE F 98 5.80 51.11 9.80
C PHE F 98 6.83 51.64 10.79
N GLY F 99 8.10 51.63 10.37
CA GLY F 99 9.17 52.17 11.19
C GLY F 99 9.24 53.68 11.07
N SER F 100 9.97 54.31 11.98
CA SER F 100 10.16 55.76 11.95
C SER F 100 10.93 56.16 10.70
N GLY F 101 11.87 55.30 10.29
CA GLY F 101 12.63 55.53 9.09
C GLY F 101 14.09 55.84 9.35
N THR F 102 14.94 55.51 8.38
CA THR F 102 16.37 55.79 8.48
C THR F 102 16.85 56.52 7.23
N LYS F 103 17.36 57.73 7.44
CA LYS F 103 17.84 58.56 6.34
C LYS F 103 19.30 58.26 6.06
N LEU F 104 19.59 57.78 4.86
CA LEU F 104 20.95 57.38 4.50
C LEU F 104 21.61 58.41 3.59
N GLU F 105 22.81 58.85 3.98
CA GLU F 105 23.55 59.82 3.17
C GLU F 105 24.93 59.33 2.76
N LEU F 106 25.36 59.78 1.59
CA LEU F 106 26.67 59.42 1.04
C LEU F 106 27.74 60.31 1.68
N LYS F 107 28.87 59.71 2.02
CA LYS F 107 30.00 60.47 2.59
C LYS F 107 31.00 60.87 1.50
N ARG F 108 32.16 60.20 1.52
CA ARG F 108 33.34 60.54 0.70
C ARG F 108 33.19 61.55 -0.45
N GLY F 109 33.32 61.06 -1.68
CA GLY F 109 33.30 61.90 -2.87
C GLY F 109 34.12 63.17 -2.69
N THR F 110 35.33 62.99 -2.14
CA THR F 110 36.19 64.05 -1.62
C THR F 110 35.90 65.49 -2.06
N VAL F 111 35.65 66.34 -1.05
CA VAL F 111 35.20 67.73 -1.19
C VAL F 111 35.35 68.41 -2.56
N ALA F 112 34.21 68.81 -3.13
CA ALA F 112 34.20 69.52 -4.41
C ALA F 112 33.58 70.90 -4.22
N ALA F 113 34.35 71.94 -4.54
CA ALA F 113 33.92 73.32 -4.33
C ALA F 113 32.71 73.69 -5.17
N PRO F 114 31.78 74.46 -4.59
CA PRO F 114 30.55 74.90 -5.27
C PRO F 114 30.83 75.85 -6.43
N SER F 115 30.13 75.64 -7.54
CA SER F 115 30.15 76.60 -8.64
C SER F 115 29.09 77.64 -8.38
N VAL F 116 29.51 78.79 -7.87
CA VAL F 116 28.58 79.84 -7.45
C VAL F 116 28.15 80.72 -8.62
N PHE F 117 26.84 80.87 -8.76
CA PHE F 117 26.27 81.78 -9.76
C PHE F 117 25.25 82.69 -9.09
N ILE F 118 24.97 83.83 -9.72
CA ILE F 118 23.94 84.73 -9.22
C ILE F 118 23.01 85.21 -10.34
N PHE F 119 21.71 85.09 -10.10
CA PHE F 119 20.71 85.48 -11.09
C PHE F 119 19.89 86.68 -10.61
N PRO F 120 19.89 87.75 -11.41
CA PRO F 120 19.16 88.99 -11.15
C PRO F 120 17.68 88.87 -11.54
N PRO F 121 16.81 89.69 -10.94
CA PRO F 121 15.38 89.66 -11.25
C PRO F 121 15.11 90.20 -12.65
N SER F 122 14.09 89.66 -13.32
CA SER F 122 13.72 90.10 -14.66
C SER F 122 12.89 91.37 -14.60
N ASP F 123 12.76 92.05 -15.74
CA ASP F 123 11.99 93.28 -15.81
C ASP F 123 10.50 93.00 -15.60
N GLU F 124 10.05 91.84 -16.08
CA GLU F 124 8.65 91.45 -15.96
C GLU F 124 8.24 91.23 -14.51
N GLN F 125 9.21 90.88 -13.67
CA GLN F 125 8.95 90.72 -12.24
C GLN F 125 9.04 92.08 -11.55
N LEU F 126 9.85 92.97 -12.12
CA LEU F 126 9.97 94.33 -11.62
C LEU F 126 8.71 95.13 -11.94
N LYS F 127 7.95 94.65 -12.92
CA LYS F 127 6.65 95.25 -13.24
C LYS F 127 5.60 94.87 -12.19
N SER F 128 5.86 93.79 -11.46
CA SER F 128 4.90 93.29 -10.47
C SER F 128 4.99 94.01 -9.14
N GLY F 129 6.03 94.83 -8.97
CA GLY F 129 6.23 95.56 -7.73
C GLY F 129 6.86 94.71 -6.65
N THR F 130 7.47 93.60 -7.05
CA THR F 130 8.17 92.72 -6.13
C THR F 130 9.41 92.12 -6.80
N ALA F 131 10.57 92.37 -6.21
CA ALA F 131 11.84 91.91 -6.78
C ALA F 131 12.43 90.74 -6.01
N SER F 132 13.13 89.86 -6.74
CA SER F 132 13.74 88.67 -6.15
C SER F 132 15.06 88.31 -6.84
N VAL F 133 16.12 88.17 -6.05
CA VAL F 133 17.42 87.78 -6.57
C VAL F 133 17.76 86.36 -6.11
N VAL F 134 18.24 85.53 -7.03
CA VAL F 134 18.46 84.11 -6.71
C VAL F 134 19.93 83.70 -6.80
N CYS F 135 20.51 83.33 -5.66
CA CYS F 135 21.90 82.88 -5.61
C CYS F 135 21.96 81.36 -5.66
N LEU F 136 22.74 80.83 -6.61
CA LEU F 136 22.84 79.40 -6.84
C LEU F 136 24.22 78.84 -6.50
N LEU F 137 24.22 77.69 -5.83
CA LEU F 137 25.45 76.95 -5.57
C LEU F 137 25.39 75.60 -6.29
N ASN F 138 26.01 75.53 -7.46
CA ASN F 138 25.92 74.33 -8.29
C ASN F 138 26.98 73.27 -7.98
N ASN F 139 26.51 72.06 -7.67
CA ASN F 139 27.37 70.90 -7.43
C ASN F 139 28.45 71.10 -6.36
N PHE F 140 28.10 70.82 -5.11
CA PHE F 140 29.05 70.95 -4.02
C PHE F 140 28.94 69.86 -2.95
N TYR F 141 29.87 69.91 -2.00
CA TYR F 141 29.90 68.98 -0.88
C TYR F 141 30.87 69.53 0.16
N PRO F 142 30.54 69.39 1.46
CA PRO F 142 29.34 68.74 2.00
C PRO F 142 28.10 69.62 2.05
N ARG F 143 27.12 69.18 2.83
CA ARG F 143 25.83 69.84 2.96
C ARG F 143 25.95 71.20 3.64
N GLU F 144 26.77 71.25 4.68
CA GLU F 144 26.91 72.45 5.50
C GLU F 144 27.48 73.63 4.71
N ALA F 145 26.59 74.56 4.35
CA ALA F 145 27.00 75.77 3.63
C ALA F 145 26.25 76.99 4.18
N LYS F 146 26.98 78.07 4.42
CA LYS F 146 26.35 79.28 4.96
C LYS F 146 26.33 80.43 3.97
N VAL F 147 25.13 80.76 3.48
CA VAL F 147 24.98 81.85 2.53
C VAL F 147 24.47 83.12 3.21
N GLN F 148 25.19 84.22 3.03
CA GLN F 148 24.82 85.50 3.61
C GLN F 148 24.73 86.59 2.55
N TRP F 149 23.57 87.22 2.43
CA TRP F 149 23.37 88.30 1.47
C TRP F 149 23.94 89.62 1.98
N LYS F 150 24.48 90.42 1.06
CA LYS F 150 25.02 91.72 1.38
C LYS F 150 24.53 92.79 0.40
N VAL F 151 23.72 93.72 0.89
CA VAL F 151 23.25 94.84 0.09
C VAL F 151 23.97 96.11 0.53
N ASP F 152 24.93 96.54 -0.28
CA ASP F 152 25.78 97.69 0.03
C ASP F 152 26.49 97.49 1.38
N ASN F 153 27.13 96.33 1.53
CA ASN F 153 27.83 95.97 2.76
C ASN F 153 26.95 96.06 4.01
N ALA F 154 25.72 95.57 3.89
CA ALA F 154 24.80 95.50 5.02
C ALA F 154 24.17 94.11 5.08
N LEU F 155 24.45 93.38 6.16
CA LEU F 155 23.97 92.01 6.32
C LEU F 155 22.45 91.93 6.40
N GLN F 156 21.86 91.10 5.56
CA GLN F 156 20.42 90.92 5.53
C GLN F 156 19.98 89.91 6.59
N SER F 157 18.72 90.02 7.02
CA SER F 157 18.20 89.13 8.06
C SER F 157 16.76 88.72 7.83
N GLY F 158 16.54 87.44 7.57
CA GLY F 158 15.20 86.89 7.45
C GLY F 158 14.61 86.94 6.05
N ASN F 159 15.11 87.85 5.23
CA ASN F 159 14.57 88.04 3.88
C ASN F 159 15.09 87.02 2.87
N SER F 160 15.86 86.04 3.35
CA SER F 160 16.42 85.02 2.49
C SER F 160 15.89 83.63 2.84
N GLN F 161 15.73 82.79 1.82
CA GLN F 161 15.26 81.42 2.06
C GLN F 161 16.09 80.38 1.30
N GLU F 162 16.45 79.29 1.99
CA GLU F 162 17.28 78.25 1.41
C GLU F 162 16.48 77.04 0.95
N SER F 163 16.86 76.52 -0.22
CA SER F 163 16.24 75.31 -0.76
C SER F 163 17.32 74.40 -1.33
N VAL F 164 17.53 73.26 -0.68
CA VAL F 164 18.59 72.34 -1.06
C VAL F 164 18.05 71.02 -1.61
N THR F 165 18.54 70.63 -2.78
CA THR F 165 18.13 69.37 -3.41
C THR F 165 18.78 68.19 -2.72
N GLU F 166 18.24 66.99 -2.97
CA GLU F 166 18.84 65.77 -2.44
C GLU F 166 20.15 65.47 -3.17
N GLN F 167 20.86 64.46 -2.69
CA GLN F 167 22.18 64.13 -3.24
C GLN F 167 22.10 63.61 -4.67
N ASP F 168 23.03 64.06 -5.51
CA ASP F 168 23.10 63.58 -6.88
C ASP F 168 23.59 62.14 -6.88
N SER F 169 23.05 61.34 -7.79
CA SER F 169 23.33 59.90 -7.80
C SER F 169 24.77 59.58 -8.17
N LYS F 170 25.32 60.31 -9.14
CA LYS F 170 26.66 60.03 -9.65
C LYS F 170 27.76 60.74 -8.87
N ASP F 171 27.90 62.04 -9.08
CA ASP F 171 29.02 62.80 -8.52
C ASP F 171 28.87 63.15 -7.04
N SER F 172 27.72 62.78 -6.47
CA SER F 172 27.47 62.96 -5.04
C SER F 172 27.57 64.43 -4.62
N THR F 173 26.99 65.32 -5.42
CA THR F 173 27.07 66.75 -5.17
C THR F 173 25.70 67.39 -4.99
N TYR F 174 25.61 68.29 -4.02
CA TYR F 174 24.35 68.99 -3.71
C TYR F 174 24.18 70.25 -4.54
N SER F 175 23.05 70.91 -4.34
CA SER F 175 22.79 72.21 -4.95
C SER F 175 21.91 73.03 -4.02
N LEU F 176 22.35 74.25 -3.70
CA LEU F 176 21.61 75.11 -2.78
C LEU F 176 21.10 76.36 -3.49
N SER F 177 19.86 76.72 -3.21
CA SER F 177 19.24 77.90 -3.80
C SER F 177 18.82 78.89 -2.73
N SER F 178 19.46 80.06 -2.71
CA SER F 178 19.11 81.09 -1.75
C SER F 178 18.32 82.21 -2.43
N THR F 179 17.08 82.38 -2.02
CA THR F 179 16.20 83.37 -2.61
C THR F 179 16.07 84.61 -1.73
N LEU F 180 16.38 85.76 -2.31
CA LEU F 180 16.25 87.05 -1.62
C LEU F 180 15.06 87.82 -2.18
N THR F 181 14.05 88.01 -1.35
CA THR F 181 12.82 88.69 -1.79
C THR F 181 12.66 90.04 -1.10
N LEU F 182 12.52 91.09 -1.92
CA LEU F 182 12.30 92.44 -1.39
C LEU F 182 11.37 93.23 -2.29
N SER F 183 10.62 94.16 -1.70
CA SER F 183 9.73 95.02 -2.47
C SER F 183 10.51 95.92 -3.41
N LYS F 184 9.85 96.41 -4.45
CA LYS F 184 10.51 97.18 -5.51
C LYS F 184 11.20 98.43 -5.00
N ALA F 185 10.62 99.06 -3.98
CA ALA F 185 11.22 100.26 -3.38
C ALA F 185 12.53 99.92 -2.68
N ASP F 186 12.48 98.91 -1.82
CA ASP F 186 13.66 98.46 -1.09
C ASP F 186 14.71 97.91 -2.04
N TYR F 187 14.26 97.44 -3.20
CA TYR F 187 15.15 96.96 -4.24
C TYR F 187 15.88 98.12 -4.91
N GLU F 188 15.13 99.15 -5.27
CA GLU F 188 15.71 100.34 -5.90
C GLU F 188 16.25 101.30 -4.85
N LYS F 189 16.37 100.82 -3.62
CA LYS F 189 16.88 101.62 -2.52
C LYS F 189 18.41 101.69 -2.52
N HIS F 190 19.05 100.66 -3.06
CA HIS F 190 20.51 100.59 -3.09
C HIS F 190 21.04 100.25 -4.49
N LYS F 191 22.32 99.93 -4.58
CA LYS F 191 22.97 99.70 -5.86
C LYS F 191 23.69 98.34 -5.95
N VAL F 192 24.65 98.12 -5.05
CA VAL F 192 25.48 96.93 -5.09
C VAL F 192 24.84 95.74 -4.35
N TYR F 193 24.51 94.68 -5.10
CA TYR F 193 23.95 93.49 -4.48
C TYR F 193 24.95 92.34 -4.54
N ALA F 194 25.10 91.62 -3.44
CA ALA F 194 26.07 90.54 -3.38
C ALA F 194 25.59 89.35 -2.55
N CYS F 195 26.13 88.17 -2.84
CA CYS F 195 25.88 87.00 -2.00
C CYS F 195 27.21 86.32 -1.65
N GLU F 196 27.37 86.02 -0.36
CA GLU F 196 28.63 85.46 0.15
C GLU F 196 28.42 84.02 0.60
N VAL F 197 29.36 83.14 0.26
CA VAL F 197 29.26 81.73 0.59
C VAL F 197 30.41 81.25 1.48
N THR F 198 30.08 80.87 2.71
CA THR F 198 31.05 80.28 3.61
C THR F 198 30.90 78.76 3.55
N HIS F 199 31.96 78.09 3.10
CA HIS F 199 31.92 76.65 2.89
C HIS F 199 33.31 76.02 3.06
N GLN F 200 33.32 74.74 3.42
CA GLN F 200 34.57 74.01 3.60
C GLN F 200 35.29 73.79 2.28
N GLY F 201 34.53 73.80 1.19
CA GLY F 201 35.09 73.57 -0.13
C GLY F 201 35.80 74.78 -0.70
N LEU F 202 35.58 75.93 -0.08
CA LEU F 202 36.17 77.18 -0.57
C LEU F 202 37.37 77.61 0.27
N SER F 203 38.34 78.24 -0.39
CA SER F 203 39.51 78.76 0.29
C SER F 203 39.10 79.95 1.16
N SER F 204 38.56 80.96 0.51
CA SER F 204 38.04 82.15 1.19
C SER F 204 36.59 82.37 0.77
N PRO F 205 35.76 82.86 1.71
CA PRO F 205 34.33 83.11 1.48
C PRO F 205 34.05 83.87 0.19
N VAL F 206 33.76 83.13 -0.87
CA VAL F 206 33.52 83.70 -2.20
C VAL F 206 32.25 84.55 -2.23
N THR F 207 32.38 85.76 -2.73
CA THR F 207 31.24 86.67 -2.84
C THR F 207 30.97 87.04 -4.30
N LYS F 208 29.78 86.72 -4.78
CA LYS F 208 29.39 87.07 -6.15
C LYS F 208 28.40 88.23 -6.16
N SER F 209 28.67 89.24 -6.96
CA SER F 209 27.90 90.47 -6.92
C SER F 209 27.49 91.02 -8.29
N PHE F 210 26.62 92.02 -8.27
CA PHE F 210 26.20 92.74 -9.46
C PHE F 210 25.56 94.07 -9.10
N ASN F 211 25.44 94.96 -10.08
CA ASN F 211 24.85 96.28 -9.88
C ASN F 211 23.51 96.45 -10.59
N ARG F 212 22.66 97.31 -10.05
CA ARG F 212 21.34 97.53 -10.60
C ARG F 212 21.38 98.36 -11.88
N GLY F 213 20.71 97.88 -12.91
CA GLY F 213 20.65 98.58 -14.18
C GLY F 213 21.81 98.26 -15.10
N GLU F 214 22.78 97.52 -14.56
CA GLU F 214 23.99 97.17 -15.32
C GLU F 214 23.67 96.26 -16.50
N CYS F 215 22.89 95.22 -16.24
CA CYS F 215 22.53 94.26 -17.28
C CYS F 215 21.29 94.70 -18.05
N GLN G 1 4.28 45.52 -14.71
CA GLN G 1 3.36 46.24 -15.59
C GLN G 1 2.10 46.65 -14.83
N VAL G 2 1.85 45.97 -13.72
CA VAL G 2 0.70 46.29 -12.86
C VAL G 2 0.87 47.68 -12.23
N GLN G 3 -0.10 48.55 -12.47
CA GLN G 3 -0.03 49.91 -11.99
C GLN G 3 -1.30 50.39 -11.31
N LEU G 4 -1.13 51.12 -10.21
CA LEU G 4 -2.22 51.82 -9.55
C LEU G 4 -1.97 53.31 -9.71
N GLN G 5 -2.94 54.01 -10.30
CA GLN G 5 -2.76 55.43 -10.58
C GLN G 5 -3.69 56.32 -9.77
N GLN G 6 -3.10 57.36 -9.18
CA GLN G 6 -3.84 58.32 -8.37
C GLN G 6 -3.56 59.71 -8.91
N PRO G 7 -4.50 60.65 -8.67
CA PRO G 7 -4.29 62.06 -9.05
C PRO G 7 -3.08 62.67 -8.35
N GLY G 8 -2.60 63.79 -8.87
CA GLY G 8 -1.44 64.45 -8.31
C GLY G 8 -1.62 64.91 -6.88
N ALA G 9 -2.45 65.95 -6.70
CA ALA G 9 -2.70 66.50 -5.38
C ALA G 9 -4.11 67.09 -5.28
N GLU G 10 -4.58 67.29 -4.07
CA GLU G 10 -5.92 67.83 -3.85
C GLU G 10 -5.94 68.82 -2.69
N LEU G 11 -6.50 70.01 -2.95
CA LEU G 11 -6.69 71.02 -1.90
C LEU G 11 -8.11 70.94 -1.37
N VAL G 12 -8.26 71.05 -0.06
CA VAL G 12 -9.58 70.90 0.57
C VAL G 12 -9.86 71.89 1.69
N GLN G 13 -11.14 72.08 1.99
CA GLN G 13 -11.57 72.95 3.08
C GLN G 13 -11.67 72.16 4.38
N PRO G 14 -11.16 72.74 5.47
CA PRO G 14 -11.22 72.13 6.81
C PRO G 14 -12.65 71.85 7.25
N GLY G 15 -12.97 70.60 7.54
CA GLY G 15 -14.29 70.22 7.99
C GLY G 15 -15.08 69.46 6.93
N THR G 16 -14.69 69.61 5.67
CA THR G 16 -15.39 68.97 4.56
C THR G 16 -14.94 67.52 4.37
N SER G 17 -15.28 66.97 3.20
CA SER G 17 -14.92 65.61 2.86
C SER G 17 -14.29 65.55 1.47
N VAL G 18 -13.38 64.62 1.27
CA VAL G 18 -12.68 64.50 -0.02
C VAL G 18 -12.60 63.05 -0.50
N ARG G 19 -12.86 62.84 -1.79
CA ARG G 19 -12.82 61.50 -2.38
C ARG G 19 -11.53 61.29 -3.18
N LEU G 20 -10.76 60.27 -2.80
CA LEU G 20 -9.52 59.95 -3.47
C LEU G 20 -9.69 58.72 -4.35
N SER G 21 -9.17 58.78 -5.57
CA SER G 21 -9.33 57.70 -6.53
C SER G 21 -8.06 56.88 -6.74
N CYS G 22 -8.22 55.61 -7.06
CA CYS G 22 -7.10 54.70 -7.29
C CYS G 22 -7.44 53.72 -8.40
N LYS G 23 -7.01 54.03 -9.62
CA LYS G 23 -7.33 53.21 -10.78
C LYS G 23 -6.34 52.05 -10.94
N ALA G 24 -6.86 50.85 -11.16
CA ALA G 24 -6.03 49.67 -11.33
C ALA G 24 -5.90 49.28 -12.80
N SER G 25 -4.68 48.97 -13.23
CA SER G 25 -4.44 48.58 -14.61
C SER G 25 -3.34 47.52 -14.71
N GLY G 26 -3.51 46.58 -15.64
CA GLY G 26 -2.53 45.54 -15.87
C GLY G 26 -2.91 44.20 -15.30
N TYR G 27 -3.98 44.17 -14.51
CA TYR G 27 -4.47 42.94 -13.91
C TYR G 27 -5.97 43.04 -13.65
N ILE G 28 -6.57 41.94 -13.24
CA ILE G 28 -7.99 41.93 -12.92
C ILE G 28 -8.20 42.51 -11.52
N PHE G 29 -8.85 43.68 -11.48
CA PHE G 29 -8.99 44.47 -10.26
C PHE G 29 -9.48 43.71 -9.04
N THR G 30 -10.38 42.76 -9.24
CA THR G 30 -11.00 42.03 -8.15
C THR G 30 -10.11 40.95 -7.54
N THR G 31 -8.95 40.73 -8.15
CA THR G 31 -8.05 39.67 -7.70
C THR G 31 -7.48 39.94 -6.31
N TYR G 32 -6.71 41.02 -6.19
CA TYR G 32 -6.08 41.35 -4.92
C TYR G 32 -6.76 42.53 -4.24
N TRP G 33 -6.74 42.54 -2.91
CA TRP G 33 -7.33 43.63 -2.14
C TRP G 33 -6.56 44.92 -2.36
N ILE G 34 -7.18 46.05 -2.01
CA ILE G 34 -6.51 47.34 -2.12
C ILE G 34 -6.27 47.94 -0.75
N HIS G 35 -5.03 48.35 -0.48
CA HIS G 35 -4.67 48.91 0.82
C HIS G 35 -4.41 50.40 0.70
N TRP G 36 -4.54 51.12 1.82
CA TRP G 36 -4.24 52.55 1.83
C TRP G 36 -3.20 52.90 2.89
N VAL G 37 -2.35 53.89 2.58
CA VAL G 37 -1.28 54.30 3.48
C VAL G 37 -1.14 55.83 3.56
N LYS G 38 -1.11 56.36 4.78
CA LYS G 38 -0.93 57.79 5.01
C LYS G 38 0.50 58.07 5.47
N GLN G 39 1.12 59.10 4.89
CA GLN G 39 2.48 59.48 5.25
C GLN G 39 2.69 60.98 5.26
N ARG G 40 3.04 61.51 6.43
CA ARG G 40 3.35 62.93 6.56
C ARG G 40 4.79 63.19 6.14
N PRO G 41 5.06 64.34 5.50
CA PRO G 41 6.38 64.70 4.98
C PRO G 41 7.48 64.60 6.02
N GLY G 42 8.47 63.75 5.75
CA GLY G 42 9.59 63.55 6.66
C GLY G 42 9.26 62.61 7.79
N GLN G 43 7.97 62.30 7.96
CA GLN G 43 7.53 61.44 9.04
C GLN G 43 7.39 60.00 8.59
N GLY G 44 6.78 59.17 9.43
CA GLY G 44 6.59 57.76 9.13
C GLY G 44 5.30 57.50 8.39
N LEU G 45 5.03 56.23 8.10
CA LEU G 45 3.81 55.86 7.39
C LEU G 45 2.80 55.22 8.34
N GLU G 46 1.54 55.27 7.95
CA GLU G 46 0.47 54.64 8.73
C GLU G 46 -0.47 53.87 7.81
N TRP G 47 -0.68 52.59 8.12
CA TRP G 47 -1.59 51.75 7.34
C TRP G 47 -3.03 52.07 7.69
N ILE G 48 -3.74 52.67 6.73
CA ILE G 48 -5.13 53.07 6.94
C ILE G 48 -6.04 51.85 7.03
N GLY G 49 -6.06 51.06 5.98
CA GLY G 49 -6.89 49.86 5.95
C GLY G 49 -6.80 49.10 4.65
N GLU G 50 -7.42 47.92 4.65
CA GLU G 50 -7.48 47.10 3.45
C GLU G 50 -8.94 46.85 3.06
N ILE G 51 -9.19 46.81 1.76
CA ILE G 51 -10.55 46.64 1.26
C ILE G 51 -10.64 45.58 0.16
N ASN G 52 -11.69 44.78 0.20
CA ASN G 52 -11.94 43.75 -0.79
C ASN G 52 -12.72 44.32 -1.98
N PRO G 53 -12.13 44.23 -3.18
CA PRO G 53 -12.75 44.74 -4.40
C PRO G 53 -14.06 44.02 -4.73
N ASN G 54 -14.17 42.76 -4.35
CA ASN G 54 -15.35 41.95 -4.65
C ASN G 54 -16.58 42.38 -3.87
N ASN G 55 -16.67 41.94 -2.62
CA ASN G 55 -17.85 42.19 -1.80
C ASN G 55 -17.84 43.53 -1.07
N GLY G 56 -16.66 44.14 -0.96
CA GLY G 56 -16.54 45.42 -0.30
C GLY G 56 -16.20 45.30 1.17
N ARG G 57 -15.61 44.18 1.55
CA ARG G 57 -15.19 43.96 2.93
C ARG G 57 -14.11 44.96 3.30
N ILE G 58 -14.18 45.49 4.51
CA ILE G 58 -13.23 46.52 4.94
C ILE G 58 -12.61 46.22 6.31
N ASN G 59 -11.29 46.11 6.34
CA ASN G 59 -10.55 46.04 7.59
C ASN G 59 -9.85 47.35 7.90
N TYR G 60 -10.26 47.99 8.99
CA TYR G 60 -9.80 49.32 9.36
C TYR G 60 -8.75 49.31 10.45
N ASN G 61 -7.92 50.36 10.47
CA ASN G 61 -7.05 50.61 11.60
C ASN G 61 -7.85 51.34 12.67
N GLU G 62 -7.64 50.96 13.93
CA GLU G 62 -8.46 51.48 15.03
C GLU G 62 -8.38 53.00 15.23
N LYS G 63 -7.31 53.60 14.73
CA LYS G 63 -7.18 55.06 14.80
C LYS G 63 -7.93 55.72 13.65
N PHE G 64 -7.90 55.08 12.49
CA PHE G 64 -8.51 55.65 11.28
C PHE G 64 -9.92 55.11 11.05
N LYS G 65 -10.50 54.51 12.08
CA LYS G 65 -11.81 53.87 11.96
C LYS G 65 -12.94 54.87 11.76
N THR G 66 -12.72 56.10 12.23
CA THR G 66 -13.75 57.15 12.14
C THR G 66 -13.37 58.25 11.17
N LYS G 67 -12.13 58.26 10.73
CA LYS G 67 -11.62 59.30 9.83
C LYS G 67 -11.75 58.91 8.37
N ALA G 68 -11.52 57.64 8.07
CA ALA G 68 -11.52 57.16 6.69
C ALA G 68 -12.74 56.32 6.36
N THR G 69 -13.21 56.44 5.13
CA THR G 69 -14.35 55.65 4.65
C THR G 69 -14.04 55.03 3.28
N LEU G 70 -13.84 53.72 3.26
CA LEU G 70 -13.42 53.04 2.03
C LEU G 70 -14.60 52.59 1.17
N THR G 71 -14.47 52.80 -0.13
CA THR G 71 -15.46 52.34 -1.11
C THR G 71 -14.74 51.79 -2.35
N VAL G 72 -15.47 51.07 -3.19
CA VAL G 72 -14.88 50.50 -4.40
C VAL G 72 -15.85 50.45 -5.58
N ASP G 73 -15.44 51.03 -6.70
CA ASP G 73 -16.19 50.96 -7.94
C ASP G 73 -15.66 49.79 -8.76
N LYS G 74 -16.47 48.75 -8.88
CA LYS G 74 -16.08 47.51 -9.53
C LYS G 74 -16.09 47.65 -11.05
N SER G 75 -17.02 48.45 -11.56
CA SER G 75 -17.16 48.65 -13.00
C SER G 75 -15.99 49.43 -13.58
N SER G 76 -15.61 50.51 -12.90
CA SER G 76 -14.52 51.36 -13.37
C SER G 76 -13.16 50.89 -12.86
N SER G 77 -13.17 49.79 -12.10
CA SER G 77 -11.96 49.21 -11.54
C SER G 77 -11.17 50.23 -10.74
N THR G 78 -11.85 50.90 -9.81
CA THR G 78 -11.22 51.98 -9.05
C THR G 78 -11.55 51.91 -7.57
N ALA G 79 -10.52 52.03 -6.73
CA ALA G 79 -10.73 52.06 -5.29
C ALA G 79 -10.81 53.51 -4.81
N TYR G 80 -11.88 53.83 -4.07
CA TYR G 80 -12.07 55.19 -3.57
C TYR G 80 -11.92 55.25 -2.05
N MET G 81 -11.35 56.35 -1.56
CA MET G 81 -11.29 56.60 -0.12
C MET G 81 -11.78 58.00 0.22
N GLN G 82 -12.82 58.08 1.05
CA GLN G 82 -13.34 59.37 1.49
C GLN G 82 -12.79 59.76 2.85
N LEU G 83 -12.17 60.94 2.91
CA LEU G 83 -11.67 61.47 4.17
C LEU G 83 -12.58 62.60 4.64
N SER G 84 -13.17 62.43 5.82
CA SER G 84 -14.09 63.41 6.37
C SER G 84 -13.55 64.02 7.66
N SER G 85 -14.14 65.14 8.07
CA SER G 85 -13.69 65.88 9.26
C SER G 85 -12.21 66.25 9.17
N LEU G 86 -11.85 66.92 8.09
CA LEU G 86 -10.45 67.22 7.79
C LEU G 86 -9.88 68.34 8.65
N THR G 87 -8.72 68.08 9.25
CA THR G 87 -7.97 69.09 9.98
C THR G 87 -6.58 69.23 9.35
N SER G 88 -5.73 70.03 9.96
CA SER G 88 -4.37 70.24 9.44
C SER G 88 -3.49 69.02 9.67
N GLU G 89 -3.98 68.09 10.49
CA GLU G 89 -3.23 66.89 10.82
C GLU G 89 -3.44 65.80 9.77
N ASP G 90 -4.31 66.08 8.81
CA ASP G 90 -4.58 65.15 7.72
C ASP G 90 -3.88 65.59 6.43
N SER G 91 -3.20 66.73 6.51
CA SER G 91 -2.45 67.25 5.38
C SER G 91 -1.18 66.42 5.15
N ALA G 92 -1.29 65.40 4.29
CA ALA G 92 -0.17 64.51 4.04
C ALA G 92 -0.27 63.83 2.67
N VAL G 93 0.64 62.90 2.42
CA VAL G 93 0.65 62.15 1.17
C VAL G 93 -0.05 60.81 1.36
N TYR G 94 -0.93 60.46 0.41
CA TYR G 94 -1.69 59.21 0.51
C TYR G 94 -1.41 58.26 -0.63
N TYR G 95 -0.87 57.09 -0.31
CA TYR G 95 -0.60 56.05 -1.30
C TYR G 95 -1.65 54.95 -1.25
N CYS G 96 -1.87 54.30 -2.39
CA CYS G 96 -2.68 53.08 -2.42
C CYS G 96 -1.81 51.91 -2.89
N THR G 97 -1.81 50.83 -2.12
CA THR G 97 -0.91 49.72 -2.41
C THR G 97 -1.68 48.42 -2.64
N ARG G 98 -0.96 47.38 -3.02
CA ARG G 98 -1.54 46.07 -3.31
C ARG G 98 -0.58 44.99 -2.85
N VAL G 99 -1.06 43.75 -2.75
CA VAL G 99 -0.19 42.63 -2.40
C VAL G 99 0.23 41.89 -3.66
N GLY G 100 1.08 40.88 -3.50
CA GLY G 100 1.54 40.07 -4.62
C GLY G 100 1.25 38.60 -4.40
N VAL G 101 2.02 37.74 -5.06
CA VAL G 101 1.90 36.30 -4.85
C VAL G 101 2.25 35.98 -3.39
N MET G 102 3.17 36.77 -2.83
CA MET G 102 3.46 36.72 -1.41
C MET G 102 2.62 37.81 -0.75
N ILE G 103 1.61 37.40 0.00
CA ILE G 103 0.64 38.34 0.55
C ILE G 103 1.21 39.21 1.67
N THR G 104 2.44 38.91 2.08
CA THR G 104 3.11 39.71 3.11
C THR G 104 3.99 40.77 2.46
N THR G 105 3.59 41.21 1.27
CA THR G 105 4.37 42.17 0.50
C THR G 105 3.50 43.27 -0.07
N PHE G 106 4.08 44.47 -0.22
CA PHE G 106 3.43 45.56 -0.94
C PHE G 106 4.29 45.96 -2.13
N PRO G 107 4.27 45.14 -3.18
CA PRO G 107 5.15 45.37 -4.34
C PRO G 107 4.71 46.55 -5.19
N TYR G 108 3.39 46.76 -5.27
CA TYR G 108 2.83 47.73 -6.18
C TYR G 108 2.29 48.96 -5.45
N TRP G 109 2.81 50.12 -5.80
CA TRP G 109 2.43 51.37 -5.16
C TRP G 109 1.99 52.42 -6.19
N GLY G 110 0.99 53.20 -5.83
CA GLY G 110 0.61 54.35 -6.63
C GLY G 110 1.54 55.50 -6.32
N GLN G 111 1.65 56.46 -7.23
CA GLN G 111 2.55 57.59 -7.02
C GLN G 111 2.07 58.51 -5.90
N GLY G 112 0.88 58.22 -5.37
CA GLY G 112 0.37 58.94 -4.22
C GLY G 112 -0.28 60.27 -4.55
N THR G 113 -1.18 60.71 -3.68
CA THR G 113 -1.84 62.00 -3.84
C THR G 113 -1.62 62.87 -2.61
N LEU G 114 -1.13 64.09 -2.84
CA LEU G 114 -0.85 65.02 -1.75
C LEU G 114 -2.10 65.81 -1.36
N VAL G 115 -2.65 65.48 -0.19
CA VAL G 115 -3.83 66.18 0.31
C VAL G 115 -3.43 67.35 1.20
N THR G 116 -3.93 68.54 0.86
CA THR G 116 -3.64 69.74 1.63
C THR G 116 -4.91 70.34 2.21
N VAL G 117 -5.01 70.35 3.54
CA VAL G 117 -6.14 70.95 4.23
C VAL G 117 -5.73 72.33 4.73
N SER G 118 -6.11 73.36 3.99
CA SER G 118 -5.67 74.73 4.32
C SER G 118 -6.58 75.81 3.75
N ALA G 119 -7.49 75.41 2.86
CA ALA G 119 -8.37 76.35 2.16
C ALA G 119 -7.55 77.38 1.38
N ALA G 120 -7.58 78.62 1.85
CA ALA G 120 -6.71 79.69 1.34
C ALA G 120 -6.92 80.07 -0.13
N SER G 121 -7.76 79.31 -0.83
CA SER G 121 -8.04 79.53 -2.25
C SER G 121 -6.83 79.32 -3.16
N THR G 122 -7.03 78.51 -4.19
CA THR G 122 -5.96 78.16 -5.12
C THR G 122 -5.48 79.35 -5.92
N LYS G 123 -4.17 79.51 -6.01
CA LYS G 123 -3.57 80.56 -6.83
C LYS G 123 -2.52 79.98 -7.78
N GLY G 124 -2.44 80.53 -8.98
CA GLY G 124 -1.48 80.08 -9.97
C GLY G 124 -0.07 80.61 -9.72
N PRO G 125 0.94 79.96 -10.32
CA PRO G 125 2.34 80.33 -10.16
C PRO G 125 2.77 81.43 -11.13
N SER G 126 3.89 82.09 -10.82
CA SER G 126 4.44 83.11 -11.69
C SER G 126 5.85 82.74 -12.14
N VAL G 127 6.04 82.56 -13.44
CA VAL G 127 7.32 82.10 -13.96
C VAL G 127 8.17 83.24 -14.51
N PHE G 128 9.42 83.31 -14.06
CA PHE G 128 10.35 84.33 -14.53
C PHE G 128 11.65 83.69 -15.03
N PRO G 129 12.30 84.32 -16.03
CA PRO G 129 13.55 83.79 -16.56
C PRO G 129 14.74 84.15 -15.65
N LEU G 130 15.76 83.30 -15.65
CA LEU G 130 16.95 83.55 -14.83
C LEU G 130 18.23 83.33 -15.61
N ALA G 131 18.99 84.41 -15.81
CA ALA G 131 20.24 84.37 -16.54
C ALA G 131 21.19 85.44 -16.01
N PRO G 132 22.51 85.14 -16.00
CA PRO G 132 23.54 86.08 -15.52
C PRO G 132 23.61 87.36 -16.35
N CYS G 133 24.46 88.28 -15.92
CA CYS G 133 24.62 89.57 -16.57
C CYS G 133 25.81 89.59 -17.53
N SER G 134 26.68 88.60 -17.40
CA SER G 134 27.88 88.51 -18.24
C SER G 134 27.53 88.12 -19.66
N SER G 138 32.48 84.33 -21.39
CA SER G 138 33.63 84.72 -20.57
C SER G 138 34.19 83.53 -19.81
N GLU G 139 33.42 82.44 -19.78
CA GLU G 139 33.85 81.21 -19.11
C GLU G 139 33.51 79.97 -19.94
N SER G 140 33.65 78.80 -19.32
CA SER G 140 33.44 77.54 -20.02
C SER G 140 32.03 76.98 -19.81
N THR G 141 31.42 77.31 -18.67
CA THR G 141 30.10 76.80 -18.35
C THR G 141 29.13 77.92 -17.97
N ALA G 142 28.00 77.98 -18.69
CA ALA G 142 26.96 78.96 -18.39
C ALA G 142 25.74 78.27 -17.77
N ALA G 143 24.92 79.04 -17.07
CA ALA G 143 23.76 78.48 -16.37
C ALA G 143 22.47 79.24 -16.64
N LEU G 144 21.43 78.50 -17.05
CA LEU G 144 20.11 79.08 -17.25
C LEU G 144 19.16 78.65 -16.14
N GLY G 145 18.03 79.32 -16.01
CA GLY G 145 17.09 78.97 -14.97
C GLY G 145 15.69 79.54 -15.11
N CYS G 146 14.77 78.98 -14.32
CA CYS G 146 13.39 79.45 -14.23
C CYS G 146 12.99 79.60 -12.77
N LEU G 147 12.27 80.67 -12.46
CA LEU G 147 11.81 80.91 -11.10
C LEU G 147 10.28 80.85 -11.03
N VAL G 148 9.79 79.93 -10.22
CA VAL G 148 8.35 79.77 -9.99
C VAL G 148 7.98 80.39 -8.65
N LYS G 149 7.41 81.59 -8.68
CA LYS G 149 7.13 82.32 -7.45
C LYS G 149 5.63 82.47 -7.20
N ASP G 150 5.26 82.38 -5.93
CA ASP G 150 3.88 82.60 -5.48
C ASP G 150 2.86 81.66 -6.12
N TYR G 151 2.65 80.52 -5.48
CA TYR G 151 1.62 79.58 -5.91
C TYR G 151 1.07 78.80 -4.71
N PHE G 152 -0.04 78.11 -4.92
CA PHE G 152 -0.67 77.34 -3.84
C PHE G 152 -1.69 76.37 -4.40
N PRO G 153 -1.65 75.11 -3.93
CA PRO G 153 -0.61 74.60 -3.03
C PRO G 153 0.41 73.77 -3.80
N GLU G 154 1.20 73.00 -3.08
CA GLU G 154 2.15 72.09 -3.72
C GLU G 154 1.41 70.96 -4.44
N PRO G 155 2.03 70.38 -5.47
CA PRO G 155 3.34 70.74 -6.02
C PRO G 155 3.24 71.40 -7.38
N VAL G 156 4.40 71.66 -7.99
CA VAL G 156 4.47 72.13 -9.37
C VAL G 156 5.52 71.30 -10.11
N THR G 157 5.29 71.06 -11.39
CA THR G 157 6.23 70.24 -12.16
C THR G 157 6.97 71.06 -13.22
N VAL G 158 8.29 71.04 -13.16
CA VAL G 158 9.12 71.81 -14.08
C VAL G 158 9.98 70.93 -14.97
N SER G 159 9.68 70.93 -16.27
CA SER G 159 10.48 70.20 -17.24
C SER G 159 11.36 71.17 -18.02
N TRP G 160 12.31 70.63 -18.77
CA TRP G 160 13.20 71.47 -19.58
C TRP G 160 13.24 71.01 -21.03
N ASN G 161 12.82 71.90 -21.92
CA ASN G 161 12.75 71.62 -23.36
C ASN G 161 11.93 70.39 -23.72
N SER G 162 10.74 70.28 -23.13
CA SER G 162 9.80 69.20 -23.43
C SER G 162 10.38 67.81 -23.22
N GLY G 163 11.22 67.67 -22.20
CA GLY G 163 11.80 66.38 -21.87
C GLY G 163 13.12 66.08 -22.54
N ALA G 164 13.53 66.96 -23.46
CA ALA G 164 14.80 66.78 -24.16
C ALA G 164 15.98 67.00 -23.22
N LEU G 165 15.97 68.14 -22.53
CA LEU G 165 17.03 68.48 -21.58
C LEU G 165 16.87 67.65 -20.30
N THR G 166 17.90 66.89 -19.95
CA THR G 166 17.85 66.02 -18.79
C THR G 166 19.05 66.21 -17.87
N SER G 167 20.25 65.93 -18.38
CA SER G 167 21.46 66.00 -17.57
C SER G 167 21.85 67.42 -17.21
N GLY G 168 22.43 67.59 -16.04
CA GLY G 168 22.90 68.90 -15.57
C GLY G 168 21.76 69.80 -15.16
N VAL G 169 20.65 69.21 -14.72
CA VAL G 169 19.48 69.97 -14.32
C VAL G 169 19.15 69.77 -12.84
N HIS G 170 19.11 70.87 -12.09
CA HIS G 170 18.78 70.82 -10.68
C HIS G 170 17.54 71.65 -10.37
N THR G 171 16.43 70.98 -10.10
CA THR G 171 15.19 71.63 -9.70
C THR G 171 15.05 71.56 -8.18
N PHE G 172 15.06 72.73 -7.54
CA PHE G 172 15.08 72.81 -6.09
C PHE G 172 13.72 72.52 -5.46
N PRO G 173 13.71 71.99 -4.23
CA PRO G 173 12.47 71.78 -3.48
C PRO G 173 11.78 73.10 -3.17
N ALA G 174 10.51 73.04 -2.83
CA ALA G 174 9.72 74.24 -2.56
C ALA G 174 9.88 74.72 -1.13
N VAL G 175 9.90 76.04 -0.95
CA VAL G 175 9.96 76.64 0.38
C VAL G 175 8.71 77.47 0.62
N LEU G 176 8.26 77.51 1.87
CA LEU G 176 7.04 78.23 2.20
C LEU G 176 7.33 79.59 2.82
N GLN G 177 6.88 80.65 2.15
CA GLN G 177 7.09 82.01 2.63
C GLN G 177 6.18 82.30 3.82
N SER G 178 6.30 83.49 4.38
CA SER G 178 5.45 83.91 5.49
C SER G 178 4.08 84.37 4.96
N SER G 179 3.99 84.55 3.65
CA SER G 179 2.75 84.97 3.01
C SER G 179 1.83 83.78 2.78
N GLY G 180 2.37 82.57 2.95
CA GLY G 180 1.59 81.36 2.79
C GLY G 180 1.71 80.75 1.41
N LEU G 181 2.54 81.34 0.56
CA LEU G 181 2.73 80.84 -0.80
C LEU G 181 4.09 80.19 -0.98
N TYR G 182 4.11 79.03 -1.64
CA TYR G 182 5.36 78.32 -1.89
C TYR G 182 6.16 78.98 -3.01
N SER G 183 7.48 78.79 -2.98
CA SER G 183 8.36 79.34 -4.00
C SER G 183 9.44 78.35 -4.40
N LEU G 184 9.54 78.08 -5.70
CA LEU G 184 10.44 77.08 -6.22
C LEU G 184 11.35 77.68 -7.30
N SER G 185 12.49 77.06 -7.54
CA SER G 185 13.40 77.48 -8.59
C SER G 185 14.07 76.29 -9.26
N SER G 186 14.36 76.41 -10.56
CA SER G 186 15.02 75.32 -11.28
C SER G 186 16.15 75.87 -12.15
N VAL G 187 17.26 75.13 -12.20
CA VAL G 187 18.42 75.59 -12.98
C VAL G 187 19.02 74.48 -13.86
N VAL G 188 19.83 74.89 -14.82
CA VAL G 188 20.50 73.95 -15.72
C VAL G 188 21.84 74.52 -16.21
N THR G 189 22.91 73.75 -16.03
CA THR G 189 24.24 74.17 -16.46
C THR G 189 24.62 73.52 -17.78
N VAL G 190 25.02 74.34 -18.74
CA VAL G 190 25.40 73.87 -20.07
C VAL G 190 26.67 74.57 -20.54
N PRO G 191 27.47 73.89 -21.40
CA PRO G 191 28.67 74.49 -21.98
C PRO G 191 28.39 75.80 -22.71
N SER G 192 29.36 76.71 -22.70
CA SER G 192 29.19 78.03 -23.29
C SER G 192 29.06 77.98 -24.81
N SER G 193 29.79 77.06 -25.44
CA SER G 193 29.81 76.93 -26.89
C SER G 193 28.42 76.64 -27.48
N SER G 194 27.48 76.25 -26.62
CA SER G 194 26.13 75.95 -27.06
C SER G 194 25.12 76.98 -26.53
N LEU G 195 25.60 78.20 -26.30
CA LEU G 195 24.73 79.27 -25.79
C LEU G 195 23.67 79.71 -26.79
N GLY G 196 24.12 80.18 -27.95
CA GLY G 196 23.21 80.71 -28.96
C GLY G 196 22.84 79.71 -30.05
N THR G 197 23.25 78.45 -29.88
CA THR G 197 23.00 77.43 -30.89
C THR G 197 21.81 76.55 -30.53
N LYS G 198 21.47 76.51 -29.24
CA LYS G 198 20.40 75.64 -28.78
C LYS G 198 19.28 76.43 -28.10
N THR G 199 18.07 75.89 -28.15
CA THR G 199 16.91 76.53 -27.56
C THR G 199 16.69 76.04 -26.13
N TYR G 200 16.42 76.95 -25.21
CA TYR G 200 16.15 76.59 -23.82
C TYR G 200 14.80 77.12 -23.35
N THR G 201 13.85 76.21 -23.16
CA THR G 201 12.50 76.57 -22.73
C THR G 201 12.02 75.64 -21.62
N CYS G 202 11.66 76.20 -20.48
CA CYS G 202 11.18 75.40 -19.35
C CYS G 202 9.66 75.31 -19.35
N ASN G 203 9.15 74.12 -19.05
CA ASN G 203 7.72 73.87 -19.02
C ASN G 203 7.20 73.71 -17.60
N VAL G 204 6.48 74.71 -17.11
CA VAL G 204 5.94 74.69 -15.76
C VAL G 204 4.47 74.29 -15.77
N ASP G 205 4.12 73.32 -14.94
CA ASP G 205 2.76 72.81 -14.88
C ASP G 205 2.25 72.77 -13.45
N HIS G 206 1.14 73.47 -13.20
CA HIS G 206 0.51 73.49 -11.88
C HIS G 206 -0.89 72.88 -11.99
N LYS G 207 -1.12 71.81 -11.23
CA LYS G 207 -2.37 71.06 -11.34
C LYS G 207 -3.60 71.68 -10.66
N PRO G 208 -3.48 72.12 -9.38
CA PRO G 208 -4.66 72.69 -8.73
C PRO G 208 -5.22 73.93 -9.43
N SER G 209 -4.34 74.82 -9.89
CA SER G 209 -4.77 76.03 -10.59
C SER G 209 -4.94 75.78 -12.07
N ASN G 210 -4.62 74.57 -12.51
CA ASN G 210 -4.73 74.16 -13.91
C ASN G 210 -3.96 75.10 -14.83
N THR G 211 -2.80 75.55 -14.38
CA THR G 211 -1.99 76.51 -15.13
C THR G 211 -0.78 75.83 -15.78
N LYS G 212 -0.67 76.00 -17.10
CA LYS G 212 0.43 75.41 -17.85
C LYS G 212 1.15 76.50 -18.65
N VAL G 213 2.39 76.81 -18.26
CA VAL G 213 3.14 77.88 -18.90
C VAL G 213 4.47 77.41 -19.47
N ASP G 214 4.80 77.88 -20.68
CA ASP G 214 6.09 77.60 -21.28
C ASP G 214 6.93 78.87 -21.31
N LYS G 215 8.02 78.87 -20.54
CA LYS G 215 8.87 80.05 -20.43
C LYS G 215 10.26 79.80 -21.00
N ARG G 216 10.57 80.46 -22.11
CA ARG G 216 11.88 80.34 -22.73
C ARG G 216 12.86 81.34 -22.14
N VAL G 217 14.07 80.88 -21.85
CA VAL G 217 15.10 81.74 -21.28
C VAL G 217 15.94 82.42 -22.37
N HIS G 218 16.01 83.74 -22.33
CA HIS G 218 16.84 84.50 -23.24
C HIS G 218 18.14 84.89 -22.55
N HIS G 219 18.68 86.05 -22.95
CA HIS G 219 19.88 86.62 -22.34
C HIS G 219 21.09 85.69 -22.43
N HIS G 220 21.07 84.78 -23.39
CA HIS G 220 22.18 83.83 -23.56
C HIS G 220 23.01 84.17 -24.79
#